data_5WS8
#
_entry.id   5WS8
#
_cell.length_a   127.011
_cell.length_b   127.011
_cell.length_c   144.652
_cell.angle_alpha   90.00
_cell.angle_beta   90.00
_cell.angle_gamma   120.00
#
_symmetry.space_group_name_H-M   'P 31'
#
loop_
_entity.id
_entity.type
_entity.pdbx_description
1 polymer 'Pyruvate kinase'
2 non-polymer 'MAGNESIUM ION'
3 non-polymer 'OXALATE ION'
4 water water
#
_entity_poly.entity_id   1
_entity_poly.type   'polypeptide(L)'
_entity_poly.pdbx_seq_one_letter_code
;GGHMTRRGKIVCTLGPATQRDDLVRALVEAGMDVARMNFSHGDYDDHKVAYERVRVASDATGRAVGVLADLQGPKIRLGR
FASGATHWAEGETVRITVGACEGSHDRVSTTYKRLAQDAVAGDRVLVDDGKVALVVDAVEGDDVVCTVVEGGPVSDNKGI
SLPGMNVTAPALSEKDIEDLTFALNLGVDMVALSFVRSPADVELVHEVMDRIGRRVPVIAKLEKPEAIDNLEAIVLAFDA
VMVARGDLGVELPLEEVPLVQKRAIQMARENAKPVIVATQMLDSMIENSRPTRAEASDVANAVLDGADALMLSGETSVGK
YPLAAVRTMSRIICAVEENSTAAPPLTHIPRTKRGVISYAARDIGERLDAKALVAFTQSGDTVRRLARLHTPLPLLAFTA
WPEVRSQLAMTWGTETFIVPKMQSTDGMIRQVDKSLLELARYKRGDLVVIVAGAPPGTVGSTNLIHVHRIGEDDV
;
_entity_poly.pdbx_strand_id   A,B,C,D
#
# COMPACT_ATOMS: atom_id res chain seq x y z
N THR A 5 24.60 -14.54 14.50
CA THR A 5 25.23 -15.61 13.67
C THR A 5 24.30 -16.11 12.56
N ARG A 6 24.82 -17.01 11.73
CA ARG A 6 24.32 -17.23 10.38
C ARG A 6 22.97 -17.90 10.36
N ARG A 7 22.11 -17.46 9.44
CA ARG A 7 20.77 -18.03 9.33
C ARG A 7 20.68 -18.94 8.13
N GLY A 8 21.31 -18.56 7.04
CA GLY A 8 21.31 -19.37 5.82
C GLY A 8 22.21 -20.57 5.98
N LYS A 9 21.75 -21.72 5.49
CA LYS A 9 22.48 -22.96 5.67
C LYS A 9 23.43 -23.23 4.52
N ILE A 10 24.44 -24.05 4.78
CA ILE A 10 25.48 -24.39 3.83
C ILE A 10 25.58 -25.88 3.63
N VAL A 11 25.49 -26.31 2.38
CA VAL A 11 25.61 -27.73 2.04
C VAL A 11 26.96 -27.98 1.41
N CYS A 12 27.72 -28.95 1.89
CA CYS A 12 29.04 -29.24 1.29
C CYS A 12 29.10 -30.63 0.71
N THR A 13 29.86 -30.79 -0.35
CA THR A 13 29.94 -32.06 -0.98
C THR A 13 31.25 -32.73 -0.59
N LEU A 14 31.18 -33.98 -0.16
CA LEU A 14 32.37 -34.70 0.27
C LEU A 14 32.96 -35.47 -0.88
N GLY A 15 34.28 -35.50 -0.93
CA GLY A 15 35.00 -36.37 -1.85
C GLY A 15 36.49 -36.32 -1.57
N PRO A 16 37.32 -36.66 -2.56
CA PRO A 16 38.76 -36.76 -2.38
C PRO A 16 39.39 -35.65 -1.54
N ALA A 17 38.96 -34.41 -1.69
CA ALA A 17 39.63 -33.31 -1.00
C ALA A 17 39.29 -33.25 0.45
N THR A 18 38.23 -33.93 0.87
CA THR A 18 37.86 -33.93 2.27
C THR A 18 38.18 -35.26 2.98
N GLN A 19 38.91 -36.15 2.32
CA GLN A 19 39.18 -37.46 2.90
C GLN A 19 40.41 -37.46 3.80
N ARG A 20 41.23 -36.44 3.70
CA ARG A 20 42.47 -36.38 4.51
C ARG A 20 42.13 -36.02 5.95
N ASP A 21 43.06 -36.23 6.86
CA ASP A 21 42.68 -36.45 8.26
C ASP A 21 42.01 -35.26 8.91
N ASP A 22 40.79 -35.53 9.35
CA ASP A 22 39.97 -34.61 10.06
C ASP A 22 39.63 -33.37 9.28
N LEU A 23 39.49 -33.48 7.97
CA LEU A 23 39.00 -32.37 7.19
C LEU A 23 37.50 -32.24 7.27
N VAL A 24 36.82 -33.34 7.44
CA VAL A 24 35.41 -33.31 7.62
C VAL A 24 35.06 -32.60 8.91
N ARG A 25 35.84 -32.85 9.94
CA ARG A 25 35.65 -32.19 11.20
C ARG A 25 35.87 -30.69 11.01
N ALA A 26 36.87 -30.36 10.21
CA ALA A 26 37.21 -28.99 9.97
C ALA A 26 36.09 -28.24 9.26
N LEU A 27 35.36 -28.96 8.39
CA LEU A 27 34.27 -28.36 7.64
C LEU A 27 33.12 -28.09 8.55
N VAL A 28 32.85 -29.05 9.43
CA VAL A 28 31.74 -28.92 10.33
C VAL A 28 31.99 -27.72 11.26
N GLU A 29 33.21 -27.63 11.76
CA GLU A 29 33.60 -26.53 12.62
C GLU A 29 33.58 -25.21 11.86
N ALA A 30 33.76 -25.25 10.55
CA ALA A 30 33.73 -24.05 9.74
C ALA A 30 32.28 -23.62 9.37
N GLY A 31 31.32 -24.50 9.59
CA GLY A 31 29.92 -24.15 9.43
C GLY A 31 29.09 -25.05 8.54
N MET A 32 29.65 -26.12 8.03
CA MET A 32 28.86 -27.02 7.20
C MET A 32 27.62 -27.48 7.95
N ASP A 33 26.47 -27.36 7.34
CA ASP A 33 25.22 -27.77 7.97
C ASP A 33 24.71 -29.10 7.39
N VAL A 34 25.01 -29.36 6.13
CA VAL A 34 24.61 -30.58 5.51
C VAL A 34 25.75 -31.09 4.64
N ALA A 35 26.00 -32.39 4.70
CA ALA A 35 27.05 -33.02 3.91
C ALA A 35 26.37 -33.85 2.84
N ARG A 36 26.78 -33.65 1.60
CA ARG A 36 26.25 -34.38 0.47
C ARG A 36 27.26 -35.46 0.07
N MET A 37 26.77 -36.67 -0.06
CA MET A 37 27.54 -37.77 -0.57
C MET A 37 27.10 -37.94 -1.99
N ASN A 38 28.03 -37.77 -2.91
CA ASN A 38 27.67 -37.83 -4.31
C ASN A 38 27.94 -39.23 -4.83
N PHE A 39 26.87 -39.98 -5.10
CA PHE A 39 27.01 -41.35 -5.61
C PHE A 39 27.43 -41.48 -7.08
N SER A 40 27.76 -40.38 -7.73
CA SER A 40 28.37 -40.45 -9.04
C SER A 40 29.84 -40.80 -8.96
N HIS A 41 30.43 -40.64 -7.78
CA HIS A 41 31.85 -40.97 -7.58
C HIS A 41 32.06 -41.82 -6.33
N GLY A 42 33.19 -42.50 -6.25
CA GLY A 42 33.58 -43.22 -5.02
C GLY A 42 32.88 -44.54 -4.87
N ASP A 43 33.42 -45.39 -3.99
CA ASP A 43 32.79 -46.68 -3.69
C ASP A 43 32.05 -46.62 -2.36
N TYR A 44 31.34 -47.68 -2.03
CA TYR A 44 30.62 -47.74 -0.78
C TYR A 44 31.51 -47.56 0.45
N ASP A 45 32.75 -48.04 0.44
CA ASP A 45 33.67 -47.82 1.57
C ASP A 45 33.95 -46.37 1.78
N ASP A 46 34.16 -45.65 0.69
CA ASP A 46 34.37 -44.20 0.74
C ASP A 46 33.21 -43.50 1.42
N HIS A 47 32.01 -43.86 1.02
CA HIS A 47 30.85 -43.15 1.52
C HIS A 47 30.70 -43.43 2.98
N LYS A 48 30.91 -44.69 3.32
CA LYS A 48 30.81 -45.17 4.68
C LYS A 48 31.78 -44.46 5.61
N VAL A 49 33.04 -44.34 5.22
CA VAL A 49 34.00 -43.62 6.04
C VAL A 49 33.57 -42.17 6.23
N ALA A 50 33.15 -41.53 5.15
CA ALA A 50 32.78 -40.13 5.21
C ALA A 50 31.54 -39.91 6.10
N TYR A 51 30.54 -40.76 5.90
CA TYR A 51 29.35 -40.73 6.74
C TYR A 51 29.69 -40.80 8.24
N GLU A 52 30.63 -41.64 8.60
CA GLU A 52 30.95 -41.80 10.00
C GLU A 52 31.72 -40.63 10.54
N ARG A 53 32.52 -39.99 9.71
CA ARG A 53 33.31 -38.87 10.17
C ARG A 53 32.41 -37.68 10.39
N VAL A 54 31.26 -37.66 9.74
CA VAL A 54 30.32 -36.59 9.89
C VAL A 54 29.52 -36.78 11.16
N ARG A 55 29.14 -38.01 11.43
CA ARG A 55 28.42 -38.30 12.65
C ARG A 55 29.28 -37.98 13.85
N VAL A 56 30.55 -38.32 13.77
CA VAL A 56 31.47 -38.05 14.84
C VAL A 56 31.65 -36.57 15.06
N ALA A 57 31.81 -35.84 13.96
CA ALA A 57 32.01 -34.43 14.04
C ALA A 57 30.77 -33.72 14.52
N SER A 58 29.61 -34.18 14.09
CA SER A 58 28.36 -33.58 14.54
C SER A 58 28.22 -33.81 16.05
N ASP A 59 28.49 -35.03 16.48
CA ASP A 59 28.33 -35.35 17.89
C ASP A 59 29.40 -34.70 18.78
N ALA A 60 30.58 -34.51 18.24
CA ALA A 60 31.69 -33.98 19.01
C ALA A 60 31.63 -32.49 19.14
N THR A 61 31.00 -31.81 18.20
CA THR A 61 30.90 -30.36 18.28
C THR A 61 29.53 -29.91 18.77
N GLY A 62 28.54 -30.79 18.63
CA GLY A 62 27.17 -30.47 18.98
C GLY A 62 26.48 -29.66 17.92
N ARG A 63 27.09 -29.51 16.75
CA ARG A 63 26.40 -28.91 15.63
C ARG A 63 25.60 -29.97 14.90
N ALA A 64 24.39 -29.61 14.50
CA ALA A 64 23.56 -30.49 13.71
C ALA A 64 24.19 -30.57 12.31
N VAL A 65 24.26 -31.77 11.77
CA VAL A 65 24.73 -31.91 10.41
C VAL A 65 23.93 -33.00 9.74
N GLY A 66 23.19 -32.64 8.71
CA GLY A 66 22.44 -33.61 7.93
C GLY A 66 23.34 -34.33 6.94
N VAL A 67 22.95 -35.53 6.59
CA VAL A 67 23.67 -36.24 5.58
C VAL A 67 22.71 -36.44 4.46
N LEU A 68 23.13 -35.99 3.28
CA LEU A 68 22.29 -36.00 2.10
C LEU A 68 22.89 -36.92 1.08
N ALA A 69 22.11 -37.89 0.64
CA ALA A 69 22.53 -38.84 -0.37
C ALA A 69 22.00 -38.39 -1.74
N ASP A 70 22.92 -38.09 -2.66
CA ASP A 70 22.58 -37.66 -4.01
C ASP A 70 22.66 -38.84 -4.97
N LEU A 71 21.50 -39.26 -5.48
CA LEU A 71 21.47 -40.35 -6.44
C LEU A 71 21.74 -39.83 -7.84
N GLN A 72 22.59 -40.57 -8.55
CA GLN A 72 23.06 -40.18 -9.88
C GLN A 72 21.91 -39.96 -10.86
N GLY A 73 20.88 -40.82 -10.80
CA GLY A 73 19.76 -40.72 -11.70
C GLY A 73 20.10 -41.29 -13.07
N PRO A 74 19.24 -41.04 -14.07
CA PRO A 74 19.46 -41.37 -15.47
C PRO A 74 20.42 -40.40 -16.17
N LYS A 75 21.64 -40.35 -15.67
CA LYS A 75 22.68 -39.55 -16.26
C LYS A 75 23.14 -40.31 -17.47
N ILE A 76 23.28 -39.60 -18.57
CA ILE A 76 23.82 -40.16 -19.80
C ILE A 76 25.30 -39.86 -19.84
N ARG A 77 26.12 -40.88 -20.08
CA ARG A 77 27.55 -40.65 -20.14
C ARG A 77 28.24 -41.45 -21.21
N LEU A 78 29.45 -41.03 -21.53
CA LEU A 78 30.25 -41.73 -22.51
C LEU A 78 30.73 -43.06 -21.95
N GLY A 79 31.06 -43.99 -22.83
CA GLY A 79 31.68 -45.22 -22.42
C GLY A 79 33.17 -45.04 -22.21
N ARG A 80 33.92 -46.08 -22.56
CA ARG A 80 35.34 -46.17 -22.24
C ARG A 80 36.18 -45.97 -23.50
N PHE A 81 37.32 -45.32 -23.36
CA PHE A 81 38.23 -45.08 -24.46
C PHE A 81 39.45 -46.02 -24.35
N ALA A 82 39.98 -46.43 -25.50
CA ALA A 82 41.19 -47.24 -25.54
C ALA A 82 42.33 -46.55 -24.78
N SER A 83 42.56 -45.27 -25.06
CA SER A 83 43.67 -44.52 -24.45
C SER A 83 43.36 -44.01 -23.04
N GLY A 84 42.15 -44.29 -22.54
CA GLY A 84 41.69 -43.77 -21.26
C GLY A 84 41.10 -42.38 -21.42
N ALA A 85 41.89 -41.47 -22.00
CA ALA A 85 41.46 -40.09 -22.20
C ALA A 85 42.03 -39.58 -23.52
N THR A 86 41.18 -38.93 -24.31
CA THR A 86 41.58 -38.34 -25.60
C THR A 86 41.37 -36.80 -25.61
N HIS A 87 41.32 -36.21 -26.79
CA HIS A 87 41.07 -34.75 -26.90
C HIS A 87 40.21 -34.52 -28.14
N TRP A 88 39.06 -33.87 -27.92
CA TRP A 88 38.15 -33.54 -28.99
C TRP A 88 38.35 -32.08 -29.46
N ALA A 89 38.78 -31.93 -30.71
CA ALA A 89 39.24 -30.64 -31.23
C ALA A 89 38.28 -30.03 -32.28
N GLU A 90 38.13 -28.71 -32.23
CA GLU A 90 37.20 -27.98 -33.12
C GLU A 90 37.51 -28.35 -34.57
N GLY A 91 36.65 -29.16 -35.18
CA GLY A 91 36.89 -29.56 -36.56
C GLY A 91 36.63 -31.03 -36.82
N GLU A 92 36.79 -31.86 -35.78
CA GLU A 92 36.83 -33.31 -35.95
C GLU A 92 35.47 -33.98 -36.06
N THR A 93 35.44 -35.14 -36.70
CA THR A 93 34.24 -35.96 -36.68
C THR A 93 34.35 -36.99 -35.58
N VAL A 94 33.26 -37.22 -34.87
CA VAL A 94 33.25 -38.15 -33.79
C VAL A 94 31.96 -39.00 -33.81
N ARG A 95 32.07 -40.28 -33.48
CA ARG A 95 30.91 -41.18 -33.43
C ARG A 95 30.61 -41.57 -31.99
N ILE A 96 29.34 -41.58 -31.66
CA ILE A 96 28.90 -42.01 -30.36
C ILE A 96 27.88 -43.11 -30.63
N THR A 97 28.24 -44.35 -30.34
CA THR A 97 27.41 -45.48 -30.75
C THR A 97 26.75 -46.16 -29.55
N VAL A 98 25.54 -46.65 -29.76
CA VAL A 98 24.77 -47.37 -28.76
C VAL A 98 25.26 -48.81 -28.62
N GLY A 99 25.96 -49.30 -29.64
CA GLY A 99 26.59 -50.62 -29.59
C GLY A 99 27.77 -50.57 -28.65
N ALA A 100 28.08 -51.69 -28.02
CA ALA A 100 29.21 -51.76 -27.12
C ALA A 100 30.50 -51.78 -27.95
N CYS A 101 31.54 -51.15 -27.42
CA CYS A 101 32.88 -51.21 -27.98
C CYS A 101 33.83 -50.62 -26.97
N GLU A 102 35.12 -50.82 -27.18
CA GLU A 102 36.10 -50.11 -26.41
C GLU A 102 36.49 -48.93 -27.24
N GLY A 103 35.68 -47.91 -27.15
CA GLY A 103 35.81 -46.73 -27.96
C GLY A 103 37.21 -46.17 -28.12
N SER A 104 37.48 -45.70 -29.33
CA SER A 104 38.66 -44.94 -29.56
C SER A 104 38.32 -43.44 -29.56
N HIS A 105 39.19 -42.66 -30.16
CA HIS A 105 38.99 -41.24 -30.27
C HIS A 105 37.92 -40.85 -31.33
N ASP A 106 37.80 -41.62 -32.39
CA ASP A 106 36.78 -41.34 -33.43
C ASP A 106 35.44 -41.97 -33.08
N ARG A 107 35.51 -43.07 -32.35
CA ARG A 107 34.34 -43.88 -32.06
C ARG A 107 34.30 -44.18 -30.56
N VAL A 108 33.11 -44.09 -29.97
CA VAL A 108 32.94 -44.35 -28.54
C VAL A 108 31.48 -44.65 -28.22
N SER A 109 31.30 -45.31 -27.09
CA SER A 109 30.00 -45.76 -26.70
C SER A 109 29.35 -44.80 -25.70
N THR A 110 28.05 -44.98 -25.52
CA THR A 110 27.32 -44.29 -24.50
C THR A 110 26.49 -45.28 -23.70
N THR A 111 26.02 -44.83 -22.55
CA THR A 111 25.16 -45.65 -21.72
C THR A 111 23.73 -45.58 -22.25
N TYR A 112 23.37 -44.48 -22.92
CA TYR A 112 22.00 -44.32 -23.42
C TYR A 112 21.83 -45.21 -24.64
N LYS A 113 20.95 -46.19 -24.54
CA LYS A 113 20.82 -47.17 -25.60
C LYS A 113 19.81 -46.74 -26.65
N ARG A 114 19.08 -45.69 -26.35
CA ARG A 114 18.16 -45.14 -27.30
C ARG A 114 18.75 -43.91 -27.99
N LEU A 115 20.09 -43.77 -27.98
CA LEU A 115 20.69 -42.55 -28.52
C LEU A 115 20.40 -42.42 -30.03
N ALA A 116 20.85 -43.42 -30.78
CA ALA A 116 20.66 -43.46 -32.22
C ALA A 116 19.18 -43.33 -32.60
N GLN A 117 18.31 -44.02 -31.88
CA GLN A 117 16.90 -43.99 -32.25
C GLN A 117 16.19 -42.72 -31.74
N ASP A 118 16.85 -41.91 -30.91
CA ASP A 118 16.25 -40.66 -30.41
C ASP A 118 16.97 -39.37 -30.84
N ALA A 119 18.24 -39.46 -31.24
CA ALA A 119 18.96 -38.30 -31.75
C ALA A 119 18.56 -38.05 -33.21
N VAL A 120 18.53 -36.78 -33.60
CA VAL A 120 18.27 -36.40 -35.01
C VAL A 120 19.32 -35.43 -35.47
N ALA A 121 19.38 -35.20 -36.78
CA ALA A 121 20.38 -34.28 -37.33
C ALA A 121 20.18 -32.85 -36.84
N GLY A 122 21.30 -32.21 -36.48
CA GLY A 122 21.25 -30.88 -35.93
C GLY A 122 21.22 -30.82 -34.41
N ASP A 123 21.10 -31.98 -33.75
CA ASP A 123 21.09 -32.02 -32.31
C ASP A 123 22.43 -31.58 -31.75
N ARG A 124 22.40 -30.77 -30.69
CA ARG A 124 23.60 -30.35 -29.98
C ARG A 124 24.00 -31.38 -28.92
N VAL A 125 25.30 -31.53 -28.71
CA VAL A 125 25.78 -32.43 -27.69
C VAL A 125 26.74 -31.70 -26.83
N LEU A 126 26.41 -31.55 -25.56
CA LEU A 126 27.29 -30.86 -24.66
C LEU A 126 27.91 -31.82 -23.68
N VAL A 127 29.21 -31.72 -23.52
CA VAL A 127 29.93 -32.66 -22.70
C VAL A 127 30.40 -31.92 -21.46
N ASP A 128 30.35 -32.61 -20.30
CA ASP A 128 30.90 -32.08 -19.05
C ASP A 128 30.35 -30.68 -18.75
N ASP A 129 29.04 -30.51 -18.95
CA ASP A 129 28.31 -29.24 -18.66
C ASP A 129 28.78 -28.02 -19.47
N GLY A 130 29.24 -28.24 -20.70
CA GLY A 130 29.56 -27.13 -21.63
C GLY A 130 31.05 -26.85 -21.87
N LYS A 131 31.90 -27.81 -21.56
CA LYS A 131 33.33 -27.67 -21.81
C LYS A 131 33.67 -28.02 -23.24
N VAL A 132 32.81 -28.82 -23.87
CA VAL A 132 32.98 -29.27 -25.24
C VAL A 132 31.60 -29.40 -25.85
N ALA A 133 31.46 -28.94 -27.09
CA ALA A 133 30.17 -28.92 -27.79
C ALA A 133 30.30 -29.61 -29.14
N LEU A 134 29.26 -30.31 -29.54
CA LEU A 134 29.28 -31.10 -30.76
C LEU A 134 27.96 -30.89 -31.45
N VAL A 135 27.93 -31.15 -32.75
CA VAL A 135 26.68 -31.19 -33.46
C VAL A 135 26.54 -32.49 -34.25
N VAL A 136 25.36 -33.09 -34.12
CA VAL A 136 24.97 -34.31 -34.82
C VAL A 136 24.85 -34.09 -36.34
N ASP A 137 25.65 -34.82 -37.09
CA ASP A 137 25.60 -34.83 -38.55
C ASP A 137 24.64 -35.89 -39.10
N ALA A 138 24.77 -37.13 -38.64
CA ALA A 138 23.93 -38.23 -39.15
C ALA A 138 23.77 -39.39 -38.14
N VAL A 139 22.62 -40.05 -38.25
CA VAL A 139 22.38 -41.32 -37.56
C VAL A 139 22.51 -42.44 -38.58
N GLU A 140 23.64 -43.14 -38.56
CA GLU A 140 23.86 -44.30 -39.45
C GLU A 140 23.76 -45.62 -38.63
N GLY A 141 22.67 -46.36 -38.84
CA GLY A 141 22.42 -47.61 -38.12
C GLY A 141 22.44 -47.42 -36.61
N ASP A 142 23.54 -47.85 -35.99
CA ASP A 142 23.71 -47.76 -34.53
C ASP A 142 24.64 -46.61 -34.07
N ASP A 143 25.06 -45.75 -35.00
CA ASP A 143 25.99 -44.66 -34.65
C ASP A 143 25.42 -43.26 -34.82
N VAL A 144 25.85 -42.34 -33.97
CA VAL A 144 25.49 -40.95 -34.07
C VAL A 144 26.75 -40.19 -34.43
N VAL A 145 26.81 -39.73 -35.69
CA VAL A 145 28.03 -39.10 -36.20
C VAL A 145 27.96 -37.59 -35.96
N CYS A 146 29.05 -37.04 -35.42
CA CYS A 146 29.04 -35.68 -34.88
C CYS A 146 30.25 -34.92 -35.32
N THR A 147 30.10 -33.59 -35.36
CA THR A 147 31.21 -32.72 -35.64
C THR A 147 31.45 -31.92 -34.40
N VAL A 148 32.67 -31.93 -33.93
CA VAL A 148 33.05 -31.09 -32.81
C VAL A 148 32.98 -29.64 -33.23
N VAL A 149 32.35 -28.81 -32.40
CA VAL A 149 32.15 -27.37 -32.69
C VAL A 149 32.88 -26.45 -31.70
N GLU A 150 32.96 -26.87 -30.45
CA GLU A 150 33.83 -26.23 -29.46
C GLU A 150 34.64 -27.33 -28.83
N GLY A 151 35.96 -27.24 -28.94
CA GLY A 151 36.85 -28.34 -28.53
C GLY A 151 37.25 -28.32 -27.07
N GLY A 152 37.85 -29.42 -26.62
CA GLY A 152 38.29 -29.55 -25.23
C GLY A 152 38.61 -31.00 -24.87
N PRO A 153 38.57 -31.34 -23.55
CA PRO A 153 38.96 -32.68 -23.01
C PRO A 153 37.80 -33.71 -22.82
N VAL A 154 38.00 -34.97 -23.24
CA VAL A 154 37.03 -36.08 -22.93
C VAL A 154 37.67 -37.35 -22.30
N SER A 155 37.35 -37.61 -21.04
CA SER A 155 37.74 -38.87 -20.39
C SER A 155 36.63 -39.92 -20.52
N ASP A 156 36.83 -41.03 -19.83
CA ASP A 156 35.86 -42.09 -19.80
C ASP A 156 34.73 -41.65 -18.90
N ASN A 157 33.52 -42.05 -19.30
CA ASN A 157 32.31 -41.92 -18.48
C ASN A 157 31.89 -40.48 -18.16
N LYS A 158 32.39 -39.50 -18.92
CA LYS A 158 32.00 -38.12 -18.73
C LYS A 158 30.57 -37.94 -19.23
N GLY A 159 29.89 -36.96 -18.67
CA GLY A 159 28.47 -36.82 -18.88
C GLY A 159 28.15 -35.95 -20.06
N ILE A 160 27.20 -36.39 -20.87
CA ILE A 160 26.78 -35.60 -21.99
C ILE A 160 25.34 -35.27 -21.85
N SER A 161 24.96 -34.18 -22.48
CA SER A 161 23.60 -33.72 -22.42
C SER A 161 23.20 -33.38 -23.84
N LEU A 162 21.99 -33.74 -24.22
CA LEU A 162 21.47 -33.42 -25.54
C LEU A 162 20.27 -32.48 -25.41
N PRO A 163 20.51 -31.17 -25.36
CA PRO A 163 19.39 -30.24 -25.18
C PRO A 163 18.24 -30.46 -26.15
N GLY A 164 17.02 -30.43 -25.65
CA GLY A 164 15.87 -30.56 -26.50
C GLY A 164 15.40 -31.99 -26.62
N MET A 165 16.31 -32.90 -26.99
CA MET A 165 15.96 -34.33 -27.17
C MET A 165 15.24 -34.94 -25.96
N ASN A 166 14.05 -35.47 -26.20
CA ASN A 166 13.24 -36.09 -25.15
C ASN A 166 13.89 -37.43 -24.76
N VAL A 167 14.27 -37.55 -23.51
CA VAL A 167 14.93 -38.76 -23.04
C VAL A 167 13.88 -39.67 -22.45
N THR A 168 13.98 -40.96 -22.77
CA THR A 168 13.17 -41.98 -22.15
C THR A 168 14.10 -42.80 -21.28
N ALA A 169 13.89 -42.72 -19.96
CA ALA A 169 14.70 -43.48 -19.00
C ALA A 169 13.98 -43.55 -17.71
N PRO A 170 14.09 -44.69 -17.02
CA PRO A 170 13.47 -44.78 -15.73
C PRO A 170 14.14 -43.78 -14.75
N ALA A 171 13.32 -43.16 -13.89
CA ALA A 171 13.79 -42.16 -12.91
C ALA A 171 14.85 -42.71 -11.97
N LEU A 172 14.67 -43.97 -11.58
CA LEU A 172 15.68 -44.71 -10.83
C LEU A 172 16.27 -45.84 -11.68
N SER A 173 17.58 -45.80 -11.88
CA SER A 173 18.32 -46.91 -12.50
C SER A 173 18.61 -48.01 -11.51
N GLU A 174 19.18 -49.11 -12.00
CA GLU A 174 19.51 -50.21 -11.13
C GLU A 174 20.55 -49.76 -10.12
N LYS A 175 21.50 -48.98 -10.58
CA LYS A 175 22.52 -48.42 -9.72
C LYS A 175 21.94 -47.55 -8.65
N ASP A 176 21.00 -46.71 -9.02
CA ASP A 176 20.36 -45.83 -8.05
C ASP A 176 19.73 -46.61 -6.91
N ILE A 177 18.87 -47.57 -7.25
CA ILE A 177 18.20 -48.39 -6.27
C ILE A 177 19.18 -49.07 -5.29
N GLU A 178 20.27 -49.64 -5.81
CA GLU A 178 21.29 -50.21 -4.96
C GLU A 178 21.84 -49.13 -4.06
N ASP A 179 22.20 -47.99 -4.63
CA ASP A 179 22.77 -46.88 -3.89
C ASP A 179 21.78 -46.30 -2.86
N LEU A 180 20.50 -46.32 -3.19
CA LEU A 180 19.50 -45.82 -2.28
C LEU A 180 19.44 -46.74 -1.10
N THR A 181 19.29 -48.03 -1.37
CA THR A 181 19.28 -49.04 -0.33
C THR A 181 20.49 -48.89 0.61
N PHE A 182 21.68 -48.83 0.04
CA PHE A 182 22.89 -48.77 0.83
C PHE A 182 22.87 -47.57 1.75
N ALA A 183 22.40 -46.44 1.21
CA ALA A 183 22.33 -45.18 1.97
C ALA A 183 21.28 -45.21 3.08
N LEU A 184 20.14 -45.81 2.79
CA LEU A 184 19.11 -45.93 3.79
C LEU A 184 19.57 -46.81 4.95
N ASN A 185 20.25 -47.91 4.65
CA ASN A 185 20.77 -48.79 5.72
C ASN A 185 21.89 -48.12 6.49
N LEU A 186 22.65 -47.27 5.79
CA LEU A 186 23.75 -46.56 6.38
C LEU A 186 23.24 -45.49 7.34
N GLY A 187 22.06 -44.97 7.08
CA GLY A 187 21.42 -44.02 8.00
C GLY A 187 21.51 -42.55 7.63
N VAL A 188 21.45 -42.24 6.33
CA VAL A 188 21.42 -40.86 5.87
C VAL A 188 20.07 -40.24 6.23
N ASP A 189 20.00 -38.92 6.17
CA ASP A 189 18.84 -38.20 6.64
C ASP A 189 17.91 -37.76 5.51
N MET A 190 18.50 -37.51 4.34
CA MET A 190 17.77 -37.02 3.19
C MET A 190 18.29 -37.72 1.94
N VAL A 191 17.51 -37.64 0.87
CA VAL A 191 17.92 -38.20 -0.39
C VAL A 191 17.57 -37.20 -1.49
N ALA A 192 18.52 -36.95 -2.39
CA ALA A 192 18.25 -36.14 -3.58
C ALA A 192 18.22 -37.01 -4.80
N LEU A 193 17.33 -36.68 -5.71
CA LEU A 193 17.18 -37.45 -6.92
C LEU A 193 17.49 -36.52 -8.11
N SER A 194 18.39 -36.98 -8.98
CA SER A 194 18.80 -36.18 -10.12
C SER A 194 17.88 -36.37 -11.31
N PHE A 195 17.77 -35.30 -12.10
CA PHE A 195 17.07 -35.32 -13.37
C PHE A 195 15.58 -35.63 -13.23
N VAL A 196 15.00 -35.13 -12.14
CA VAL A 196 13.57 -35.32 -11.92
C VAL A 196 12.79 -34.66 -13.03
N ARG A 197 11.70 -35.30 -13.45
CA ARG A 197 10.92 -34.80 -14.58
C ARG A 197 9.45 -34.61 -14.27
N SER A 198 8.91 -35.42 -13.37
CA SER A 198 7.50 -35.29 -13.01
C SER A 198 7.31 -35.53 -11.53
N PRO A 199 6.11 -35.24 -11.02
CA PRO A 199 5.81 -35.51 -9.63
C PRO A 199 5.78 -36.99 -9.31
N ALA A 200 5.54 -37.84 -10.31
CA ALA A 200 5.39 -39.27 -10.07
C ALA A 200 6.73 -39.92 -9.74
N ASP A 201 7.82 -39.20 -9.96
CA ASP A 201 9.14 -39.74 -9.71
C ASP A 201 9.37 -40.01 -8.22
N VAL A 202 8.75 -39.22 -7.37
CA VAL A 202 8.92 -39.41 -5.94
C VAL A 202 8.26 -40.70 -5.49
N GLU A 203 7.19 -41.10 -6.15
CA GLU A 203 6.51 -42.34 -5.79
C GLU A 203 7.39 -43.54 -6.02
N LEU A 204 8.30 -43.46 -7.00
CA LEU A 204 9.24 -44.57 -7.23
C LEU A 204 10.28 -44.65 -6.13
N VAL A 205 10.73 -43.50 -5.67
CA VAL A 205 11.66 -43.47 -4.57
C VAL A 205 10.97 -43.99 -3.33
N HIS A 206 9.72 -43.58 -3.13
CA HIS A 206 8.93 -44.02 -1.97
C HIS A 206 8.71 -45.55 -1.95
N GLU A 207 8.50 -46.16 -3.10
CA GLU A 207 8.36 -47.61 -3.17
C GLU A 207 9.60 -48.31 -2.64
N VAL A 208 10.78 -47.83 -3.01
CA VAL A 208 12.03 -48.43 -2.56
C VAL A 208 12.23 -48.28 -1.06
N MET A 209 11.85 -47.11 -0.55
CA MET A 209 12.00 -46.83 0.87
C MET A 209 11.06 -47.70 1.67
N ASP A 210 9.86 -47.89 1.16
CA ASP A 210 8.86 -48.70 1.86
C ASP A 210 9.24 -50.15 1.88
N ARG A 211 9.84 -50.63 0.81
CA ARG A 211 10.31 -51.99 0.74
C ARG A 211 11.34 -52.23 1.84
N ILE A 212 12.29 -51.31 1.98
CA ILE A 212 13.38 -51.43 2.92
C ILE A 212 12.97 -51.09 4.34
N GLY A 213 11.82 -50.43 4.49
CA GLY A 213 11.25 -50.12 5.79
C GLY A 213 11.84 -48.88 6.43
N ARG A 214 12.13 -47.86 5.62
CA ARG A 214 12.65 -46.60 6.14
C ARG A 214 12.47 -45.43 5.18
N ARG A 215 11.82 -44.38 5.64
CA ARG A 215 11.66 -43.19 4.81
C ARG A 215 12.46 -42.01 5.29
N VAL A 216 12.85 -41.18 4.34
CA VAL A 216 13.44 -39.91 4.64
C VAL A 216 12.92 -38.89 3.63
N PRO A 217 13.19 -37.64 3.90
CA PRO A 217 12.79 -36.60 2.97
C PRO A 217 13.48 -36.73 1.63
N VAL A 218 12.74 -36.50 0.55
CA VAL A 218 13.32 -36.60 -0.79
C VAL A 218 13.41 -35.23 -1.43
N ILE A 219 14.60 -34.93 -1.94
CA ILE A 219 14.85 -33.67 -2.62
C ILE A 219 14.86 -33.85 -4.13
N ALA A 220 14.03 -33.10 -4.83
CA ALA A 220 14.04 -33.09 -6.28
C ALA A 220 15.08 -32.12 -6.75
N LYS A 221 16.07 -32.61 -7.51
CA LYS A 221 16.98 -31.73 -8.21
C LYS A 221 16.34 -31.28 -9.51
N LEU A 222 16.40 -29.98 -9.75
CA LEU A 222 15.80 -29.35 -10.93
C LEU A 222 16.87 -29.08 -11.94
N GLU A 223 16.90 -29.88 -13.00
CA GLU A 223 17.91 -29.72 -14.03
C GLU A 223 17.39 -30.16 -15.38
N LYS A 224 16.09 -30.07 -15.57
CA LYS A 224 15.45 -30.52 -16.80
C LYS A 224 14.30 -29.59 -17.13
N PRO A 225 14.03 -29.39 -18.41
CA PRO A 225 12.92 -28.52 -18.80
C PRO A 225 11.58 -29.05 -18.28
N GLU A 226 11.39 -30.37 -18.29
CA GLU A 226 10.12 -30.96 -17.87
C GLU A 226 9.87 -30.68 -16.39
N ALA A 227 10.96 -30.59 -15.62
CA ALA A 227 10.87 -30.26 -14.21
C ALA A 227 10.38 -28.87 -14.00
N ILE A 228 10.81 -27.96 -14.86
CA ILE A 228 10.42 -26.56 -14.70
C ILE A 228 8.99 -26.31 -15.17
N ASP A 229 8.50 -27.12 -16.11
CA ASP A 229 7.11 -27.03 -16.56
C ASP A 229 6.16 -27.54 -15.49
N ASN A 230 6.66 -28.46 -14.67
CA ASN A 230 5.86 -29.07 -13.62
C ASN A 230 6.36 -28.60 -12.25
N LEU A 231 6.96 -27.43 -12.20
CA LEU A 231 7.60 -26.97 -10.97
C LEU A 231 6.67 -27.02 -9.76
N GLU A 232 5.46 -26.52 -9.89
CA GLU A 232 4.56 -26.49 -8.76
C GLU A 232 4.22 -27.90 -8.30
N ALA A 233 3.88 -28.77 -9.25
CA ALA A 233 3.52 -30.15 -8.92
C ALA A 233 4.68 -30.84 -8.21
N ILE A 234 5.90 -30.63 -8.73
CA ILE A 234 7.08 -31.21 -8.13
C ILE A 234 7.35 -30.72 -6.71
N VAL A 235 7.22 -29.41 -6.49
CA VAL A 235 7.49 -28.84 -5.16
C VAL A 235 6.48 -29.36 -4.13
N LEU A 236 5.30 -29.76 -4.59
CA LEU A 236 4.27 -30.28 -3.73
C LEU A 236 4.49 -31.74 -3.41
N ALA A 237 4.97 -32.52 -4.38
CA ALA A 237 5.12 -33.96 -4.18
C ALA A 237 6.41 -34.30 -3.46
N PHE A 238 7.44 -33.50 -3.67
CA PHE A 238 8.72 -33.72 -3.01
C PHE A 238 8.80 -32.91 -1.72
N ASP A 239 9.80 -33.20 -0.90
CA ASP A 239 9.93 -32.55 0.38
C ASP A 239 10.82 -31.33 0.32
N ALA A 240 11.64 -31.27 -0.72
CA ALA A 240 12.49 -30.11 -0.93
C ALA A 240 12.95 -30.02 -2.39
N VAL A 241 13.53 -28.90 -2.77
CA VAL A 241 14.09 -28.78 -4.11
C VAL A 241 15.50 -28.20 -4.11
N MET A 242 16.32 -28.72 -5.03
CA MET A 242 17.65 -28.18 -5.31
C MET A 242 17.70 -27.65 -6.74
N VAL A 243 18.02 -26.37 -6.89
CA VAL A 243 18.21 -25.81 -8.21
C VAL A 243 19.58 -26.25 -8.68
N ALA A 244 19.61 -27.24 -9.55
CA ALA A 244 20.87 -27.86 -9.92
C ALA A 244 21.41 -27.21 -11.17
N ARG A 245 22.11 -26.09 -10.98
CA ARG A 245 22.38 -25.16 -12.07
C ARG A 245 23.36 -25.68 -13.09
N GLY A 246 24.25 -26.57 -12.69
CA GLY A 246 25.14 -27.20 -13.65
C GLY A 246 24.44 -27.78 -14.86
N ASP A 247 23.63 -28.81 -14.66
CA ASP A 247 22.94 -29.45 -15.77
C ASP A 247 21.80 -28.56 -16.24
N LEU A 248 21.24 -27.75 -15.35
CA LEU A 248 20.14 -26.89 -15.76
C LEU A 248 20.59 -25.92 -16.86
N GLY A 249 21.85 -25.50 -16.81
CA GLY A 249 22.41 -24.57 -17.79
C GLY A 249 22.93 -25.21 -19.06
N VAL A 250 22.71 -26.51 -19.22
CA VAL A 250 22.94 -27.15 -20.49
C VAL A 250 21.68 -27.77 -21.03
N GLU A 251 20.78 -28.19 -20.13
CA GLU A 251 19.46 -28.70 -20.54
C GLU A 251 18.53 -27.57 -21.01
N LEU A 252 18.82 -26.37 -20.53
CA LEU A 252 18.13 -25.15 -20.88
C LEU A 252 19.18 -24.15 -21.31
N PRO A 253 18.77 -23.12 -22.03
CA PRO A 253 19.70 -22.02 -22.29
C PRO A 253 20.23 -21.42 -20.98
N LEU A 254 21.53 -21.17 -20.90
CA LEU A 254 22.10 -20.72 -19.64
C LEU A 254 21.59 -19.33 -19.25
N GLU A 255 21.14 -18.57 -20.22
CA GLU A 255 20.63 -17.24 -19.94
C GLU A 255 19.29 -17.24 -19.19
N GLU A 256 18.59 -18.37 -19.19
CA GLU A 256 17.29 -18.50 -18.55
C GLU A 256 17.41 -18.98 -17.12
N VAL A 257 18.58 -19.45 -16.75
CA VAL A 257 18.74 -20.13 -15.48
C VAL A 257 18.51 -19.18 -14.31
N PRO A 258 18.99 -17.94 -14.41
CA PRO A 258 18.83 -17.02 -13.29
C PRO A 258 17.39 -16.73 -12.88
N LEU A 259 16.48 -16.68 -13.82
CA LEU A 259 15.10 -16.42 -13.48
C LEU A 259 14.41 -17.68 -13.03
N VAL A 260 14.83 -18.83 -13.57
CA VAL A 260 14.30 -20.08 -13.13
C VAL A 260 14.66 -20.26 -11.67
N GLN A 261 15.90 -19.95 -11.33
CA GLN A 261 16.34 -20.04 -9.93
C GLN A 261 15.42 -19.22 -9.02
N LYS A 262 15.09 -17.99 -9.38
CA LYS A 262 14.31 -17.15 -8.50
C LYS A 262 12.89 -17.63 -8.38
N ARG A 263 12.41 -18.21 -9.45
CA ARG A 263 11.04 -18.69 -9.52
C ARG A 263 10.86 -19.90 -8.64
N ALA A 264 11.88 -20.76 -8.60
CA ALA A 264 11.86 -22.00 -7.84
C ALA A 264 11.99 -21.73 -6.35
N ILE A 265 12.88 -20.82 -5.99
CA ILE A 265 13.03 -20.43 -4.60
C ILE A 265 11.71 -19.87 -4.07
N GLN A 266 11.07 -19.00 -4.84
CA GLN A 266 9.79 -18.41 -4.45
C GLN A 266 8.72 -19.50 -4.29
N MET A 267 8.69 -20.43 -5.23
CA MET A 267 7.71 -21.50 -5.24
C MET A 267 7.91 -22.39 -4.01
N ALA A 268 9.16 -22.64 -3.65
CA ALA A 268 9.47 -23.45 -2.49
C ALA A 268 9.00 -22.73 -1.26
N ARG A 269 9.47 -21.50 -1.07
CA ARG A 269 9.03 -20.67 0.06
C ARG A 269 7.51 -20.54 0.23
N GLU A 270 6.77 -20.41 -0.87
CA GLU A 270 5.32 -20.29 -0.75
C GLU A 270 4.70 -21.56 -0.18
N ASN A 271 5.38 -22.68 -0.36
CA ASN A 271 4.87 -23.98 0.09
C ASN A 271 5.65 -24.55 1.26
N ALA A 272 6.46 -23.71 1.88
CA ALA A 272 7.26 -24.09 3.03
C ALA A 272 8.05 -25.37 2.79
N LYS A 273 8.75 -25.38 1.67
CA LYS A 273 9.66 -26.46 1.38
C LYS A 273 11.02 -25.84 1.25
N PRO A 274 12.03 -26.56 1.73
CA PRO A 274 13.37 -26.01 1.66
C PRO A 274 13.86 -25.98 0.24
N VAL A 275 14.63 -24.98 -0.09
CA VAL A 275 15.22 -24.94 -1.39
C VAL A 275 16.72 -24.75 -1.26
N ILE A 276 17.47 -25.50 -2.06
CA ILE A 276 18.90 -25.38 -2.11
C ILE A 276 19.32 -24.85 -3.47
N VAL A 277 20.33 -24.01 -3.49
CA VAL A 277 20.88 -23.51 -4.75
C VAL A 277 22.24 -24.11 -4.94
N ALA A 278 22.47 -24.77 -6.06
CA ALA A 278 23.68 -25.52 -6.25
C ALA A 278 24.50 -25.15 -7.49
N THR A 279 25.79 -25.40 -7.34
CA THR A 279 26.73 -25.57 -8.41
C THR A 279 27.33 -24.30 -8.92
N GLN A 280 28.66 -24.23 -8.86
CA GLN A 280 29.46 -23.12 -9.39
C GLN A 280 29.27 -21.78 -8.66
N MET A 281 28.87 -21.82 -7.42
CA MET A 281 28.69 -20.57 -6.70
C MET A 281 30.03 -19.93 -6.40
N LEU A 282 31.02 -20.72 -6.00
CA LEU A 282 32.37 -20.21 -5.83
C LEU A 282 33.32 -21.07 -6.64
N ASP A 283 32.95 -21.28 -7.90
CA ASP A 283 33.65 -22.24 -8.75
C ASP A 283 35.15 -22.03 -8.84
N SER A 284 35.58 -20.78 -8.90
CA SER A 284 36.98 -20.49 -9.08
C SER A 284 37.82 -20.87 -7.87
N MET A 285 37.18 -21.16 -6.73
CA MET A 285 37.95 -21.50 -5.53
C MET A 285 38.43 -22.95 -5.53
N ILE A 286 38.10 -23.67 -6.59
CA ILE A 286 38.70 -24.94 -6.84
C ILE A 286 40.20 -24.75 -7.07
N GLU A 287 40.59 -23.63 -7.71
CA GLU A 287 42.02 -23.35 -7.98
C GLU A 287 42.57 -22.18 -7.19
N ASN A 288 41.70 -21.25 -6.78
CA ASN A 288 42.14 -19.99 -6.18
C ASN A 288 41.65 -19.77 -4.75
N SER A 289 42.47 -19.08 -3.97
CA SER A 289 42.15 -18.87 -2.56
C SER A 289 41.04 -17.84 -2.33
N ARG A 290 40.73 -17.04 -3.34
CA ARG A 290 39.65 -16.07 -3.26
C ARG A 290 38.78 -16.20 -4.48
N PRO A 291 37.49 -15.92 -4.34
CA PRO A 291 36.58 -16.07 -5.45
C PRO A 291 36.56 -14.86 -6.38
N THR A 292 35.76 -14.93 -7.44
CA THR A 292 35.59 -13.79 -8.33
C THR A 292 34.47 -12.88 -7.84
N ARG A 293 34.44 -11.68 -8.38
CA ARG A 293 33.42 -10.75 -8.00
C ARG A 293 32.05 -11.28 -8.39
N ALA A 294 31.97 -12.07 -9.45
CA ALA A 294 30.70 -12.61 -9.86
C ALA A 294 30.27 -13.70 -8.89
N GLU A 295 31.25 -14.45 -8.41
CA GLU A 295 30.93 -15.50 -7.49
C GLU A 295 30.41 -14.94 -6.18
N ALA A 296 31.12 -13.98 -5.60
CA ALA A 296 30.62 -13.33 -4.37
C ALA A 296 29.18 -12.80 -4.60
N SER A 297 28.94 -12.20 -5.75
CA SER A 297 27.64 -11.63 -6.07
C SER A 297 26.57 -12.71 -6.18
N ASP A 298 26.96 -13.84 -6.75
CA ASP A 298 26.02 -14.92 -6.97
C ASP A 298 25.54 -15.51 -5.62
N VAL A 299 26.45 -15.64 -4.67
CA VAL A 299 26.11 -16.14 -3.35
C VAL A 299 25.25 -15.13 -2.61
N ALA A 300 25.64 -13.87 -2.65
CA ALA A 300 24.85 -12.81 -2.01
C ALA A 300 23.45 -12.78 -2.59
N ASN A 301 23.34 -12.94 -3.90
CA ASN A 301 22.05 -12.87 -4.55
C ASN A 301 21.17 -14.07 -4.26
N ALA A 302 21.74 -15.26 -4.13
CA ALA A 302 20.95 -16.41 -3.68
C ALA A 302 20.37 -16.22 -2.25
N VAL A 303 21.12 -15.53 -1.38
CA VAL A 303 20.59 -15.27 -0.05
C VAL A 303 19.40 -14.32 -0.07
N LEU A 304 19.51 -13.26 -0.88
CA LEU A 304 18.46 -12.29 -1.06
C LEU A 304 17.28 -12.88 -1.83
N ASP A 305 17.53 -13.79 -2.74
CA ASP A 305 16.42 -14.49 -3.40
C ASP A 305 15.56 -15.19 -2.34
N GLY A 306 16.18 -15.62 -1.24
CA GLY A 306 15.46 -16.29 -0.16
C GLY A 306 15.78 -17.77 0.01
N ALA A 307 16.92 -18.20 -0.49
CA ALA A 307 17.28 -19.59 -0.43
C ALA A 307 17.54 -20.04 1.01
N ASP A 308 16.99 -21.20 1.35
CA ASP A 308 17.26 -21.86 2.61
C ASP A 308 18.75 -22.15 2.71
N ALA A 309 19.32 -22.66 1.64
CA ALA A 309 20.66 -23.19 1.70
C ALA A 309 21.37 -23.06 0.36
N LEU A 310 22.68 -22.86 0.43
CA LEU A 310 23.52 -22.80 -0.73
C LEU A 310 24.48 -23.96 -0.64
N MET A 311 24.88 -24.48 -1.78
CA MET A 311 25.69 -25.69 -1.82
C MET A 311 27.03 -25.48 -2.53
N LEU A 312 28.04 -26.17 -2.02
CA LEU A 312 29.33 -26.25 -2.66
C LEU A 312 29.48 -27.65 -3.21
N SER A 313 30.02 -27.75 -4.41
CA SER A 313 30.19 -29.04 -5.03
C SER A 313 31.68 -29.35 -5.17
N GLY A 314 32.27 -28.97 -6.30
CA GLY A 314 33.68 -29.20 -6.57
C GLY A 314 34.56 -28.40 -5.64
N GLU A 315 34.02 -27.31 -5.11
CA GLU A 315 34.79 -26.42 -4.26
C GLU A 315 35.26 -27.13 -3.01
N THR A 316 34.49 -28.09 -2.52
CA THR A 316 34.91 -28.86 -1.32
C THR A 316 35.29 -30.30 -1.65
N SER A 317 34.68 -30.84 -2.69
CA SER A 317 34.85 -32.27 -3.03
C SER A 317 36.18 -32.58 -3.68
N VAL A 318 36.65 -31.74 -4.60
CA VAL A 318 37.94 -32.00 -5.25
C VAL A 318 38.96 -30.90 -5.18
N GLY A 319 38.58 -29.71 -4.75
CA GLY A 319 39.44 -28.54 -4.90
C GLY A 319 40.57 -28.41 -3.88
N LYS A 320 41.32 -27.32 -4.02
CA LYS A 320 42.49 -27.05 -3.20
C LYS A 320 42.20 -26.22 -1.97
N TYR A 321 40.97 -25.68 -1.86
CA TYR A 321 40.63 -24.83 -0.73
C TYR A 321 39.24 -25.14 -0.19
N PRO A 322 39.00 -26.40 0.18
CA PRO A 322 37.67 -26.78 0.68
C PRO A 322 37.24 -26.00 1.93
N LEU A 323 38.17 -25.75 2.83
CA LEU A 323 37.86 -25.07 4.05
C LEU A 323 37.63 -23.59 3.82
N ALA A 324 38.48 -22.99 3.02
CA ALA A 324 38.35 -21.59 2.73
C ALA A 324 37.06 -21.31 1.98
N ALA A 325 36.65 -22.25 1.14
CA ALA A 325 35.42 -22.08 0.39
C ALA A 325 34.27 -21.94 1.36
N VAL A 326 34.19 -22.84 2.31
CA VAL A 326 33.13 -22.83 3.28
C VAL A 326 33.20 -21.58 4.13
N ARG A 327 34.38 -21.20 4.56
CA ARG A 327 34.52 -19.99 5.34
C ARG A 327 34.12 -18.76 4.56
N THR A 328 34.52 -18.71 3.29
CA THR A 328 34.20 -17.60 2.42
C THR A 328 32.72 -17.56 2.13
N MET A 329 32.12 -18.70 1.90
CA MET A 329 30.70 -18.73 1.65
C MET A 329 29.98 -18.19 2.87
N SER A 330 30.45 -18.57 4.04
CA SER A 330 29.81 -18.16 5.27
C SER A 330 29.91 -16.66 5.49
N ARG A 331 31.08 -16.08 5.27
CA ARG A 331 31.24 -14.64 5.41
C ARG A 331 30.30 -13.85 4.51
N ILE A 332 30.12 -14.29 3.28
CA ILE A 332 29.27 -13.55 2.35
C ILE A 332 27.84 -13.61 2.85
N ILE A 333 27.39 -14.80 3.23
CA ILE A 333 26.05 -14.97 3.75
C ILE A 333 25.83 -14.03 4.94
N CYS A 334 26.77 -14.07 5.89
CA CYS A 334 26.67 -13.24 7.06
C CYS A 334 26.68 -11.76 6.68
N ALA A 335 27.51 -11.36 5.73
CA ALA A 335 27.60 -9.94 5.36
C ALA A 335 26.27 -9.47 4.87
N VAL A 336 25.61 -10.30 4.06
CA VAL A 336 24.29 -9.94 3.56
C VAL A 336 23.27 -9.88 4.66
N GLU A 337 23.20 -10.92 5.48
CA GLU A 337 22.22 -11.01 6.58
C GLU A 337 22.35 -9.92 7.66
N GLU A 338 23.57 -9.48 7.94
CA GLU A 338 23.78 -8.46 8.95
C GLU A 338 23.06 -7.18 8.52
N ASN A 339 23.14 -6.89 7.24
CA ASN A 339 22.46 -5.76 6.71
C ASN A 339 20.96 -5.96 6.89
N SER A 340 20.42 -7.01 6.27
CA SER A 340 19.00 -7.35 6.43
C SER A 340 18.73 -8.81 6.15
N THR A 341 17.71 -9.36 6.79
CA THR A 341 17.34 -10.75 6.52
C THR A 341 16.08 -10.83 5.65
N ALA A 342 15.63 -9.66 5.17
CA ALA A 342 14.42 -9.56 4.33
C ALA A 342 14.52 -10.32 3.03
N ALA A 343 13.47 -11.09 2.75
CA ALA A 343 13.32 -11.83 1.53
C ALA A 343 12.14 -11.28 0.71
N PRO A 344 12.00 -11.73 -0.53
CA PRO A 344 10.86 -11.35 -1.32
C PRO A 344 9.57 -11.68 -0.63
N PRO A 345 8.64 -10.75 -0.63
CA PRO A 345 7.36 -11.02 -0.03
C PRO A 345 6.66 -12.24 -0.64
N LEU A 346 5.89 -12.92 0.19
CA LEU A 346 5.13 -14.06 -0.27
C LEU A 346 3.78 -13.56 -0.71
N THR A 347 3.21 -14.17 -1.73
CA THR A 347 1.92 -13.72 -2.27
C THR A 347 0.75 -14.55 -1.76
N HIS A 348 1.01 -15.79 -1.34
CA HIS A 348 -0.06 -16.65 -0.89
C HIS A 348 -0.43 -16.21 0.53
N ILE A 349 -1.69 -16.40 0.85
CA ILE A 349 -2.17 -15.93 2.11
C ILE A 349 -2.59 -17.16 2.91
N PRO A 350 -2.10 -17.25 4.14
CA PRO A 350 -2.27 -18.43 4.96
C PRO A 350 -3.73 -18.80 5.17
N ARG A 351 -4.08 -20.04 4.82
CA ARG A 351 -5.45 -20.53 5.00
C ARG A 351 -5.50 -21.71 5.99
N THR A 352 -4.34 -22.24 6.33
CA THR A 352 -4.24 -23.40 7.17
C THR A 352 -3.91 -22.98 8.58
N LYS A 353 -4.58 -23.62 9.54
CA LYS A 353 -4.39 -23.36 10.94
C LYS A 353 -2.93 -23.12 11.30
N ARG A 354 -2.08 -24.05 10.88
CA ARG A 354 -0.66 -23.99 11.23
C ARG A 354 -0.03 -22.75 10.63
N GLY A 355 -0.42 -22.45 9.40
CA GLY A 355 0.16 -21.31 8.67
C GLY A 355 -0.21 -20.01 9.31
N VAL A 356 -1.51 -19.88 9.57
CA VAL A 356 -2.08 -18.69 10.13
C VAL A 356 -1.45 -18.34 11.47
N ILE A 357 -1.24 -19.35 12.29
CA ILE A 357 -0.62 -19.20 13.60
C ILE A 357 0.86 -18.83 13.52
N SER A 358 1.51 -19.32 12.48
CA SER A 358 2.91 -19.04 12.32
C SER A 358 3.09 -17.56 12.02
N TYR A 359 2.28 -17.03 11.09
CA TYR A 359 2.32 -15.57 10.76
C TYR A 359 2.09 -14.78 12.05
N ALA A 360 1.01 -15.10 12.73
CA ALA A 360 0.69 -14.44 13.97
C ALA A 360 1.84 -14.49 14.97
N ALA A 361 2.47 -15.63 15.13
CA ALA A 361 3.53 -15.76 16.10
C ALA A 361 4.69 -14.87 15.75
N ARG A 362 4.96 -14.75 14.46
CA ARG A 362 6.03 -13.86 14.01
C ARG A 362 5.67 -12.42 14.33
N ASP A 363 4.44 -12.04 14.03
CA ASP A 363 3.99 -10.68 14.27
C ASP A 363 4.20 -10.33 15.73
N ILE A 364 3.70 -11.18 16.61
CA ILE A 364 3.84 -10.96 18.05
C ILE A 364 5.31 -10.83 18.44
N GLY A 365 6.11 -11.77 18.02
CA GLY A 365 7.49 -11.77 18.38
C GLY A 365 8.19 -10.51 17.97
N GLU A 366 7.92 -10.08 16.74
CA GLU A 366 8.62 -8.93 16.18
C GLU A 366 8.16 -7.66 16.87
N ARG A 367 6.85 -7.50 17.03
CA ARG A 367 6.31 -6.31 17.66
C ARG A 367 6.69 -6.18 19.14
N LEU A 368 6.88 -7.32 19.83
CA LEU A 368 7.23 -7.29 21.23
C LEU A 368 8.73 -7.40 21.48
N ASP A 369 9.53 -7.31 20.42
CA ASP A 369 10.98 -7.40 20.56
C ASP A 369 11.42 -8.70 21.22
N ALA A 370 10.78 -9.81 20.89
CA ALA A 370 11.08 -11.08 21.54
C ALA A 370 12.47 -11.55 21.18
N LYS A 371 13.12 -12.22 22.12
CA LYS A 371 14.47 -12.69 21.91
C LYS A 371 14.52 -13.88 20.99
N ALA A 372 13.40 -14.59 20.82
CA ALA A 372 13.35 -15.82 20.02
C ALA A 372 11.94 -16.35 19.79
N LEU A 373 11.76 -17.07 18.71
CA LEU A 373 10.54 -17.84 18.48
C LEU A 373 10.87 -19.28 18.70
N VAL A 374 9.95 -20.00 19.32
CA VAL A 374 10.16 -21.37 19.68
C VAL A 374 8.99 -22.14 19.14
N ALA A 375 9.27 -23.19 18.41
CA ALA A 375 8.19 -24.03 17.96
C ALA A 375 8.45 -25.44 18.38
N PHE A 376 7.39 -26.09 18.83
CA PHE A 376 7.38 -27.52 19.03
C PHE A 376 6.87 -28.14 17.77
N THR A 377 7.46 -29.25 17.35
CA THR A 377 7.01 -29.90 16.15
C THR A 377 7.38 -31.36 16.08
N GLN A 378 6.59 -32.11 15.33
N GLN A 378 6.58 -32.10 15.33
CA GLN A 378 6.78 -33.54 15.19
CA GLN A 378 6.78 -33.55 15.20
C GLN A 378 7.63 -33.83 13.96
C GLN A 378 7.62 -33.84 13.96
N SER A 379 7.23 -33.25 12.84
CA SER A 379 7.87 -33.52 11.57
C SER A 379 8.69 -32.33 11.12
N GLY A 380 8.58 -31.21 11.82
CA GLY A 380 9.22 -29.97 11.40
C GLY A 380 8.29 -29.04 10.61
N ASP A 381 7.12 -29.54 10.26
CA ASP A 381 6.20 -28.83 9.39
C ASP A 381 5.85 -27.39 9.86
N THR A 382 5.63 -27.20 11.14
CA THR A 382 5.30 -25.88 11.67
C THR A 382 6.51 -24.97 11.63
N VAL A 383 7.68 -25.55 11.79
CA VAL A 383 8.91 -24.78 11.82
C VAL A 383 9.27 -24.28 10.45
N ARG A 384 8.91 -25.05 9.43
CA ARG A 384 9.26 -24.71 8.10
C ARG A 384 8.39 -23.57 7.60
N ARG A 385 7.18 -23.49 8.14
CA ARG A 385 6.23 -22.44 7.79
C ARG A 385 6.63 -21.12 8.40
N LEU A 386 7.41 -21.19 9.47
CA LEU A 386 7.97 -20.02 10.15
C LEU A 386 9.29 -19.61 9.53
N ALA A 387 10.00 -20.60 8.97
CA ALA A 387 11.33 -20.38 8.47
C ALA A 387 11.24 -19.62 7.17
N ARG A 388 10.27 -19.97 6.35
CA ARG A 388 10.10 -19.30 5.08
C ARG A 388 9.78 -17.81 5.24
N LEU A 389 9.22 -17.42 6.39
CA LEU A 389 8.94 -16.02 6.68
C LEU A 389 10.19 -15.16 6.82
N HIS A 390 11.32 -15.77 7.10
CA HIS A 390 12.58 -15.05 7.23
C HIS A 390 12.50 -13.94 8.27
N THR A 391 12.11 -14.27 9.47
CA THR A 391 12.22 -13.34 10.58
C THR A 391 13.66 -13.17 11.10
N PRO A 392 14.03 -11.98 11.59
CA PRO A 392 15.35 -11.80 12.22
C PRO A 392 15.44 -12.41 13.61
N LEU A 393 14.32 -12.84 14.16
CA LEU A 393 14.34 -13.50 15.42
C LEU A 393 14.85 -14.92 15.25
N PRO A 394 15.77 -15.35 16.15
CA PRO A 394 16.13 -16.73 16.31
C PRO A 394 14.93 -17.62 16.30
N LEU A 395 15.03 -18.67 15.53
CA LEU A 395 13.96 -19.61 15.34
C LEU A 395 14.47 -20.95 15.92
N LEU A 396 13.77 -21.46 16.94
CA LEU A 396 14.24 -22.61 17.74
C LEU A 396 13.20 -23.71 17.78
N ALA A 397 13.52 -24.84 17.16
CA ALA A 397 12.61 -25.98 17.07
C ALA A 397 12.86 -26.98 18.20
N PHE A 398 11.79 -27.56 18.71
CA PHE A 398 11.90 -28.51 19.79
C PHE A 398 11.20 -29.75 19.36
N THR A 399 11.89 -30.87 19.43
CA THR A 399 11.32 -32.08 18.92
C THR A 399 11.84 -33.28 19.69
N ALA A 400 11.08 -34.34 19.66
CA ALA A 400 11.51 -35.57 20.29
C ALA A 400 12.31 -36.42 19.34
N TRP A 401 12.00 -36.34 18.05
CA TRP A 401 12.68 -37.14 17.07
C TRP A 401 14.04 -36.55 16.70
N PRO A 402 15.12 -37.32 16.87
CA PRO A 402 16.46 -36.79 16.67
C PRO A 402 16.82 -36.67 15.22
N GLU A 403 16.15 -37.43 14.37
CA GLU A 403 16.42 -37.36 12.94
C GLU A 403 15.91 -36.04 12.40
N VAL A 404 14.92 -35.48 13.08
CA VAL A 404 14.35 -34.20 12.68
C VAL A 404 15.33 -33.05 12.87
N ARG A 405 16.25 -33.18 13.81
CA ARG A 405 17.27 -32.18 13.98
C ARG A 405 18.21 -32.15 12.80
N SER A 406 18.47 -33.32 12.23
CA SER A 406 19.29 -33.42 11.05
C SER A 406 18.57 -32.91 9.79
N GLN A 407 17.27 -33.07 9.75
CA GLN A 407 16.52 -32.67 8.57
C GLN A 407 16.32 -31.18 8.54
N LEU A 408 16.24 -30.58 9.71
CA LEU A 408 16.05 -29.15 9.82
C LEU A 408 17.34 -28.43 9.66
N ALA A 409 18.42 -29.15 9.47
CA ALA A 409 19.70 -28.52 9.30
C ALA A 409 19.78 -27.77 7.99
N MET A 410 18.94 -28.10 7.01
CA MET A 410 18.90 -27.35 5.76
C MET A 410 17.72 -26.38 5.66
N THR A 411 17.08 -26.08 6.78
CA THR A 411 16.01 -25.10 6.81
C THR A 411 16.49 -23.77 7.36
N TRP A 412 16.17 -22.69 6.67
CA TRP A 412 16.62 -21.36 7.00
C TRP A 412 16.45 -21.01 8.48
N GLY A 413 17.54 -20.51 9.07
CA GLY A 413 17.50 -19.74 10.32
C GLY A 413 17.19 -20.51 11.57
N THR A 414 17.31 -21.83 11.49
CA THR A 414 16.71 -22.73 12.46
C THR A 414 17.71 -23.58 13.24
N GLU A 415 17.63 -23.53 14.56
CA GLU A 415 18.39 -24.44 15.41
C GLU A 415 17.39 -25.39 16.07
N THR A 416 17.78 -26.65 16.28
CA THR A 416 16.85 -27.63 16.83
C THR A 416 17.33 -28.20 18.16
N PHE A 417 16.38 -28.55 19.01
CA PHE A 417 16.66 -29.13 20.33
C PHE A 417 15.92 -30.42 20.51
N ILE A 418 16.64 -31.45 20.97
CA ILE A 418 16.03 -32.71 21.23
C ILE A 418 15.62 -32.72 22.68
N VAL A 419 14.40 -33.17 22.92
CA VAL A 419 13.82 -33.24 24.25
C VAL A 419 12.90 -34.43 24.36
N PRO A 420 12.72 -34.94 25.58
CA PRO A 420 11.77 -36.02 25.82
C PRO A 420 10.34 -35.58 25.56
N LYS A 421 9.48 -36.54 25.20
CA LYS A 421 8.06 -36.24 24.88
C LYS A 421 7.30 -35.70 26.06
N MET A 422 7.33 -34.38 26.20
CA MET A 422 6.60 -33.72 27.29
C MET A 422 5.10 -33.98 27.16
N GLN A 423 4.41 -34.05 28.29
CA GLN A 423 3.00 -34.44 28.32
C GLN A 423 2.16 -33.48 29.18
N SER A 424 2.37 -32.18 28.96
CA SER A 424 1.60 -31.09 29.60
C SER A 424 2.18 -29.76 29.10
N THR A 425 1.36 -28.71 28.99
CA THR A 425 1.92 -27.39 28.65
C THR A 425 2.93 -26.91 29.73
N ASP A 426 2.62 -27.09 31.02
CA ASP A 426 3.59 -26.85 32.11
C ASP A 426 4.97 -27.47 31.82
N GLY A 427 4.96 -28.74 31.43
CA GLY A 427 6.14 -29.46 30.95
C GLY A 427 6.90 -28.70 29.88
N MET A 428 6.19 -28.27 28.82
CA MET A 428 6.82 -27.59 27.66
C MET A 428 7.58 -26.37 28.12
N ILE A 429 6.93 -25.54 28.91
CA ILE A 429 7.56 -24.33 29.41
C ILE A 429 8.77 -24.63 30.27
N ARG A 430 8.66 -25.55 31.21
CA ARG A 430 9.83 -25.89 32.02
C ARG A 430 10.93 -26.36 31.07
N GLN A 431 10.55 -27.22 30.15
CA GLN A 431 11.45 -27.74 29.14
C GLN A 431 12.18 -26.62 28.37
N VAL A 432 11.42 -25.67 27.84
CA VAL A 432 12.00 -24.58 27.07
C VAL A 432 13.01 -23.80 27.90
N ASP A 433 12.59 -23.37 29.07
CA ASP A 433 13.44 -22.55 29.90
C ASP A 433 14.72 -23.28 30.23
N LYS A 434 14.60 -24.58 30.45
CA LYS A 434 15.77 -25.36 30.80
C LYS A 434 16.71 -25.40 29.61
N SER A 435 16.18 -25.80 28.46
CA SER A 435 16.99 -25.96 27.26
C SER A 435 17.66 -24.66 26.90
N LEU A 436 16.92 -23.55 26.96
CA LEU A 436 17.44 -22.27 26.52
C LEU A 436 18.43 -21.65 27.52
N LEU A 437 18.25 -21.95 28.80
CA LEU A 437 19.09 -21.35 29.82
C LEU A 437 20.51 -21.88 29.78
N GLU A 438 20.69 -23.01 29.11
CA GLU A 438 21.99 -23.67 29.03
C GLU A 438 22.92 -22.95 28.05
N LEU A 439 22.41 -21.91 27.40
CA LEU A 439 23.21 -21.10 26.52
C LEU A 439 23.36 -19.73 27.14
N ALA A 440 24.50 -19.08 26.90
CA ALA A 440 24.61 -17.65 27.15
C ALA A 440 23.78 -16.96 26.05
N ARG A 441 23.35 -15.73 26.31
CA ARG A 441 22.37 -15.03 25.48
C ARG A 441 20.95 -15.56 25.64
N TYR A 442 20.77 -16.55 26.50
CA TYR A 442 19.48 -16.76 27.11
C TYR A 442 19.60 -16.71 28.63
N LYS A 443 18.88 -15.76 29.20
CA LYS A 443 18.94 -15.46 30.62
C LYS A 443 17.54 -15.32 31.15
N ARG A 444 17.38 -15.40 32.47
CA ARG A 444 16.07 -15.23 33.07
C ARG A 444 15.55 -13.85 32.71
N GLY A 445 14.27 -13.76 32.34
CA GLY A 445 13.65 -12.49 31.92
C GLY A 445 13.47 -12.33 30.41
N ASP A 446 14.33 -13.00 29.65
CA ASP A 446 14.22 -12.97 28.21
C ASP A 446 12.84 -13.41 27.76
N LEU A 447 12.32 -12.70 26.78
CA LEU A 447 10.98 -12.88 26.32
C LEU A 447 11.02 -13.75 25.08
N VAL A 448 10.19 -14.78 25.03
CA VAL A 448 10.12 -15.63 23.84
C VAL A 448 8.67 -15.91 23.51
N VAL A 449 8.43 -16.36 22.29
CA VAL A 449 7.09 -16.69 21.89
C VAL A 449 7.10 -18.15 21.53
N ILE A 450 6.14 -18.89 22.05
CA ILE A 450 6.10 -20.33 21.89
C ILE A 450 4.86 -20.78 21.13
N VAL A 451 5.06 -21.61 20.11
CA VAL A 451 3.96 -22.15 19.34
C VAL A 451 3.89 -23.63 19.67
N ALA A 452 2.71 -24.16 19.89
CA ALA A 452 2.59 -25.52 20.40
C ALA A 452 1.19 -26.10 20.18
N GLY A 453 0.94 -27.30 20.77
CA GLY A 453 -0.42 -27.94 20.81
C GLY A 453 -0.60 -28.80 22.07
N SER A 461 -2.48 -29.79 14.28
CA SER A 461 -2.22 -30.24 15.65
C SER A 461 -1.53 -29.14 16.51
N THR A 462 -1.07 -28.08 15.83
CA THR A 462 -0.56 -26.86 16.50
C THR A 462 -1.73 -25.89 16.70
N ASN A 463 -1.92 -25.40 17.93
CA ASN A 463 -3.04 -24.50 18.17
C ASN A 463 -2.88 -23.54 19.35
N LEU A 464 -1.69 -23.04 19.58
CA LEU A 464 -1.46 -22.28 20.80
C LEU A 464 -0.28 -21.34 20.68
N ILE A 465 -0.45 -20.11 21.11
CA ILE A 465 0.70 -19.20 21.14
C ILE A 465 0.81 -18.67 22.53
N HIS A 466 2.03 -18.58 23.03
CA HIS A 466 2.24 -18.30 24.40
C HIS A 466 3.38 -17.36 24.54
N VAL A 467 3.12 -16.18 25.08
CA VAL A 467 4.17 -15.21 25.26
C VAL A 467 4.72 -15.41 26.64
N HIS A 468 6.00 -15.75 26.73
CA HIS A 468 6.60 -16.26 27.96
C HIS A 468 7.93 -15.62 28.23
N ARG A 469 8.11 -15.23 29.48
CA ARG A 469 9.34 -14.69 29.93
C ARG A 469 10.09 -15.83 30.60
N ILE A 470 11.34 -15.99 30.21
CA ILE A 470 12.14 -17.10 30.71
C ILE A 470 12.22 -17.07 32.24
N GLY A 471 11.93 -18.22 32.85
CA GLY A 471 12.03 -18.38 34.31
C GLY A 471 10.71 -18.14 35.02
N GLU A 472 10.07 -17.03 34.71
CA GLU A 472 8.89 -16.58 35.43
C GLU A 472 7.74 -17.57 35.29
N ASP A 473 6.86 -17.55 36.27
CA ASP A 473 5.70 -18.44 36.27
C ASP A 473 4.56 -17.68 35.63
N ASP A 474 4.26 -18.02 34.36
CA ASP A 474 3.19 -17.33 33.63
C ASP A 474 2.36 -18.28 32.75
N VAL A 475 2.47 -19.58 33.05
CA VAL A 475 1.92 -20.63 32.20
C VAL A 475 0.39 -20.54 32.02
N THR B 5 13.89 -5.44 -28.30
CA THR B 5 15.37 -5.41 -28.27
C THR B 5 15.92 -4.69 -27.00
N ARG B 6 17.24 -4.71 -26.87
CA ARG B 6 17.88 -4.59 -25.57
C ARG B 6 17.82 -3.19 -25.03
N ARG B 7 17.59 -3.06 -23.72
CA ARG B 7 17.49 -1.74 -23.09
C ARG B 7 18.76 -1.44 -22.31
N GLY B 8 19.31 -2.45 -21.65
CA GLY B 8 20.53 -2.27 -20.88
C GLY B 8 21.74 -2.16 -21.78
N LYS B 9 22.63 -1.23 -21.46
CA LYS B 9 23.78 -0.96 -22.32
C LYS B 9 24.98 -1.79 -21.94
N ILE B 10 25.88 -1.97 -22.90
CA ILE B 10 27.07 -2.79 -22.74
C ILE B 10 28.33 -2.01 -23.04
N VAL B 11 29.26 -2.01 -22.09
CA VAL B 11 30.54 -1.31 -22.25
C VAL B 11 31.63 -2.33 -22.51
N CYS B 12 32.43 -2.16 -23.55
CA CYS B 12 33.52 -3.12 -23.82
C CYS B 12 34.86 -2.46 -23.76
N THR B 13 35.85 -3.21 -23.32
CA THR B 13 37.18 -2.65 -23.18
C THR B 13 38.03 -3.10 -24.37
N LEU B 14 38.70 -2.16 -25.00
CA LEU B 14 39.54 -2.48 -26.15
C LEU B 14 40.95 -2.74 -25.72
N GLY B 15 41.57 -3.71 -26.38
CA GLY B 15 42.99 -3.98 -26.21
C GLY B 15 43.45 -5.03 -27.19
N PRO B 16 44.57 -5.69 -26.89
CA PRO B 16 45.19 -6.64 -27.80
C PRO B 16 44.22 -7.56 -28.54
N ALA B 17 43.19 -8.07 -27.87
CA ALA B 17 42.33 -9.06 -28.50
C ALA B 17 41.40 -8.45 -29.51
N THR B 18 41.22 -7.14 -29.47
CA THR B 18 40.34 -6.50 -30.42
C THR B 18 41.08 -5.70 -31.49
N GLN B 19 42.40 -5.83 -31.56
CA GLN B 19 43.18 -5.08 -32.52
C GLN B 19 43.27 -5.74 -33.87
N ARG B 20 42.89 -7.01 -33.97
CA ARG B 20 42.95 -7.74 -35.25
C ARG B 20 41.81 -7.30 -36.16
N ASP B 21 41.90 -7.64 -37.43
CA ASP B 21 41.16 -6.89 -38.42
C ASP B 21 39.65 -6.98 -38.28
N ASP B 22 39.09 -5.79 -38.10
CA ASP B 22 37.68 -5.59 -38.01
C ASP B 22 37.03 -6.29 -36.87
N LEU B 23 37.73 -6.47 -35.76
CA LEU B 23 37.09 -7.00 -34.57
C LEU B 23 36.32 -5.93 -33.83
N VAL B 24 36.75 -4.70 -33.93
CA VAL B 24 36.03 -3.62 -33.34
C VAL B 24 34.69 -3.45 -34.02
N ARG B 25 34.69 -3.62 -35.33
CA ARG B 25 33.46 -3.53 -36.08
C ARG B 25 32.54 -4.67 -35.63
N ALA B 26 33.12 -5.83 -35.42
CA ALA B 26 32.37 -6.98 -35.04
C ALA B 26 31.71 -6.79 -33.68
N LEU B 27 32.37 -6.05 -32.79
CA LEU B 27 31.86 -5.82 -31.44
C LEU B 27 30.69 -4.88 -31.52
N VAL B 28 30.83 -3.86 -32.34
CA VAL B 28 29.79 -2.87 -32.48
C VAL B 28 28.54 -3.54 -33.04
N GLU B 29 28.74 -4.37 -34.05
CA GLU B 29 27.65 -5.11 -34.66
C GLU B 29 27.05 -6.10 -33.68
N ALA B 30 27.84 -6.58 -32.73
CA ALA B 30 27.36 -7.51 -31.73
C ALA B 30 26.61 -6.81 -30.56
N GLY B 31 26.74 -5.49 -30.47
CA GLY B 31 25.94 -4.72 -29.55
C GLY B 31 26.70 -3.79 -28.63
N MET B 32 28.00 -3.68 -28.78
CA MET B 32 28.75 -2.76 -27.95
C MET B 32 28.17 -1.36 -28.03
N ASP B 33 27.90 -0.74 -26.91
CA ASP B 33 27.35 0.59 -26.88
C ASP B 33 28.39 1.63 -26.49
N VAL B 34 29.37 1.23 -25.70
CA VAL B 34 30.44 2.12 -25.31
C VAL B 34 31.75 1.36 -25.34
N ALA B 35 32.78 1.99 -25.86
CA ALA B 35 34.10 1.38 -25.92
C ALA B 35 34.98 2.11 -24.95
N ARG B 36 35.65 1.35 -24.09
CA ARG B 36 36.55 1.88 -23.07
C ARG B 36 37.96 1.70 -23.54
N MET B 37 38.71 2.80 -23.52
CA MET B 37 40.11 2.77 -23.82
C MET B 37 40.80 2.84 -22.48
N ASN B 38 41.55 1.80 -22.16
CA ASN B 38 42.16 1.72 -20.85
C ASN B 38 43.58 2.25 -20.95
N PHE B 39 43.81 3.43 -20.38
CA PHE B 39 45.15 4.03 -20.40
C PHE B 39 46.17 3.40 -19.44
N SER B 40 45.83 2.31 -18.79
CA SER B 40 46.81 1.55 -18.06
C SER B 40 47.66 0.69 -18.98
N HIS B 41 47.19 0.48 -20.21
CA HIS B 41 47.93 -0.31 -21.19
C HIS B 41 48.03 0.40 -22.53
N GLY B 42 48.99 -0.01 -23.35
CA GLY B 42 49.10 0.48 -24.73
C GLY B 42 49.68 1.86 -24.83
N ASP B 43 50.10 2.23 -26.05
CA ASP B 43 50.62 3.57 -26.32
C ASP B 43 49.55 4.43 -27.00
N TYR B 44 49.86 5.70 -27.18
CA TYR B 44 48.94 6.61 -27.86
C TYR B 44 48.57 6.16 -29.27
N ASP B 45 49.49 5.55 -30.01
CA ASP B 45 49.14 5.04 -31.36
C ASP B 45 48.07 3.99 -31.29
N ASP B 46 48.19 3.09 -30.32
CA ASP B 46 47.19 2.06 -30.08
C ASP B 46 45.81 2.66 -29.84
N HIS B 47 45.76 3.67 -29.00
CA HIS B 47 44.49 4.22 -28.62
C HIS B 47 43.87 4.90 -29.81
N LYS B 48 44.71 5.61 -30.54
CA LYS B 48 44.32 6.34 -31.71
C LYS B 48 43.74 5.41 -32.79
N VAL B 49 44.40 4.31 -33.08
CA VAL B 49 43.87 3.38 -34.07
C VAL B 49 42.52 2.85 -33.61
N ALA B 50 42.42 2.46 -32.35
CA ALA B 50 41.20 1.87 -31.84
C ALA B 50 40.04 2.90 -31.86
N TYR B 51 40.31 4.11 -31.40
CA TYR B 51 39.35 5.19 -31.47
C TYR B 51 38.77 5.38 -32.88
N GLU B 52 39.62 5.30 -33.89
CA GLU B 52 39.15 5.53 -35.24
C GLU B 52 38.34 4.38 -35.76
N ARG B 53 38.64 3.18 -35.33
CA ARG B 53 37.92 2.02 -35.81
C ARG B 53 36.52 2.01 -35.21
N VAL B 54 36.36 2.68 -34.09
CA VAL B 54 35.09 2.77 -33.42
C VAL B 54 34.24 3.81 -34.10
N ARG B 55 34.83 4.94 -34.45
CA ARG B 55 34.12 5.97 -35.16
C ARG B 55 33.63 5.46 -36.49
N VAL B 56 34.47 4.70 -37.17
CA VAL B 56 34.11 4.15 -38.44
C VAL B 56 32.97 3.16 -38.31
N ALA B 57 33.05 2.30 -37.31
CA ALA B 57 32.05 1.30 -37.11
C ALA B 57 30.75 1.91 -36.66
N SER B 58 30.81 2.94 -35.83
CA SER B 58 29.61 3.61 -35.40
C SER B 58 28.95 4.27 -36.61
N ASP B 59 29.73 4.94 -37.43
CA ASP B 59 29.17 5.62 -38.58
C ASP B 59 28.69 4.66 -39.67
N ALA B 60 29.34 3.52 -39.79
CA ALA B 60 29.03 2.58 -40.85
C ALA B 60 27.82 1.74 -40.53
N THR B 61 27.55 1.54 -39.26
CA THR B 61 26.40 0.73 -38.89
C THR B 61 25.21 1.60 -38.47
N GLY B 62 25.51 2.83 -38.07
CA GLY B 62 24.50 3.73 -37.58
C GLY B 62 24.16 3.51 -36.13
N ARG B 63 24.91 2.64 -35.45
CA ARG B 63 24.75 2.49 -34.02
C ARG B 63 25.56 3.53 -33.29
N ALA B 64 24.98 4.10 -32.25
CA ALA B 64 25.67 5.03 -31.40
C ALA B 64 26.71 4.25 -30.61
N VAL B 65 27.91 4.79 -30.52
CA VAL B 65 28.94 4.18 -29.71
C VAL B 65 29.75 5.26 -29.06
N GLY B 66 29.69 5.30 -27.74
CA GLY B 66 30.50 6.26 -26.98
C GLY B 66 31.92 5.76 -26.84
N VAL B 67 32.84 6.69 -26.69
CA VAL B 67 34.18 6.33 -26.41
C VAL B 67 34.49 6.86 -25.05
N LEU B 68 34.95 5.97 -24.19
CA LEU B 68 35.19 6.28 -22.79
C LEU B 68 36.66 6.12 -22.52
N ALA B 69 37.27 7.18 -22.01
CA ALA B 69 38.67 7.19 -21.66
C ALA B 69 38.81 6.94 -20.15
N ASP B 70 39.46 5.84 -19.80
CA ASP B 70 39.70 5.46 -18.41
C ASP B 70 41.11 5.87 -18.00
N LEU B 71 41.19 6.85 -17.10
CA LEU B 71 42.46 7.29 -16.59
C LEU B 71 42.92 6.39 -15.46
N GLN B 72 44.20 6.03 -15.51
CA GLN B 72 44.80 5.10 -14.58
C GLN B 72 44.63 5.55 -13.13
N GLY B 73 44.79 6.84 -12.88
CA GLY B 73 44.69 7.38 -11.53
C GLY B 73 45.96 7.11 -10.75
N PRO B 74 45.92 7.33 -9.42
CA PRO B 74 46.97 6.99 -8.47
C PRO B 74 47.03 5.50 -8.15
N LYS B 75 47.27 4.71 -9.16
CA LYS B 75 47.43 3.29 -9.01
C LYS B 75 48.82 3.10 -8.47
N ILE B 76 48.92 2.26 -7.45
CA ILE B 76 50.20 1.90 -6.88
C ILE B 76 50.64 0.60 -7.53
N ARG B 77 51.86 0.56 -8.03
CA ARG B 77 52.35 -0.64 -8.64
C ARG B 77 53.80 -0.94 -8.32
N LEU B 78 54.18 -2.19 -8.57
CA LEU B 78 55.55 -2.61 -8.35
C LEU B 78 56.45 -2.00 -9.42
N GLY B 79 57.73 -1.92 -9.11
CA GLY B 79 58.71 -1.50 -10.09
C GLY B 79 59.11 -2.66 -11.00
N ARG B 80 60.38 -2.67 -11.37
CA ARG B 80 60.88 -3.58 -12.38
C ARG B 80 61.76 -4.66 -11.74
N PHE B 81 61.69 -5.88 -12.28
CA PHE B 81 62.47 -7.00 -11.78
C PHE B 81 63.64 -7.26 -12.76
N ALA B 82 64.78 -7.71 -12.21
CA ALA B 82 65.92 -8.11 -13.03
C ALA B 82 65.51 -9.17 -14.06
N SER B 83 64.81 -10.21 -13.61
CA SER B 83 64.42 -11.33 -14.48
C SER B 83 63.17 -11.04 -15.33
N GLY B 84 62.60 -9.84 -15.17
CA GLY B 84 61.35 -9.48 -15.82
C GLY B 84 60.14 -9.95 -15.04
N ALA B 85 60.12 -11.25 -14.72
CA ALA B 85 59.03 -11.84 -13.96
C ALA B 85 59.58 -12.93 -13.04
N THR B 86 59.15 -12.90 -11.78
CA THR B 86 59.56 -13.93 -10.81
C THR B 86 58.33 -14.73 -10.28
N HIS B 87 58.49 -15.40 -9.15
CA HIS B 87 57.38 -16.13 -8.53
C HIS B 87 57.47 -15.97 -7.01
N TRP B 88 56.39 -15.45 -6.43
CA TRP B 88 56.29 -15.27 -4.99
C TRP B 88 55.55 -16.43 -4.34
N ALA B 89 56.27 -17.16 -3.49
CA ALA B 89 55.77 -18.42 -2.94
C ALA B 89 55.43 -18.34 -1.43
N GLU B 90 54.35 -19.03 -1.05
CA GLU B 90 53.89 -19.07 0.34
C GLU B 90 55.04 -19.44 1.27
N GLY B 91 55.56 -18.46 2.00
CA GLY B 91 56.67 -18.74 2.89
C GLY B 91 57.80 -17.72 2.84
N GLU B 92 57.94 -17.06 1.69
CA GLU B 92 59.13 -16.23 1.41
C GLU B 92 59.08 -14.86 2.03
N THR B 93 60.26 -14.28 2.26
CA THR B 93 60.33 -12.88 2.65
C THR B 93 60.58 -12.05 1.42
N VAL B 94 59.91 -10.91 1.35
CA VAL B 94 60.02 -10.05 0.20
C VAL B 94 60.09 -8.59 0.66
N ARG B 95 60.91 -7.80 -0.03
CA ARG B 95 61.06 -6.37 0.30
C ARG B 95 60.48 -5.52 -0.82
N ILE B 96 59.77 -4.48 -0.42
CA ILE B 96 59.22 -3.54 -1.36
C ILE B 96 59.73 -2.18 -0.91
N THR B 97 60.64 -1.59 -1.68
CA THR B 97 61.32 -0.38 -1.21
C THR B 97 60.95 0.84 -2.02
N VAL B 98 60.90 2.00 -1.37
CA VAL B 98 60.59 3.27 -2.04
C VAL B 98 61.82 3.82 -2.76
N GLY B 99 63.00 3.33 -2.37
CA GLY B 99 64.24 3.68 -3.08
C GLY B 99 64.25 3.00 -4.43
N ALA B 100 64.90 3.63 -5.39
CA ALA B 100 64.94 3.08 -6.73
C ALA B 100 65.94 1.91 -6.76
N CYS B 101 65.61 0.91 -7.56
CA CYS B 101 66.52 -0.20 -7.81
C CYS B 101 65.96 -0.99 -8.97
N GLU B 102 66.76 -1.88 -9.52
CA GLU B 102 66.25 -2.82 -10.47
C GLU B 102 65.99 -4.08 -9.69
N GLY B 103 64.83 -4.08 -9.07
CA GLY B 103 64.44 -5.12 -8.16
C GLY B 103 64.72 -6.56 -8.57
N SER B 104 65.10 -7.34 -7.59
CA SER B 104 65.21 -8.76 -7.73
C SER B 104 64.03 -9.44 -7.00
N HIS B 105 63.92 -10.74 -7.22
CA HIS B 105 62.93 -11.55 -6.55
C HIS B 105 62.72 -11.21 -5.04
N ASP B 106 63.79 -10.96 -4.29
CA ASP B 106 63.66 -10.67 -2.84
C ASP B 106 63.40 -9.19 -2.59
N ARG B 107 63.87 -8.35 -3.51
CA ARG B 107 63.82 -6.92 -3.32
C ARG B 107 63.27 -6.25 -4.57
N VAL B 108 62.38 -5.27 -4.41
CA VAL B 108 61.76 -4.60 -5.55
C VAL B 108 61.20 -3.26 -5.14
N SER B 109 61.01 -2.41 -6.13
CA SER B 109 60.58 -1.08 -5.89
C SER B 109 59.06 -0.92 -6.10
N THR B 110 58.53 0.19 -5.63
CA THR B 110 57.18 0.58 -5.91
C THR B 110 57.16 2.03 -6.41
N THR B 111 56.04 2.41 -6.99
CA THR B 111 55.85 3.77 -7.42
C THR B 111 55.48 4.66 -6.23
N TYR B 112 54.84 4.06 -5.21
CA TYR B 112 54.41 4.84 -4.05
C TYR B 112 55.61 5.19 -3.20
N LYS B 113 55.92 6.46 -3.09
CA LYS B 113 57.14 6.86 -2.40
C LYS B 113 56.91 7.08 -0.93
N ARG B 114 55.65 7.07 -0.54
CA ARG B 114 55.34 7.17 0.86
C ARG B 114 55.05 5.79 1.46
N LEU B 115 55.50 4.71 0.80
CA LEU B 115 55.15 3.37 1.25
C LEU B 115 55.72 3.10 2.65
N ALA B 116 57.05 3.19 2.76
CA ALA B 116 57.74 2.98 4.02
C ALA B 116 57.19 3.90 5.13
N GLN B 117 56.95 5.16 4.81
CA GLN B 117 56.50 6.09 5.84
C GLN B 117 54.99 5.94 6.15
N ASP B 118 54.26 5.17 5.34
CA ASP B 118 52.81 4.97 5.57
C ASP B 118 52.39 3.51 5.89
N ALA B 119 53.22 2.53 5.51
CA ALA B 119 52.92 1.15 5.84
C ALA B 119 53.32 0.87 7.29
N VAL B 120 52.58 0.01 7.97
CA VAL B 120 52.94 -0.41 9.35
C VAL B 120 52.89 -1.91 9.45
N ALA B 121 53.44 -2.45 10.52
CA ALA B 121 53.48 -3.91 10.68
C ALA B 121 52.07 -4.51 10.83
N GLY B 122 51.85 -5.62 10.14
CA GLY B 122 50.54 -6.23 10.08
C GLY B 122 49.71 -5.84 8.87
N ASP B 123 50.17 -4.86 8.09
CA ASP B 123 49.45 -4.44 6.91
C ASP B 123 49.42 -5.57 5.87
N ARG B 124 48.27 -5.77 5.25
CA ARG B 124 48.13 -6.73 4.15
C ARG B 124 48.50 -6.08 2.81
N VAL B 125 49.09 -6.88 1.92
CA VAL B 125 49.41 -6.41 0.60
C VAL B 125 48.82 -7.35 -0.41
N LEU B 126 47.91 -6.87 -1.22
CA LEU B 126 47.30 -7.71 -2.22
C LEU B 126 47.77 -7.31 -3.59
N VAL B 127 48.19 -8.30 -4.36
CA VAL B 127 48.77 -8.05 -5.65
C VAL B 127 47.80 -8.51 -6.71
N ASP B 128 47.69 -7.72 -7.80
CA ASP B 128 46.90 -8.12 -8.96
C ASP B 128 45.47 -8.51 -8.55
N ASP B 129 44.86 -7.70 -7.65
CA ASP B 129 43.46 -7.86 -7.18
C ASP B 129 43.18 -9.19 -6.43
N GLY B 130 44.18 -9.72 -5.73
CA GLY B 130 43.99 -10.88 -4.82
C GLY B 130 44.56 -12.21 -5.30
N LYS B 131 45.46 -12.17 -6.26
CA LYS B 131 46.09 -13.39 -6.78
C LYS B 131 47.26 -13.81 -5.91
N VAL B 132 47.81 -12.84 -5.18
CA VAL B 132 48.92 -13.06 -4.25
C VAL B 132 48.73 -12.12 -3.08
N ALA B 133 48.95 -12.64 -1.88
CA ALA B 133 48.76 -11.87 -0.65
C ALA B 133 50.01 -11.92 0.21
N LEU B 134 50.31 -10.81 0.87
CA LEU B 134 51.52 -10.66 1.65
C LEU B 134 51.16 -10.00 2.94
N VAL B 135 51.99 -10.18 3.95
CA VAL B 135 51.85 -9.41 5.17
C VAL B 135 53.16 -8.71 5.54
N VAL B 136 53.03 -7.44 5.88
CA VAL B 136 54.13 -6.58 6.33
C VAL B 136 54.69 -7.04 7.70
N ASP B 137 55.97 -7.40 7.70
CA ASP B 137 56.70 -7.74 8.92
C ASP B 137 57.37 -6.53 9.57
N ALA B 138 58.13 -5.77 8.77
CA ALA B 138 58.83 -4.60 9.31
C ALA B 138 59.03 -3.46 8.29
N VAL B 139 59.09 -2.24 8.82
CA VAL B 139 59.58 -1.09 8.06
C VAL B 139 60.99 -0.78 8.52
N GLU B 140 61.99 -1.18 7.73
CA GLU B 140 63.40 -0.87 8.02
C GLU B 140 63.92 0.24 7.08
N GLY B 141 64.11 1.45 7.61
CA GLY B 141 64.57 2.60 6.82
C GLY B 141 63.67 2.88 5.64
N ASP B 142 64.12 2.51 4.45
CA ASP B 142 63.38 2.73 3.19
C ASP B 142 62.70 1.46 2.65
N ASP B 143 62.69 0.37 3.42
CA ASP B 143 62.13 -0.90 2.93
C ASP B 143 60.93 -1.39 3.74
N VAL B 144 60.01 -2.07 3.05
CA VAL B 144 58.87 -2.70 3.68
C VAL B 144 59.05 -4.19 3.54
N VAL B 145 59.36 -4.84 4.67
CA VAL B 145 59.66 -6.28 4.68
C VAL B 145 58.36 -7.06 4.82
N CYS B 146 58.19 -8.08 3.97
CA CYS B 146 56.91 -8.79 3.89
C CYS B 146 57.09 -10.26 3.85
N THR B 147 56.07 -10.98 4.32
CA THR B 147 56.05 -12.41 4.22
C THR B 147 54.92 -12.76 3.31
N VAL B 148 55.20 -13.53 2.28
CA VAL B 148 54.17 -14.01 1.41
C VAL B 148 53.28 -14.98 2.17
N VAL B 149 51.97 -14.82 2.03
CA VAL B 149 50.98 -15.64 2.74
C VAL B 149 50.11 -16.48 1.79
N GLU B 150 49.80 -15.93 0.63
CA GLU B 150 49.21 -16.72 -0.46
C GLU B 150 50.06 -16.45 -1.68
N GLY B 151 50.65 -17.49 -2.24
CA GLY B 151 51.64 -17.34 -3.31
C GLY B 151 51.05 -17.30 -4.72
N GLY B 152 51.90 -16.94 -5.68
CA GLY B 152 51.47 -16.80 -7.06
C GLY B 152 52.48 -16.05 -7.91
N PRO B 153 52.02 -15.46 -9.05
CA PRO B 153 52.90 -14.79 -10.05
C PRO B 153 53.06 -13.24 -9.89
N VAL B 154 54.30 -12.72 -9.99
CA VAL B 154 54.54 -11.23 -10.02
C VAL B 154 55.41 -10.73 -11.21
N SER B 155 54.78 -9.95 -12.08
CA SER B 155 55.47 -9.30 -13.19
C SER B 155 55.92 -7.89 -12.79
N ASP B 156 56.49 -7.19 -13.75
CA ASP B 156 56.85 -5.81 -13.57
C ASP B 156 55.57 -4.99 -13.61
N ASN B 157 55.56 -3.95 -12.77
CA ASN B 157 54.53 -2.92 -12.78
C ASN B 157 53.11 -3.42 -12.43
N LYS B 158 53.01 -4.58 -11.79
CA LYS B 158 51.73 -5.11 -11.38
C LYS B 158 51.21 -4.31 -10.20
N GLY B 159 49.89 -4.26 -10.08
CA GLY B 159 49.26 -3.35 -9.13
C GLY B 159 49.09 -3.97 -7.77
N ILE B 160 49.42 -3.20 -6.74
CA ILE B 160 49.23 -3.69 -5.40
C ILE B 160 48.28 -2.78 -4.68
N SER B 161 47.62 -3.33 -3.69
CA SER B 161 46.66 -2.61 -2.91
C SER B 161 46.96 -2.91 -1.45
N LEU B 162 46.92 -1.89 -0.61
CA LEU B 162 47.15 -2.07 0.81
C LEU B 162 45.87 -1.71 1.59
N PRO B 163 44.97 -2.68 1.76
CA PRO B 163 43.69 -2.36 2.41
C PRO B 163 43.86 -1.62 3.74
N GLY B 164 43.04 -0.60 3.95
CA GLY B 164 43.06 0.11 5.21
C GLY B 164 43.98 1.30 5.14
N MET B 165 45.25 1.10 4.76
CA MET B 165 46.25 2.18 4.74
C MET B 165 45.81 3.42 3.95
N ASN B 166 45.80 4.56 4.62
CA ASN B 166 45.40 5.82 4.03
C ASN B 166 46.48 6.26 3.03
N VAL B 167 46.10 6.39 1.77
CA VAL B 167 47.03 6.75 0.72
C VAL B 167 46.96 8.25 0.53
N THR B 168 48.12 8.88 0.39
CA THR B 168 48.21 10.26 0.01
C THR B 168 48.78 10.29 -1.39
N ALA B 169 47.94 10.74 -2.34
CA ALA B 169 48.37 10.86 -3.73
C ALA B 169 47.42 11.77 -4.44
N PRO B 170 47.96 12.59 -5.35
CA PRO B 170 47.07 13.46 -6.09
C PRO B 170 46.12 12.61 -6.96
N ALA B 171 44.88 13.07 -7.08
CA ALA B 171 43.83 12.38 -7.86
C ALA B 171 44.21 12.18 -9.32
N LEU B 172 44.86 13.19 -9.88
CA LEU B 172 45.46 13.09 -11.19
C LEU B 172 46.99 13.12 -11.10
N SER B 173 47.63 12.08 -11.60
CA SER B 173 49.08 12.05 -11.76
C SER B 173 49.53 12.79 -13.03
N GLU B 174 50.83 12.92 -13.21
CA GLU B 174 51.33 13.59 -14.39
C GLU B 174 50.94 12.80 -15.63
N LYS B 175 51.00 11.49 -15.54
CA LYS B 175 50.58 10.62 -16.61
C LYS B 175 49.14 10.81 -16.95
N ASP B 176 48.30 10.88 -15.94
CA ASP B 176 46.88 11.08 -16.16
C ASP B 176 46.58 12.33 -16.97
N ILE B 177 47.10 13.45 -16.51
CA ILE B 177 46.92 14.73 -17.17
C ILE B 177 47.34 14.67 -18.66
N GLU B 178 48.49 14.09 -18.95
CA GLU B 178 48.93 13.89 -20.32
C GLU B 178 47.90 13.08 -21.06
N ASP B 179 47.50 11.96 -20.47
CA ASP B 179 46.53 11.05 -21.08
C ASP B 179 45.15 11.70 -21.25
N LEU B 180 44.79 12.58 -20.32
CA LEU B 180 43.52 13.24 -20.41
C LEU B 180 43.56 14.18 -21.58
N THR B 181 44.58 15.01 -21.64
CA THR B 181 44.78 15.91 -22.74
C THR B 181 44.71 15.19 -24.09
N PHE B 182 45.47 14.12 -24.23
CA PHE B 182 45.54 13.39 -25.48
C PHE B 182 44.18 12.92 -25.88
N ALA B 183 43.42 12.41 -24.91
CA ALA B 183 42.07 11.88 -25.16
C ALA B 183 41.07 12.98 -25.53
N LEU B 184 41.15 14.11 -24.87
CA LEU B 184 40.28 15.20 -25.17
C LEU B 184 40.53 15.71 -26.59
N ASN B 185 41.79 15.81 -27.00
CA ASN B 185 42.10 16.24 -28.37
C ASN B 185 41.71 15.20 -29.39
N LEU B 186 41.78 13.94 -28.98
CA LEU B 186 41.42 12.84 -29.84
C LEU B 186 39.92 12.80 -30.09
N GLY B 187 39.15 13.29 -29.12
CA GLY B 187 37.71 13.43 -29.29
C GLY B 187 36.85 12.35 -28.64
N VAL B 188 37.27 11.85 -27.47
CA VAL B 188 36.48 10.92 -26.71
C VAL B 188 35.26 11.63 -26.15
N ASP B 189 34.28 10.86 -25.71
CA ASP B 189 33.01 11.41 -25.30
C ASP B 189 32.88 11.52 -23.80
N MET B 190 33.55 10.63 -23.08
CA MET B 190 33.45 10.56 -21.63
C MET B 190 34.83 10.26 -21.07
N VAL B 191 34.99 10.52 -19.78
CA VAL B 191 36.21 10.22 -19.10
C VAL B 191 35.89 9.56 -17.77
N ALA B 192 36.58 8.46 -17.46
CA ALA B 192 36.47 7.84 -16.13
C ALA B 192 37.73 8.06 -15.36
N LEU B 193 37.57 8.30 -14.07
CA LEU B 193 38.70 8.54 -13.21
C LEU B 193 38.77 7.42 -12.16
N SER B 194 39.93 6.80 -12.04
CA SER B 194 40.10 5.70 -11.13
C SER B 194 40.46 6.18 -9.72
N PHE B 195 40.03 5.39 -8.75
CA PHE B 195 40.39 5.59 -7.35
C PHE B 195 39.91 6.91 -6.77
N VAL B 196 38.74 7.33 -7.22
CA VAL B 196 38.15 8.57 -6.73
C VAL B 196 37.90 8.44 -5.24
N ARG B 197 38.12 9.52 -4.51
CA ARG B 197 37.97 9.48 -3.05
C ARG B 197 37.06 10.55 -2.49
N SER B 198 36.97 11.71 -3.15
CA SER B 198 36.09 12.76 -2.68
C SER B 198 35.41 13.44 -3.85
N PRO B 199 34.41 14.28 -3.57
CA PRO B 199 33.77 15.05 -4.62
C PRO B 199 34.69 16.07 -5.27
N ALA B 200 35.73 16.50 -4.55
CA ALA B 200 36.62 17.54 -5.05
C ALA B 200 37.51 17.05 -6.18
N ASP B 201 37.55 15.74 -6.37
CA ASP B 201 38.39 15.17 -7.40
C ASP B 201 37.93 15.55 -8.80
N VAL B 202 36.64 15.75 -8.97
CA VAL B 202 36.11 16.14 -10.26
C VAL B 202 36.55 17.54 -10.63
N GLU B 203 36.74 18.40 -9.64
CA GLU B 203 37.16 19.77 -9.92
C GLU B 203 38.56 19.79 -10.50
N LEU B 204 39.40 18.82 -10.16
CA LEU B 204 40.74 18.74 -10.75
C LEU B 204 40.66 18.33 -12.22
N VAL B 205 39.78 17.40 -12.51
CA VAL B 205 39.58 16.98 -13.87
C VAL B 205 39.02 18.14 -14.66
N HIS B 206 38.08 18.87 -14.06
CA HIS B 206 37.46 20.03 -14.72
C HIS B 206 38.49 21.15 -15.04
N GLU B 207 39.45 21.38 -14.15
CA GLU B 207 40.50 22.35 -14.40
C GLU B 207 41.27 22.01 -15.68
N VAL B 208 41.62 20.74 -15.86
CA VAL B 208 42.37 20.32 -17.04
C VAL B 208 41.56 20.47 -18.31
N MET B 209 40.28 20.16 -18.23
CA MET B 209 39.41 20.25 -19.38
C MET B 209 39.23 21.70 -19.79
N ASP B 210 39.11 22.58 -18.80
CA ASP B 210 38.92 24.00 -19.06
C ASP B 210 40.16 24.63 -19.67
N ARG B 211 41.33 24.19 -19.22
CA ARG B 211 42.57 24.67 -19.76
C ARG B 211 42.62 24.34 -21.25
N ILE B 212 42.29 23.11 -21.59
CA ILE B 212 42.38 22.62 -22.96
C ILE B 212 41.21 23.07 -23.82
N GLY B 213 40.15 23.55 -23.18
CA GLY B 213 39.02 24.14 -23.88
C GLY B 213 38.01 23.12 -24.38
N ARG B 214 37.79 22.06 -23.61
CA ARG B 214 36.79 21.05 -23.97
C ARG B 214 36.36 20.20 -22.78
N ARG B 215 35.05 20.15 -22.54
CA ARG B 215 34.53 19.31 -21.46
C ARG B 215 33.77 18.12 -21.96
N VAL B 216 33.81 17.05 -21.16
CA VAL B 216 32.96 15.92 -21.35
C VAL B 216 32.51 15.42 -20.00
N PRO B 217 31.56 14.50 -20.02
CA PRO B 217 31.09 13.92 -18.77
C PRO B 217 32.19 13.14 -18.07
N VAL B 218 32.26 13.26 -16.75
CA VAL B 218 33.25 12.53 -15.97
C VAL B 218 32.62 11.43 -15.15
N ILE B 219 33.17 10.24 -15.27
CA ILE B 219 32.67 9.08 -14.51
C ILE B 219 33.60 8.78 -13.33
N ALA B 220 33.03 8.75 -12.13
CA ALA B 220 33.79 8.35 -10.94
C ALA B 220 33.76 6.85 -10.85
N LYS B 221 34.92 6.22 -10.87
CA LYS B 221 35.03 4.83 -10.53
C LYS B 221 35.09 4.67 -9.02
N LEU B 222 34.27 3.77 -8.51
CA LEU B 222 34.16 3.52 -7.07
C LEU B 222 34.93 2.27 -6.72
N GLU B 223 36.09 2.46 -6.10
CA GLU B 223 36.93 1.34 -5.73
C GLU B 223 37.74 1.64 -4.48
N LYS B 224 37.20 2.51 -3.62
CA LYS B 224 37.90 2.93 -2.42
C LYS B 224 36.90 3.10 -1.30
N PRO B 225 37.30 2.84 -0.07
CA PRO B 225 36.38 3.03 1.06
C PRO B 225 35.91 4.47 1.18
N GLU B 226 36.82 5.43 0.95
CA GLU B 226 36.48 6.85 1.09
C GLU B 226 35.41 7.25 0.08
N ALA B 227 35.43 6.60 -1.08
CA ALA B 227 34.42 6.82 -2.10
C ALA B 227 33.06 6.38 -1.63
N ILE B 228 33.00 5.27 -0.92
CA ILE B 228 31.73 4.74 -0.48
C ILE B 228 31.16 5.53 0.71
N ASP B 229 32.03 6.13 1.51
CA ASP B 229 31.60 6.99 2.63
C ASP B 229 31.03 8.31 2.10
N ASN B 230 31.51 8.72 0.93
CA ASN B 230 31.07 9.95 0.31
C ASN B 230 30.25 9.67 -0.94
N LEU B 231 29.62 8.50 -0.98
CA LEU B 231 28.92 8.08 -2.18
C LEU B 231 27.93 9.14 -2.70
N GLU B 232 27.10 9.68 -1.83
CA GLU B 232 26.11 10.63 -2.29
C GLU B 232 26.77 11.88 -2.86
N ALA B 233 27.76 12.41 -2.14
CA ALA B 233 28.45 13.61 -2.59
C ALA B 233 29.11 13.37 -3.94
N ILE B 234 29.73 12.21 -4.10
CA ILE B 234 30.37 11.84 -5.36
C ILE B 234 29.39 11.71 -6.53
N VAL B 235 28.26 11.06 -6.30
CA VAL B 235 27.25 10.87 -7.35
C VAL B 235 26.68 12.22 -7.81
N LEU B 236 26.70 13.21 -6.92
CA LEU B 236 26.20 14.52 -7.23
C LEU B 236 27.22 15.36 -7.98
N ALA B 237 28.51 15.22 -7.65
CA ALA B 237 29.54 16.06 -8.28
C ALA B 237 29.97 15.52 -9.62
N PHE B 238 29.94 14.20 -9.78
CA PHE B 238 30.30 13.58 -11.04
C PHE B 238 29.07 13.36 -11.91
N ASP B 239 29.28 13.01 -13.16
CA ASP B 239 28.20 12.85 -14.11
C ASP B 239 27.71 11.42 -14.18
N ALA B 240 28.55 10.50 -13.74
CA ALA B 240 28.15 9.10 -13.71
C ALA B 240 29.04 8.32 -12.74
N VAL B 241 28.66 7.07 -12.42
CA VAL B 241 29.51 6.24 -11.59
C VAL B 241 29.68 4.84 -12.16
N MET B 242 30.88 4.30 -11.97
CA MET B 242 31.20 2.92 -12.29
C MET B 242 31.57 2.17 -11.01
N VAL B 243 30.84 1.10 -10.71
CA VAL B 243 31.17 0.25 -9.60
C VAL B 243 32.34 -0.62 -10.03
N ALA B 244 33.54 -0.25 -9.59
CA ALA B 244 34.72 -0.89 -10.10
C ALA B 244 35.12 -2.04 -9.20
N ARG B 245 34.51 -3.20 -9.42
CA ARG B 245 34.50 -4.28 -8.43
C ARG B 245 35.83 -4.95 -8.23
N GLY B 246 36.68 -4.93 -9.24
CA GLY B 246 38.01 -5.48 -9.09
C GLY B 246 38.77 -4.90 -7.89
N ASP B 247 39.06 -3.62 -7.92
CA ASP B 247 39.81 -3.01 -6.83
C ASP B 247 38.90 -2.84 -5.63
N LEU B 248 37.61 -2.69 -5.85
CA LEU B 248 36.70 -2.52 -4.71
C LEU B 248 36.75 -3.74 -3.80
N GLY B 249 36.96 -4.92 -4.38
CA GLY B 249 37.01 -6.17 -3.62
C GLY B 249 38.37 -6.50 -3.01
N VAL B 250 39.31 -5.57 -3.12
CA VAL B 250 40.55 -5.68 -2.37
C VAL B 250 40.74 -4.50 -1.45
N GLU B 251 40.21 -3.34 -1.83
CA GLU B 251 40.22 -2.16 -0.95
C GLU B 251 39.21 -2.30 0.22
N LEU B 252 38.21 -3.12 -0.01
CA LEU B 252 37.20 -3.46 0.94
C LEU B 252 37.13 -4.97 1.03
N PRO B 253 36.57 -5.50 2.10
CA PRO B 253 36.30 -6.95 2.12
C PRO B 253 35.41 -7.35 0.95
N LEU B 254 35.75 -8.44 0.28
CA LEU B 254 35.01 -8.82 -0.92
C LEU B 254 33.56 -9.19 -0.60
N GLU B 255 33.31 -9.59 0.62
CA GLU B 255 31.96 -9.97 1.02
C GLU B 255 30.99 -8.76 1.11
N GLU B 256 31.53 -7.55 1.15
CA GLU B 256 30.73 -6.34 1.25
C GLU B 256 30.40 -5.75 -0.11
N VAL B 257 31.05 -6.23 -1.13
CA VAL B 257 30.97 -5.59 -2.43
C VAL B 257 29.57 -5.68 -3.00
N PRO B 258 28.91 -6.84 -2.85
CA PRO B 258 27.59 -6.97 -3.44
C PRO B 258 26.53 -5.98 -2.93
N LEU B 259 26.60 -5.58 -1.68
CA LEU B 259 25.64 -4.64 -1.18
C LEU B 259 26.03 -3.23 -1.52
N VAL B 260 27.33 -2.99 -1.60
CA VAL B 260 27.80 -1.68 -2.01
C VAL B 260 27.34 -1.46 -3.43
N GLN B 261 27.48 -2.48 -4.28
CA GLN B 261 27.01 -2.38 -5.65
C GLN B 261 25.53 -1.96 -5.72
N LYS B 262 24.67 -2.57 -4.92
CA LYS B 262 23.24 -2.27 -5.02
C LYS B 262 22.93 -0.90 -4.51
N ARG B 263 23.70 -0.46 -3.54
CA ARG B 263 23.50 0.82 -2.91
C ARG B 263 23.88 1.95 -3.85
N ALA B 264 24.94 1.72 -4.63
CA ALA B 264 25.46 2.70 -5.58
C ALA B 264 24.55 2.84 -6.79
N ILE B 265 24.06 1.73 -7.30
CA ILE B 265 23.12 1.75 -8.42
C ILE B 265 21.87 2.52 -8.02
N GLN B 266 21.35 2.26 -6.83
CA GLN B 266 20.14 2.94 -6.34
C GLN B 266 20.42 4.44 -6.20
N MET B 267 21.58 4.78 -5.67
CA MET B 267 21.96 6.17 -5.43
C MET B 267 22.08 6.90 -6.78
N ALA B 268 22.62 6.22 -7.78
CA ALA B 268 22.74 6.79 -9.11
C ALA B 268 21.36 7.03 -9.67
N ARG B 269 20.56 5.98 -9.74
CA ARG B 269 19.18 6.10 -10.20
C ARG B 269 18.33 7.20 -9.51
N GLU B 270 18.47 7.37 -8.21
CA GLU B 270 17.70 8.39 -7.52
C GLU B 270 18.09 9.78 -8.00
N ASN B 271 19.32 9.93 -8.51
CA ASN B 271 19.83 11.22 -8.96
C ASN B 271 19.99 11.31 -10.46
N ALA B 272 19.40 10.34 -11.16
CA ALA B 272 19.42 10.30 -12.62
C ALA B 272 20.83 10.45 -13.16
N LYS B 273 21.72 9.64 -12.63
CA LYS B 273 23.05 9.55 -13.14
C LYS B 273 23.25 8.14 -13.58
N PRO B 274 23.97 7.97 -14.68
CA PRO B 274 24.17 6.61 -15.17
C PRO B 274 25.09 5.85 -14.27
N VAL B 275 24.86 4.57 -14.14
CA VAL B 275 25.75 3.76 -13.36
C VAL B 275 26.19 2.57 -14.20
N ILE B 276 27.48 2.26 -14.13
CA ILE B 276 28.03 1.11 -14.80
C ILE B 276 28.53 0.12 -13.77
N VAL B 277 28.35 -1.16 -14.05
CA VAL B 277 28.85 -2.21 -13.16
C VAL B 277 29.99 -2.90 -13.87
N ALA B 278 31.14 -2.96 -13.25
CA ALA B 278 32.33 -3.44 -13.92
C ALA B 278 33.06 -4.60 -13.24
N THR B 279 33.72 -5.35 -14.10
CA THR B 279 34.81 -6.23 -13.76
C THR B 279 34.38 -7.60 -13.30
N GLN B 280 34.89 -8.60 -14.02
CA GLN B 280 34.69 -10.01 -13.71
C GLN B 280 33.26 -10.53 -13.86
N MET B 281 32.46 -9.88 -14.68
CA MET B 281 31.09 -10.33 -14.84
C MET B 281 31.04 -11.63 -15.58
N LEU B 282 31.85 -11.77 -16.63
CA LEU B 282 31.96 -13.04 -17.33
C LEU B 282 33.42 -13.42 -17.39
N ASP B 283 34.06 -13.36 -16.23
CA ASP B 283 35.51 -13.54 -16.14
C ASP B 283 36.04 -14.80 -16.79
N SER B 284 35.33 -15.90 -16.64
CA SER B 284 35.81 -17.16 -17.14
C SER B 284 35.82 -17.21 -18.67
N MET B 285 35.19 -16.26 -19.33
CA MET B 285 35.15 -16.27 -20.80
C MET B 285 36.42 -15.73 -21.43
N ILE B 286 37.36 -15.34 -20.59
CA ILE B 286 38.69 -15.08 -21.03
C ILE B 286 39.31 -16.37 -21.57
N GLU B 287 38.98 -17.53 -20.97
CA GLU B 287 39.51 -18.83 -21.43
C GLU B 287 38.47 -19.74 -22.04
N ASN B 288 37.21 -19.55 -21.68
CA ASN B 288 36.14 -20.50 -22.04
C ASN B 288 35.04 -19.89 -22.89
N SER B 289 34.48 -20.71 -23.78
CA SER B 289 33.46 -20.23 -24.71
C SER B 289 32.10 -19.98 -24.02
N ARG B 290 31.90 -20.53 -22.83
CA ARG B 290 30.66 -20.32 -22.08
C ARG B 290 31.01 -19.92 -20.69
N PRO B 291 30.19 -19.09 -20.07
CA PRO B 291 30.48 -18.61 -18.72
C PRO B 291 30.05 -19.60 -17.63
N THR B 292 30.32 -19.24 -16.37
CA THR B 292 29.85 -20.05 -15.25
C THR B 292 28.44 -19.66 -14.83
N ARG B 293 27.82 -20.54 -14.06
CA ARG B 293 26.51 -20.25 -13.59
C ARG B 293 26.51 -19.00 -12.69
N ALA B 294 27.60 -18.75 -12.00
CA ALA B 294 27.68 -17.57 -11.17
C ALA B 294 27.81 -16.33 -12.03
N GLU B 295 28.51 -16.46 -13.13
CA GLU B 295 28.69 -15.33 -13.99
C GLU B 295 27.36 -14.94 -14.65
N ALA B 296 26.65 -15.91 -15.21
CA ALA B 296 25.31 -15.61 -15.77
C ALA B 296 24.43 -14.93 -14.70
N SER B 297 24.49 -15.43 -13.47
CA SER B 297 23.70 -14.90 -12.38
C SER B 297 24.08 -13.48 -12.03
N ASP B 298 25.37 -13.21 -12.09
CA ASP B 298 25.89 -11.91 -11.73
C ASP B 298 25.41 -10.84 -12.73
N VAL B 299 25.38 -11.18 -14.01
CA VAL B 299 24.93 -10.27 -15.04
C VAL B 299 23.44 -10.05 -14.93
N ALA B 300 22.69 -11.13 -14.75
CA ALA B 300 21.24 -11.02 -14.58
C ALA B 300 20.92 -10.16 -13.39
N ASN B 301 21.66 -10.34 -12.29
CA ASN B 301 21.39 -9.60 -11.09
C ASN B 301 21.75 -8.13 -11.19
N ALA B 302 22.81 -7.78 -11.92
CA ALA B 302 23.09 -6.36 -12.17
C ALA B 302 21.96 -5.68 -13.00
N VAL B 303 21.32 -6.40 -13.90
CA VAL B 303 20.22 -5.83 -14.64
C VAL B 303 19.01 -5.54 -13.74
N LEU B 304 18.69 -6.49 -12.87
CA LEU B 304 17.61 -6.35 -11.91
C LEU B 304 17.94 -5.33 -10.83
N ASP B 305 19.19 -5.21 -10.46
CA ASP B 305 19.58 -4.14 -9.55
C ASP B 305 19.18 -2.78 -10.15
N GLY B 306 19.21 -2.68 -11.47
CA GLY B 306 18.82 -1.46 -12.18
C GLY B 306 19.96 -0.72 -12.86
N ALA B 307 21.02 -1.43 -13.18
CA ALA B 307 22.17 -0.82 -13.79
C ALA B 307 21.87 -0.34 -15.20
N ASP B 308 22.32 0.88 -15.49
CA ASP B 308 22.28 1.43 -16.84
C ASP B 308 23.10 0.52 -17.76
N ALA B 309 24.26 0.11 -17.31
CA ALA B 309 25.22 -0.53 -18.21
C ALA B 309 26.11 -1.50 -17.45
N LEU B 310 26.49 -2.56 -18.13
CA LEU B 310 27.41 -3.54 -17.62
C LEU B 310 28.63 -3.52 -18.48
N MET B 311 29.78 -3.80 -17.90
CA MET B 311 31.05 -3.66 -18.60
C MET B 311 31.84 -4.96 -18.67
N LEU B 312 32.52 -5.16 -19.79
CA LEU B 312 33.47 -6.22 -19.96
C LEU B 312 34.85 -5.62 -19.96
N SER B 313 35.79 -6.27 -19.29
CA SER B 313 37.12 -5.77 -19.23
C SER B 313 38.06 -6.72 -19.94
N GLY B 314 38.61 -7.70 -19.23
CA GLY B 314 39.53 -8.67 -19.81
C GLY B 314 38.84 -9.57 -20.80
N GLU B 315 37.54 -9.70 -20.66
CA GLU B 315 36.77 -10.59 -21.52
C GLU B 315 36.85 -10.18 -22.97
N THR B 316 36.99 -8.87 -23.23
CA THR B 316 37.11 -8.39 -24.62
C THR B 316 38.50 -7.88 -24.94
N SER B 317 39.18 -7.36 -23.91
CA SER B 317 40.49 -6.71 -24.11
C SER B 317 41.63 -7.68 -24.34
N VAL B 318 41.68 -8.79 -23.61
CA VAL B 318 42.77 -9.74 -23.81
C VAL B 318 42.38 -11.16 -24.09
N GLY B 319 41.13 -11.50 -23.93
CA GLY B 319 40.72 -12.91 -23.95
C GLY B 319 40.56 -13.53 -25.33
N LYS B 320 40.13 -14.79 -25.32
CA LYS B 320 40.01 -15.60 -26.53
C LYS B 320 38.62 -15.55 -27.16
N TYR B 321 37.65 -14.96 -26.46
CA TYR B 321 36.29 -14.92 -26.97
C TYR B 321 35.62 -13.56 -26.80
N PRO B 322 36.26 -12.51 -27.30
CA PRO B 322 35.70 -11.16 -27.15
C PRO B 322 34.30 -10.99 -27.72
N LEU B 323 34.05 -11.60 -28.87
CA LEU B 323 32.77 -11.46 -29.52
C LEU B 323 31.70 -12.26 -28.83
N ALA B 324 32.04 -13.49 -28.45
CA ALA B 324 31.09 -14.33 -27.77
C ALA B 324 30.72 -13.74 -26.42
N ALA B 325 31.68 -13.09 -25.76
CA ALA B 325 31.41 -12.50 -24.48
C ALA B 325 30.31 -11.47 -24.62
N VAL B 326 30.46 -10.60 -25.61
CA VAL B 326 29.49 -9.57 -25.83
C VAL B 326 28.15 -10.16 -26.22
N ARG B 327 28.16 -11.15 -27.06
CA ARG B 327 26.91 -11.80 -27.45
C ARG B 327 26.25 -12.47 -26.27
N THR B 328 27.04 -13.13 -25.44
CA THR B 328 26.54 -13.81 -24.28
C THR B 328 26.02 -12.83 -23.25
N MET B 329 26.71 -11.73 -23.06
CA MET B 329 26.25 -10.74 -22.15
C MET B 329 24.90 -10.20 -22.63
N SER B 330 24.78 -10.01 -23.92
CA SER B 330 23.57 -9.47 -24.49
C SER B 330 22.38 -10.42 -24.34
N ARG B 331 22.59 -11.70 -24.60
CA ARG B 331 21.52 -12.67 -24.42
C ARG B 331 20.97 -12.68 -23.00
N ILE B 332 21.86 -12.60 -22.01
CA ILE B 332 21.43 -12.67 -20.62
C ILE B 332 20.59 -11.45 -20.31
N ILE B 333 21.08 -10.28 -20.71
CA ILE B 333 20.35 -9.05 -20.50
C ILE B 333 18.96 -9.15 -21.12
N CYS B 334 18.90 -9.57 -22.38
CA CYS B 334 17.63 -9.69 -23.06
C CYS B 334 16.73 -10.72 -22.35
N ALA B 335 17.29 -11.83 -21.90
CA ALA B 335 16.46 -12.85 -21.26
C ALA B 335 15.81 -12.28 -20.05
N VAL B 336 16.56 -11.50 -19.29
CA VAL B 336 15.99 -10.89 -18.09
C VAL B 336 14.93 -9.87 -18.43
N GLU B 337 15.26 -8.97 -19.36
CA GLU B 337 14.31 -7.90 -19.76
C GLU B 337 13.02 -8.38 -20.40
N GLU B 338 13.06 -9.49 -21.13
CA GLU B 338 11.86 -10.04 -21.76
C GLU B 338 10.84 -10.37 -20.69
N ASN B 339 11.33 -10.93 -19.60
CA ASN B 339 10.46 -11.26 -18.52
C ASN B 339 9.89 -9.97 -17.95
N SER B 340 10.76 -9.08 -17.47
CA SER B 340 10.32 -7.78 -16.96
C SER B 340 11.45 -6.77 -17.01
N THR B 341 11.10 -5.50 -17.16
CA THR B 341 12.12 -4.45 -17.12
C THR B 341 12.07 -3.69 -15.78
N ALA B 342 11.23 -4.18 -14.86
CA ALA B 342 11.06 -3.56 -13.54
C ALA B 342 12.32 -3.53 -12.71
N ALA B 343 12.58 -2.35 -12.15
CA ALA B 343 13.69 -2.12 -11.27
C ALA B 343 13.20 -1.80 -9.85
N PRO B 344 14.11 -1.75 -8.89
CA PRO B 344 13.74 -1.37 -7.55
C PRO B 344 13.07 -0.03 -7.53
N PRO B 345 11.99 0.09 -6.80
CA PRO B 345 11.35 1.37 -6.68
C PRO B 345 12.28 2.46 -6.16
N LEU B 346 12.02 3.68 -6.60
CA LEU B 346 12.77 4.81 -6.15
C LEU B 346 12.05 5.39 -4.96
N THR B 347 12.78 5.93 -3.99
CA THR B 347 12.17 6.48 -2.78
C THR B 347 12.01 8.00 -2.82
N HIS B 348 12.80 8.66 -3.66
CA HIS B 348 12.72 10.10 -3.75
C HIS B 348 11.48 10.49 -4.53
N ILE B 349 10.94 11.63 -4.20
CA ILE B 349 9.75 12.07 -4.84
C ILE B 349 10.07 13.33 -5.60
N PRO B 350 9.72 13.34 -6.89
CA PRO B 350 10.12 14.42 -7.77
C PRO B 350 9.62 15.77 -7.30
N ARG B 351 10.54 16.73 -7.14
CA ARG B 351 10.16 18.10 -6.79
C ARG B 351 10.58 19.11 -7.86
N THR B 352 11.33 18.64 -8.85
CA THR B 352 11.81 19.50 -9.89
C THR B 352 10.93 19.36 -11.11
N LYS B 353 10.62 20.50 -11.72
CA LYS B 353 9.75 20.56 -12.87
C LYS B 353 10.03 19.44 -13.86
N ARG B 354 11.29 19.28 -14.22
CA ARG B 354 11.69 18.30 -15.22
C ARG B 354 11.37 16.91 -14.73
N GLY B 355 11.62 16.67 -13.45
CA GLY B 355 11.43 15.34 -12.87
C GLY B 355 9.95 14.98 -12.84
N VAL B 356 9.16 15.94 -12.33
CA VAL B 356 7.74 15.78 -12.18
C VAL B 356 7.06 15.45 -13.50
N ILE B 357 7.49 16.14 -14.55
CA ILE B 357 6.95 15.94 -15.89
C ILE B 357 7.36 14.59 -16.49
N SER B 358 8.53 14.13 -16.12
CA SER B 358 9.03 12.88 -16.62
C SER B 358 8.14 11.76 -16.08
N TYR B 359 7.86 11.78 -14.75
CA TYR B 359 6.97 10.78 -14.12
C TYR B 359 5.64 10.79 -14.84
N ALA B 360 5.06 11.98 -14.95
CA ALA B 360 3.80 12.15 -15.61
C ALA B 360 3.81 11.58 -17.03
N ALA B 361 4.85 11.86 -17.79
CA ALA B 361 4.91 11.41 -19.15
C ALA B 361 4.93 9.90 -19.23
N ARG B 362 5.61 9.28 -18.28
CA ARG B 362 5.65 7.84 -18.23
C ARG B 362 4.25 7.29 -17.92
N ASP B 363 3.59 7.91 -16.95
CA ASP B 363 2.28 7.46 -16.55
C ASP B 363 1.34 7.46 -17.74
N ILE B 364 1.30 8.59 -18.44
CA ILE B 364 0.47 8.72 -19.62
C ILE B 364 0.80 7.66 -20.65
N GLY B 365 2.07 7.54 -20.96
CA GLY B 365 2.48 6.62 -21.98
C GLY B 365 2.07 5.21 -21.65
N GLU B 366 2.26 4.81 -20.41
CA GLU B 366 2.01 3.44 -20.01
C GLU B 366 0.52 3.17 -20.00
N ARG B 367 -0.26 4.08 -19.43
CA ARG B 367 -1.69 3.90 -19.35
C ARG B 367 -2.38 3.94 -20.72
N LEU B 368 -1.82 4.68 -21.67
CA LEU B 368 -2.40 4.78 -23.00
C LEU B 368 -1.82 3.78 -23.99
N ASP B 369 -0.99 2.86 -23.51
CA ASP B 369 -0.35 1.88 -24.39
C ASP B 369 0.45 2.57 -25.51
N ALA B 370 1.14 3.65 -25.20
CA ALA B 370 1.88 4.40 -26.22
C ALA B 370 3.02 3.56 -26.76
N LYS B 371 3.32 3.74 -28.03
CA LYS B 371 4.35 2.96 -28.68
C LYS B 371 5.74 3.41 -28.29
N ALA B 372 5.86 4.64 -27.76
CA ALA B 372 7.16 5.22 -27.43
C ALA B 372 7.05 6.52 -26.64
N LEU B 373 8.07 6.82 -25.86
CA LEU B 373 8.22 8.14 -25.25
C LEU B 373 9.31 8.84 -25.97
N VAL B 374 9.12 10.12 -26.19
CA VAL B 374 10.04 10.91 -26.95
C VAL B 374 10.38 12.11 -26.12
N ALA B 375 11.66 12.35 -25.95
CA ALA B 375 12.04 13.56 -25.26
C ALA B 375 12.99 14.35 -26.11
N PHE B 376 12.78 15.66 -26.10
CA PHE B 376 13.73 16.59 -26.64
C PHE B 376 14.63 17.01 -25.52
N THR B 377 15.91 17.17 -25.78
CA THR B 377 16.82 17.59 -24.75
C THR B 377 18.10 18.19 -25.28
N GLN B 378 18.69 19.04 -24.45
N GLN B 378 18.70 19.04 -24.46
CA GLN B 378 19.91 19.75 -24.83
CA GLN B 378 19.93 19.75 -24.83
C GLN B 378 21.13 18.97 -24.35
C GLN B 378 21.13 18.97 -24.34
N SER B 379 21.09 18.57 -23.09
CA SER B 379 22.21 17.95 -22.47
C SER B 379 21.93 16.49 -22.17
N GLY B 380 20.70 16.07 -22.39
CA GLY B 380 20.27 14.71 -22.03
C GLY B 380 19.60 14.61 -20.66
N ASP B 381 19.65 15.71 -19.90
CA ASP B 381 19.15 15.72 -18.54
C ASP B 381 17.70 15.22 -18.37
N THR B 382 16.80 15.60 -19.26
CA THR B 382 15.41 15.18 -19.16
C THR B 382 15.29 13.70 -19.48
N VAL B 383 16.14 13.23 -20.37
CA VAL B 383 16.07 11.86 -20.83
C VAL B 383 16.58 10.93 -19.76
N ARG B 384 17.51 11.40 -18.95
CA ARG B 384 18.11 10.57 -17.96
C ARG B 384 17.15 10.39 -16.81
N ARG B 385 16.29 11.39 -16.59
CA ARG B 385 15.30 11.34 -15.53
C ARG B 385 14.17 10.38 -15.87
N LEU B 386 14.02 10.13 -17.15
CA LEU B 386 13.04 9.18 -17.67
C LEU B 386 13.64 7.77 -17.76
N ALA B 387 14.95 7.72 -17.94
CA ALA B 387 15.63 6.47 -18.14
C ALA B 387 15.69 5.72 -16.85
N ARG B 388 15.94 6.42 -15.78
CA ARG B 388 16.02 5.80 -14.47
C ARG B 388 14.69 5.16 -14.05
N LEU B 389 13.58 5.63 -14.59
CA LEU B 389 12.27 5.04 -14.30
C LEU B 389 12.11 3.62 -14.81
N HIS B 390 12.91 3.24 -15.80
CA HIS B 390 12.86 1.90 -16.35
C HIS B 390 11.46 1.53 -16.85
N THR B 391 10.91 2.34 -17.72
CA THR B 391 9.69 1.99 -18.42
C THR B 391 9.93 0.98 -19.57
N PRO B 392 8.96 0.11 -19.85
CA PRO B 392 9.07 -0.81 -20.99
C PRO B 392 8.84 -0.14 -22.34
N LEU B 393 8.40 1.11 -22.32
CA LEU B 393 8.24 1.83 -23.55
C LEU B 393 9.59 2.28 -24.05
N PRO B 394 9.84 2.11 -25.38
CA PRO B 394 10.95 2.75 -26.06
C PRO B 394 11.09 4.17 -25.66
N LEU B 395 12.32 4.55 -25.35
CA LEU B 395 12.63 5.86 -24.90
C LEU B 395 13.54 6.46 -25.99
N LEU B 396 13.08 7.56 -26.61
CA LEU B 396 13.72 8.13 -27.81
C LEU B 396 14.06 9.60 -27.61
N ALA B 397 15.37 9.88 -27.56
CA ALA B 397 15.87 11.24 -27.33
C ALA B 397 16.12 11.98 -28.64
N PHE B 398 15.83 13.26 -28.66
CA PHE B 398 16.01 14.06 -29.84
C PHE B 398 16.87 15.23 -29.47
N THR B 399 17.95 15.42 -30.18
CA THR B 399 18.86 16.46 -29.80
C THR B 399 19.57 17.02 -31.02
N ALA B 400 20.07 18.22 -30.88
CA ALA B 400 20.83 18.82 -31.96
C ALA B 400 22.30 18.50 -31.82
N TRP B 401 22.76 18.36 -30.60
CA TRP B 401 24.18 18.09 -30.37
C TRP B 401 24.51 16.61 -30.60
N PRO B 402 25.44 16.32 -31.51
CA PRO B 402 25.73 14.95 -31.88
C PRO B 402 26.55 14.23 -30.85
N GLU B 403 27.27 14.97 -30.02
CA GLU B 403 28.08 14.37 -28.98
C GLU B 403 27.17 13.80 -27.92
N VAL B 404 25.98 14.36 -27.80
CA VAL B 404 24.99 13.89 -26.84
C VAL B 404 24.47 12.50 -27.17
N ARG B 405 24.47 12.14 -28.44
CA ARG B 405 24.07 10.81 -28.83
C ARG B 405 25.07 9.78 -28.35
N SER B 406 26.34 10.16 -28.35
CA SER B 406 27.39 9.30 -27.84
C SER B 406 27.35 9.18 -26.30
N GLN B 407 26.93 10.23 -25.64
CA GLN B 407 26.91 10.24 -24.19
C GLN B 407 25.74 9.46 -23.68
N LEU B 408 24.65 9.47 -24.41
CA LEU B 408 23.46 8.74 -24.03
C LEU B 408 23.56 7.28 -24.37
N ALA B 409 24.67 6.88 -24.96
CA ALA B 409 24.84 5.51 -25.32
C ALA B 409 24.98 4.63 -24.09
N MET B 410 25.36 5.20 -22.95
CA MET B 410 25.43 4.42 -21.71
C MET B 410 24.26 4.65 -20.77
N THR B 411 23.19 5.24 -21.27
CA THR B 411 22.00 5.47 -20.47
C THR B 411 20.92 4.44 -20.83
N TRP B 412 20.34 3.84 -19.79
CA TRP B 412 19.38 2.76 -19.96
C TRP B 412 18.29 3.07 -20.99
N GLY B 413 18.07 2.11 -21.89
CA GLY B 413 16.84 2.00 -22.66
C GLY B 413 16.64 3.05 -23.73
N THR B 414 17.71 3.74 -24.10
CA THR B 414 17.62 4.97 -24.82
C THR B 414 18.29 4.97 -26.20
N GLU B 415 17.54 5.34 -27.23
CA GLU B 415 18.09 5.55 -28.55
C GLU B 415 18.01 7.05 -28.83
N THR B 416 18.98 7.61 -29.54
CA THR B 416 19.03 9.04 -29.77
C THR B 416 18.97 9.39 -31.25
N PHE B 417 18.38 10.55 -31.54
CA PHE B 417 18.25 11.04 -32.91
C PHE B 417 18.80 12.43 -33.02
N ILE B 418 19.63 12.63 -34.03
CA ILE B 418 20.17 13.94 -34.28
C ILE B 418 19.25 14.62 -35.23
N VAL B 419 18.93 15.87 -34.93
CA VAL B 419 18.06 16.68 -35.75
C VAL B 419 18.51 18.13 -35.72
N PRO B 420 18.20 18.86 -36.79
CA PRO B 420 18.48 20.29 -36.82
C PRO B 420 17.65 21.03 -35.79
N LYS B 421 18.16 22.17 -35.31
CA LYS B 421 17.52 22.93 -34.22
C LYS B 421 16.19 23.50 -34.70
N MET B 422 15.16 23.40 -33.84
CA MET B 422 13.80 23.75 -34.26
C MET B 422 13.27 24.95 -33.51
N GLN B 423 12.38 25.68 -34.16
CA GLN B 423 11.90 26.97 -33.64
C GLN B 423 10.37 27.09 -33.72
N SER B 424 9.68 26.01 -33.36
CA SER B 424 8.22 25.95 -33.27
C SER B 424 7.82 24.55 -32.78
N THR B 425 6.73 24.44 -32.05
CA THR B 425 6.22 23.11 -31.70
C THR B 425 5.80 22.34 -32.99
N ASP B 426 5.12 23.00 -33.94
CA ASP B 426 4.85 22.42 -35.28
C ASP B 426 6.07 21.71 -35.88
N GLY B 427 7.20 22.43 -35.86
CA GLY B 427 8.49 21.88 -36.28
C GLY B 427 8.82 20.56 -35.58
N MET B 428 8.74 20.57 -34.25
CA MET B 428 9.10 19.37 -33.44
C MET B 428 8.29 18.17 -33.87
N ILE B 429 6.98 18.34 -33.95
CA ILE B 429 6.10 17.26 -34.33
C ILE B 429 6.40 16.75 -35.73
N ARG B 430 6.55 17.64 -36.70
CA ARG B 430 6.87 17.19 -38.05
C ARG B 430 8.19 16.42 -37.98
N GLN B 431 9.14 17.01 -37.26
CA GLN B 431 10.44 16.39 -37.06
C GLN B 431 10.33 14.96 -36.50
N VAL B 432 9.58 14.79 -35.41
CA VAL B 432 9.44 13.49 -34.80
C VAL B 432 8.86 12.48 -35.78
N ASP B 433 7.75 12.83 -36.41
CA ASP B 433 7.07 11.91 -37.30
C ASP B 433 7.99 11.51 -38.43
N LYS B 434 8.78 12.46 -38.91
CA LYS B 434 9.70 12.17 -39.99
C LYS B 434 10.73 11.18 -39.51
N SER B 435 11.40 11.53 -38.41
CA SER B 435 12.48 10.70 -37.90
C SER B 435 12.00 9.31 -37.60
N LEU B 436 10.83 9.19 -36.98
CA LEU B 436 10.33 7.89 -36.54
C LEU B 436 9.78 7.04 -37.68
N LEU B 437 9.26 7.70 -38.71
CA LEU B 437 8.65 6.97 -39.81
C LEU B 437 9.67 6.23 -40.65
N GLU B 438 10.93 6.62 -40.51
CA GLU B 438 12.02 6.04 -41.30
C GLU B 438 12.41 4.67 -40.77
N LEU B 439 11.77 4.24 -39.69
CA LEU B 439 11.96 2.90 -39.17
C LEU B 439 10.70 2.10 -39.39
N ALA B 440 10.83 0.80 -39.62
CA ALA B 440 9.69 -0.09 -39.50
C ALA B 440 9.38 -0.20 -38.01
N ARG B 441 8.15 -0.59 -37.67
CA ARG B 441 7.65 -0.52 -36.29
C ARG B 441 7.33 0.90 -35.83
N TYR B 442 7.54 1.88 -36.70
CA TYR B 442 6.82 3.13 -36.58
C TYR B 442 6.05 3.41 -37.86
N LYS B 443 4.75 3.53 -37.69
CA LYS B 443 3.81 3.67 -38.81
C LYS B 443 2.84 4.78 -38.47
N ARG B 444 2.17 5.31 -39.47
CA ARG B 444 1.16 6.32 -39.23
C ARG B 444 0.09 5.75 -38.32
N GLY B 445 -0.35 6.53 -37.34
CA GLY B 445 -1.35 6.07 -36.35
C GLY B 445 -0.77 5.71 -34.99
N ASP B 446 0.49 5.25 -34.98
CA ASP B 446 1.18 4.96 -33.74
C ASP B 446 1.14 6.16 -32.80
N LEU B 447 0.89 5.86 -31.55
CA LEU B 447 0.69 6.86 -30.54
C LEU B 447 1.98 7.01 -29.77
N VAL B 448 2.42 8.25 -29.57
CA VAL B 448 3.63 8.50 -28.79
C VAL B 448 3.40 9.66 -27.86
N VAL B 449 4.24 9.80 -26.86
CA VAL B 449 4.12 10.89 -25.94
C VAL B 449 5.39 11.69 -26.01
N ILE B 450 5.25 13.00 -26.17
CA ILE B 450 6.38 13.86 -26.40
C ILE B 450 6.58 14.86 -25.25
N VAL B 451 7.79 14.95 -24.76
CA VAL B 451 8.12 15.91 -23.71
C VAL B 451 9.01 16.95 -24.34
N ALA B 452 8.80 18.22 -24.03
CA ALA B 452 9.48 19.27 -24.77
C ALA B 452 9.41 20.62 -24.05
N GLY B 453 9.84 21.71 -24.73
CA GLY B 453 9.67 23.12 -24.26
C GLY B 453 9.54 24.12 -25.42
N SER B 461 13.53 24.19 -18.42
CA SER B 461 13.30 24.57 -19.82
C SER B 461 12.39 23.56 -20.56
N THR B 462 12.19 22.39 -19.96
CA THR B 462 11.15 21.43 -20.38
C THR B 462 9.82 21.75 -19.66
N ASN B 463 8.74 21.92 -20.41
CA ASN B 463 7.47 22.23 -19.78
C ASN B 463 6.21 21.83 -20.55
N LEU B 464 6.23 20.70 -21.24
CA LEU B 464 5.15 20.39 -22.14
C LEU B 464 5.02 18.90 -22.40
N ILE B 465 3.81 18.38 -22.33
CA ILE B 465 3.61 16.99 -22.70
C ILE B 465 2.55 16.95 -23.74
N HIS B 466 2.75 16.12 -24.75
CA HIS B 466 1.91 16.15 -25.91
C HIS B 466 1.64 14.76 -26.36
N VAL B 467 0.39 14.38 -26.35
CA VAL B 467 0.04 13.04 -26.78
C VAL B 467 -0.30 13.11 -28.23
N HIS B 468 0.47 12.40 -29.05
CA HIS B 468 0.47 12.60 -30.48
C HIS B 468 0.42 11.29 -31.24
N ARG B 469 -0.43 11.27 -32.25
CA ARG B 469 -0.52 10.14 -33.11
C ARG B 469 0.31 10.46 -34.33
N ILE B 470 1.19 9.54 -34.71
CA ILE B 470 2.09 9.75 -35.82
C ILE B 470 1.31 10.08 -37.09
N GLY B 471 1.71 11.17 -37.76
CA GLY B 471 1.12 11.57 -39.03
C GLY B 471 0.01 12.60 -38.88
N GLU B 472 -0.93 12.30 -37.99
CA GLU B 472 -2.14 13.11 -37.85
C GLU B 472 -1.83 14.53 -37.41
N ASP B 473 -2.72 15.45 -37.78
CA ASP B 473 -2.57 16.83 -37.36
C ASP B 473 -3.33 17.00 -36.07
N ASP B 474 -2.58 17.09 -34.97
CA ASP B 474 -3.17 17.26 -33.64
C ASP B 474 -2.37 18.25 -32.76
N VAL B 475 -1.52 19.05 -33.42
CA VAL B 475 -0.53 19.88 -32.74
C VAL B 475 -1.17 20.92 -31.80
N THR C 5 -26.79 -9.87 14.56
CA THR C 5 -27.38 -8.84 15.46
C THR C 5 -26.39 -7.71 15.83
N ARG C 6 -26.89 -6.73 16.55
CA ARG C 6 -26.31 -5.40 16.57
C ARG C 6 -25.01 -5.34 17.34
N ARG C 7 -24.04 -4.59 16.84
CA ARG C 7 -22.73 -4.47 17.49
C ARG C 7 -22.61 -3.14 18.19
N GLY C 8 -23.11 -2.09 17.57
CA GLY C 8 -23.08 -0.76 18.15
C GLY C 8 -24.07 -0.64 19.28
N LYS C 9 -23.66 0.00 20.37
CA LYS C 9 -24.48 0.09 21.56
C LYS C 9 -25.35 1.35 21.54
N ILE C 10 -26.44 1.30 22.30
CA ILE C 10 -27.40 2.38 22.37
C ILE C 10 -27.61 2.85 23.80
N VAL C 11 -27.42 4.14 24.03
CA VAL C 11 -27.63 4.72 25.36
C VAL C 11 -28.95 5.48 25.38
N CYS C 12 -29.83 5.24 26.35
CA CYS C 12 -31.09 5.98 26.42
C CYS C 12 -31.21 6.79 27.68
N THR C 13 -31.87 7.92 27.58
CA THR C 13 -31.99 8.78 28.73
C THR C 13 -33.38 8.60 29.34
N LEU C 14 -33.43 8.41 30.65
CA LEU C 14 -34.70 8.20 31.34
C LEU C 14 -35.23 9.52 31.84
N GLY C 15 -36.55 9.67 31.75
CA GLY C 15 -37.25 10.79 32.34
C GLY C 15 -38.76 10.60 32.22
N PRO C 16 -39.50 11.71 32.32
CA PRO C 16 -40.96 11.65 32.33
C PRO C 16 -41.59 10.67 31.33
N ALA C 17 -41.07 10.58 30.13
CA ALA C 17 -41.73 9.75 29.12
C ALA C 17 -41.52 8.28 29.34
N THR C 18 -40.55 7.92 30.16
CA THR C 18 -40.31 6.51 30.44
C THR C 18 -40.75 6.08 31.83
N GLN C 19 -41.45 6.94 32.55
CA GLN C 19 -41.86 6.61 33.91
C GLN C 19 -43.15 5.82 33.97
N ARG C 20 -43.90 5.80 32.87
CA ARG C 20 -45.18 5.09 32.82
C ARG C 20 -44.94 3.58 32.76
N ASP C 21 -45.97 2.81 33.07
CA ASP C 21 -45.72 1.46 33.56
C ASP C 21 -45.05 0.54 32.53
N ASP C 22 -43.91 0.05 32.96
CA ASP C 22 -43.12 -0.88 32.22
C ASP C 22 -42.63 -0.37 30.90
N LEU C 23 -42.38 0.92 30.81
CA LEU C 23 -41.75 1.47 29.61
C LEU C 23 -40.25 1.25 29.64
N VAL C 24 -39.68 1.22 30.82
CA VAL C 24 -38.28 0.94 30.94
C VAL C 24 -37.99 -0.48 30.49
N ARG C 25 -38.87 -1.38 30.85
CA ARG C 25 -38.73 -2.75 30.43
C ARG C 25 -38.82 -2.81 28.91
N ALA C 26 -39.74 -2.03 28.36
CA ALA C 26 -39.94 -2.01 26.93
C ALA C 26 -38.71 -1.50 26.19
N LEU C 27 -37.96 -0.59 26.80
CA LEU C 27 -36.79 -0.02 26.19
C LEU C 27 -35.68 -1.03 26.17
N VAL C 28 -35.55 -1.75 27.28
CA VAL C 28 -34.52 -2.74 27.40
C VAL C 28 -34.76 -3.83 26.36
N GLU C 29 -36.00 -4.25 26.24
CA GLU C 29 -36.38 -5.26 25.28
C GLU C 29 -36.20 -4.75 23.86
N ALA C 30 -36.29 -3.44 23.67
CA ALA C 30 -36.10 -2.85 22.35
C ALA C 30 -34.61 -2.66 21.99
N GLY C 31 -33.73 -2.80 22.98
CA GLY C 31 -32.31 -2.83 22.70
C GLY C 31 -31.46 -1.87 23.52
N MET C 32 -32.04 -1.13 24.45
CA MET C 32 -31.26 -0.23 25.25
C MET C 32 -30.13 -0.96 25.94
N ASP C 33 -28.91 -0.47 25.81
CA ASP C 33 -27.75 -1.10 26.43
C ASP C 33 -27.29 -0.34 27.67
N VAL C 34 -27.52 0.97 27.69
CA VAL C 34 -27.17 1.77 28.83
C VAL C 34 -28.25 2.80 29.10
N ALA C 35 -28.59 2.98 30.35
CA ALA C 35 -29.61 3.93 30.75
C ALA C 35 -28.93 5.07 31.45
N ARG C 36 -29.21 6.29 31.00
CA ARG C 36 -28.63 7.49 31.56
C ARG C 36 -29.65 8.15 32.46
N MET C 37 -29.24 8.44 33.67
CA MET C 37 -30.05 9.20 34.59
C MET C 37 -29.50 10.60 34.56
N ASN C 38 -30.32 11.55 34.14
CA ASN C 38 -29.85 12.91 34.01
C ASN C 38 -30.19 13.65 35.28
N PHE C 39 -29.16 13.98 36.07
CA PHE C 39 -29.36 14.73 37.33
C PHE C 39 -29.66 16.22 37.16
N SER C 40 -29.84 16.68 35.93
CA SER C 40 -30.34 18.02 35.72
C SER C 40 -31.83 18.11 35.94
N HIS C 41 -32.51 16.96 35.94
CA HIS C 41 -33.96 16.92 36.16
C HIS C 41 -34.33 15.87 37.20
N GLY C 42 -35.52 16.02 37.79
CA GLY C 42 -36.06 14.99 38.68
C GLY C 42 -35.47 15.02 40.06
N ASP C 43 -36.14 14.36 41.00
CA ASP C 43 -35.64 14.22 42.38
C ASP C 43 -35.00 12.85 42.60
N TYR C 44 -34.40 12.67 43.77
CA TYR C 44 -33.79 11.40 44.10
C TYR C 44 -34.77 10.21 44.04
N ASP C 45 -36.03 10.40 44.43
CA ASP C 45 -37.03 9.32 44.33
C ASP C 45 -37.22 8.89 42.91
N ASP C 46 -37.29 9.85 41.99
CA ASP C 46 -37.39 9.56 40.57
C ASP C 46 -36.24 8.69 40.10
N HIS C 47 -35.05 9.05 40.48
CA HIS C 47 -33.89 8.35 39.97
C HIS C 47 -33.89 6.94 40.52
N LYS C 48 -34.22 6.84 41.78
CA LYS C 48 -34.28 5.60 42.48
C LYS C 48 -35.29 4.63 41.86
N VAL C 49 -36.49 5.10 41.56
CA VAL C 49 -37.46 4.24 40.91
C VAL C 49 -36.96 3.77 39.55
N ALA C 50 -36.39 4.68 38.78
CA ALA C 50 -35.93 4.35 37.45
C ALA C 50 -34.76 3.35 37.50
N TYR C 51 -33.81 3.60 38.37
CA TYR C 51 -32.71 2.69 38.60
C TYR C 51 -33.19 1.27 38.89
N GLU C 52 -34.21 1.13 39.69
CA GLU C 52 -34.67 -0.20 40.05
C GLU C 52 -35.39 -0.89 38.92
N ARG C 53 -36.08 -0.12 38.09
CA ARG C 53 -36.81 -0.71 36.99
C ARG C 53 -35.84 -1.21 35.94
N VAL C 54 -34.63 -0.67 35.93
CA VAL C 54 -33.63 -1.07 34.99
C VAL C 54 -32.97 -2.34 35.46
N ARG C 55 -32.69 -2.41 36.74
CA ARG C 55 -32.11 -3.61 37.30
C ARG C 55 -33.04 -4.78 37.13
N VAL C 56 -34.32 -4.55 37.33
CA VAL C 56 -35.30 -5.59 37.18
C VAL C 56 -35.40 -6.04 35.73
N ALA C 57 -35.40 -5.09 34.82
CA ALA C 57 -35.52 -5.42 33.42
C ALA C 57 -34.27 -6.09 32.91
N SER C 58 -33.11 -5.68 33.39
CA SER C 58 -31.88 -6.32 33.00
C SER C 58 -31.88 -7.76 33.49
N ASP C 59 -32.27 -7.96 34.74
CA ASP C 59 -32.26 -9.30 35.31
C ASP C 59 -33.35 -10.20 34.72
N ALA C 60 -34.48 -9.61 34.34
CA ALA C 60 -35.60 -10.38 33.85
C ALA C 60 -35.45 -10.77 32.41
N THR C 61 -34.68 -10.02 31.66
CA THR C 61 -34.50 -10.35 30.24
C THR C 61 -33.16 -11.02 29.99
N GLY C 62 -32.22 -10.80 30.92
CA GLY C 62 -30.88 -11.33 30.76
C GLY C 62 -30.02 -10.46 29.87
N ARG C 63 -30.51 -9.27 29.50
CA ARG C 63 -29.70 -8.34 28.77
C ARG C 63 -28.92 -7.48 29.74
N ALA C 64 -27.65 -7.25 29.42
CA ALA C 64 -26.81 -6.37 30.21
C ALA C 64 -27.33 -4.94 30.00
N VAL C 65 -27.43 -4.19 31.07
CA VAL C 65 -27.78 -2.80 30.96
C VAL C 65 -27.02 -2.01 31.99
N GLY C 66 -26.16 -1.11 31.52
CA GLY C 66 -25.42 -0.24 32.42
C GLY C 66 -26.29 0.92 32.88
N VAL C 67 -25.98 1.45 34.05
CA VAL C 67 -26.65 2.63 34.49
C VAL C 67 -25.60 3.70 34.58
N LEU C 68 -25.88 4.81 33.91
CA LEU C 68 -24.94 5.90 33.78
C LEU C 68 -25.52 7.12 34.47
N ALA C 69 -24.77 7.65 35.41
CA ALA C 69 -25.16 8.84 36.13
C ALA C 69 -24.48 10.06 35.50
N ASP C 70 -25.30 10.99 34.99
CA ASP C 70 -24.81 12.21 34.36
C ASP C 70 -24.90 13.36 35.36
N LEU C 71 -23.74 13.86 35.77
CA LEU C 71 -23.69 14.98 36.68
C LEU C 71 -23.82 16.29 35.91
N GLN C 72 -24.66 17.19 36.43
CA GLN C 72 -24.98 18.45 35.79
C GLN C 72 -23.75 19.28 35.51
N GLY C 73 -22.80 19.31 36.44
CA GLY C 73 -21.60 20.10 36.29
C GLY C 73 -21.85 21.56 36.58
N PRO C 74 -20.89 22.44 36.24
CA PRO C 74 -21.01 23.88 36.32
C PRO C 74 -21.84 24.48 35.18
N LYS C 75 -23.09 24.07 35.11
CA LYS C 75 -24.01 24.58 34.13
C LYS C 75 -24.42 25.93 34.62
N ILE C 76 -24.41 26.90 33.72
CA ILE C 76 -24.87 28.24 34.02
C ILE C 76 -26.33 28.33 33.59
N ARG C 77 -27.19 28.78 34.47
CA ARG C 77 -28.59 28.92 34.11
C ARG C 77 -29.23 30.18 34.65
N LEU C 78 -30.38 30.51 34.07
CA LEU C 78 -31.15 31.66 34.53
C LEU C 78 -31.75 31.37 35.90
N GLY C 79 -32.08 32.42 36.63
CA GLY C 79 -32.81 32.28 37.86
C GLY C 79 -34.31 32.14 37.60
N ARG C 80 -35.08 32.75 38.48
CA ARG C 80 -36.53 32.54 38.49
C ARG C 80 -37.24 33.81 38.00
N PHE C 81 -38.34 33.62 37.28
CA PHE C 81 -39.14 34.73 36.77
C PHE C 81 -40.42 34.86 37.63
N ALA C 82 -40.90 36.10 37.80
CA ALA C 82 -42.15 36.33 38.51
C ALA C 82 -43.31 35.54 37.87
N SER C 83 -43.42 35.62 36.54
CA SER C 83 -44.52 34.96 35.80
C SER C 83 -44.28 33.47 35.56
N GLY C 84 -43.13 32.96 36.02
CA GLY C 84 -42.73 31.59 35.76
C GLY C 84 -42.03 31.45 34.41
N ALA C 85 -42.70 31.93 33.36
CA ALA C 85 -42.16 31.86 32.01
C ALA C 85 -42.56 33.11 31.24
N THR C 86 -41.61 33.72 30.55
CA THR C 86 -41.88 34.89 29.71
C THR C 86 -41.55 34.61 28.22
N HIS C 87 -41.39 35.66 27.43
CA HIS C 87 -41.03 35.51 26.01
C HIS C 87 -40.06 36.62 25.62
N TRP C 88 -38.90 36.22 25.14
CA TRP C 88 -37.86 37.15 24.71
C TRP C 88 -37.92 37.35 23.19
N ALA C 89 -38.23 38.58 22.79
CA ALA C 89 -38.52 38.89 21.38
C ALA C 89 -37.42 39.75 20.72
N GLU C 90 -37.16 39.46 19.44
CA GLU C 90 -36.13 40.16 18.66
C GLU C 90 -36.33 41.67 18.76
N GLY C 91 -35.50 42.34 19.53
CA GLY C 91 -35.63 43.78 19.68
C GLY C 91 -35.48 44.28 21.09
N GLU C 92 -35.78 43.41 22.07
CA GLU C 92 -35.92 43.83 23.47
C GLU C 92 -34.59 43.96 24.21
N THR C 93 -34.57 44.79 25.24
CA THR C 93 -33.43 44.84 26.13
C THR C 93 -33.72 43.96 27.32
N VAL C 94 -32.71 43.22 27.77
CA VAL C 94 -32.87 42.31 28.86
C VAL C 94 -31.65 42.39 29.79
N ARG C 95 -31.91 42.32 31.10
CA ARG C 95 -30.82 42.36 32.09
C ARG C 95 -30.68 41.00 32.76
N ILE C 96 -29.45 40.58 32.95
CA ILE C 96 -29.15 39.34 33.62
C ILE C 96 -28.18 39.71 34.72
N THR C 97 -28.65 39.65 35.96
CA THR C 97 -27.85 40.19 37.07
C THR C 97 -27.38 39.08 38.01
N VAL C 98 -26.19 39.27 38.58
CA VAL C 98 -25.63 38.32 39.56
C VAL C 98 -26.25 38.51 40.94
N GLY C 99 -26.85 39.69 41.16
CA GLY C 99 -27.60 39.96 42.39
C GLY C 99 -28.86 39.15 42.39
N ALA C 100 -29.33 38.78 43.57
CA ALA C 100 -30.52 37.97 43.68
C ALA C 100 -31.75 38.86 43.43
N CYS C 101 -32.75 38.29 42.80
CA CYS C 101 -34.05 38.95 42.63
C CYS C 101 -35.02 37.90 42.15
N GLU C 102 -36.30 38.24 42.18
CA GLU C 102 -37.28 37.39 41.54
C GLU C 102 -37.52 38.00 40.20
N GLY C 103 -36.64 37.66 39.29
CA GLY C 103 -36.61 38.24 37.97
C GLY C 103 -37.95 38.46 37.27
N SER C 104 -38.02 39.58 36.60
CA SER C 104 -39.10 39.87 35.72
C SER C 104 -38.62 39.72 34.26
N HIS C 105 -39.57 39.75 33.35
CA HIS C 105 -39.28 39.71 31.94
C HIS C 105 -38.05 40.57 31.49
N ASP C 106 -37.86 41.78 32.01
CA ASP C 106 -36.70 42.58 31.55
C ASP C 106 -35.48 42.36 32.44
N ARG C 107 -35.70 41.86 33.65
CA ARG C 107 -34.62 41.69 34.61
C ARG C 107 -34.68 40.29 35.22
N VAL C 108 -33.52 39.63 35.34
CA VAL C 108 -33.50 38.25 35.84
C VAL C 108 -32.09 37.88 36.33
N SER C 109 -32.04 36.87 37.16
CA SER C 109 -30.82 36.48 37.80
C SER C 109 -30.20 35.27 37.08
N THR C 110 -28.94 35.04 37.39
CA THR C 110 -28.24 33.86 36.94
C THR C 110 -27.57 33.18 38.13
N THR C 111 -27.18 31.94 37.93
CA THR C 111 -26.46 31.22 38.96
C THR C 111 -24.98 31.63 38.93
N TYR C 112 -24.48 32.05 37.77
CA TYR C 112 -23.07 32.42 37.65
C TYR C 112 -22.85 33.77 38.31
N LYS C 113 -22.07 33.79 39.37
CA LYS C 113 -21.94 35.01 40.16
C LYS C 113 -20.80 35.87 39.66
N ARG C 114 -20.01 35.31 38.75
CA ARG C 114 -18.96 36.08 38.14
C ARG C 114 -19.40 36.59 36.76
N LEU C 115 -20.72 36.65 36.50
CA LEU C 115 -21.18 37.02 35.17
C LEU C 115 -20.76 38.46 34.83
N ALA C 116 -21.22 39.41 35.65
CA ALA C 116 -20.88 40.80 35.47
C ALA C 116 -19.37 41.04 35.39
N GLN C 117 -18.61 40.39 36.25
CA GLN C 117 -17.18 40.64 36.27
C GLN C 117 -16.43 39.87 35.15
N ASP C 118 -17.12 38.96 34.46
CA ASP C 118 -16.48 38.20 33.37
C ASP C 118 -17.08 38.44 31.96
N ALA C 119 -18.31 38.95 31.89
CA ALA C 119 -18.88 39.30 30.60
C ALA C 119 -18.35 40.66 30.13
N VAL C 120 -18.17 40.82 28.83
CA VAL C 120 -17.79 42.13 28.25
C VAL C 120 -18.74 42.48 27.12
N ALA C 121 -18.70 43.73 26.68
CA ALA C 121 -19.58 44.17 25.60
C ALA C 121 -19.27 43.43 24.28
N GLY C 122 -20.35 43.03 23.60
CA GLY C 122 -20.23 42.25 22.39
C GLY C 122 -20.33 40.75 22.61
N ASP C 123 -20.33 40.28 23.86
CA ASP C 123 -20.46 38.88 24.14
C ASP C 123 -21.83 38.36 23.68
N ARG C 124 -21.83 37.19 23.05
CA ARG C 124 -23.09 36.54 22.66
C ARG C 124 -23.61 35.65 23.79
N VAL C 125 -24.93 35.58 23.90
CA VAL C 125 -25.55 34.76 24.92
C VAL C 125 -26.55 33.84 24.28
N LEU C 126 -26.32 32.56 24.36
CA LEU C 126 -27.24 31.61 23.75
C LEU C 126 -28.00 30.87 24.81
N VAL C 127 -29.30 30.80 24.64
CA VAL C 127 -30.16 30.21 25.63
C VAL C 127 -30.68 28.89 25.08
N ASP C 128 -30.77 27.87 25.96
CA ASP C 128 -31.39 26.59 25.61
C ASP C 128 -30.77 26.01 24.32
N ASP C 129 -29.43 26.09 24.24
CA ASP C 129 -28.63 25.54 23.10
C ASP C 129 -28.93 26.16 21.72
N GLY C 130 -29.30 27.46 21.71
CA GLY C 130 -29.47 28.20 20.44
C GLY C 130 -30.91 28.48 19.99
N LYS C 131 -31.86 28.38 20.91
CA LYS C 131 -33.25 28.71 20.60
C LYS C 131 -33.49 30.21 20.68
N VAL C 132 -32.65 30.90 21.43
CA VAL C 132 -32.72 32.34 21.61
C VAL C 132 -31.30 32.85 21.74
N ALA C 133 -31.01 33.96 21.07
CA ALA C 133 -29.68 34.56 21.09
C ALA C 133 -29.75 36.01 21.51
N LEU C 134 -28.75 36.45 22.26
CA LEU C 134 -28.69 37.81 22.78
C LEU C 134 -27.30 38.34 22.58
N VAL C 135 -27.19 39.66 22.58
CA VAL C 135 -25.88 40.29 22.63
C VAL C 135 -25.77 41.28 23.79
N VAL C 136 -24.65 41.17 24.50
CA VAL C 136 -24.30 42.04 25.62
C VAL C 136 -24.02 43.49 25.14
N ASP C 137 -24.81 44.42 25.67
CA ASP C 137 -24.63 45.83 25.42
C ASP C 137 -23.72 46.50 26.46
N ALA C 138 -24.02 46.29 27.74
CA ALA C 138 -23.22 46.88 28.82
C ALA C 138 -23.16 46.05 30.10
N VAL C 139 -22.06 46.21 30.84
CA VAL C 139 -21.97 45.76 32.22
C VAL C 139 -22.10 46.97 33.13
N GLU C 140 -23.30 47.17 33.70
CA GLU C 140 -23.52 48.26 34.67
C GLU C 140 -23.58 47.70 36.11
N GLY C 141 -22.54 47.98 36.91
CA GLY C 141 -22.44 47.47 38.28
C GLY C 141 -22.57 45.95 38.34
N ASP C 142 -23.74 45.49 38.78
CA ASP C 142 -24.03 44.06 38.95
C ASP C 142 -24.90 43.47 37.83
N ASP C 143 -25.19 44.24 36.78
CA ASP C 143 -26.07 43.77 35.70
C ASP C 143 -25.38 43.65 34.34
N VAL C 144 -25.82 42.68 33.56
CA VAL C 144 -25.36 42.49 32.20
C VAL C 144 -26.51 42.82 31.29
N VAL C 145 -26.41 43.95 30.58
CA VAL C 145 -27.49 44.47 29.75
C VAL C 145 -27.38 43.89 28.36
N CYS C 146 -28.48 43.35 27.83
CA CYS C 146 -28.43 42.59 26.58
C CYS C 146 -29.53 42.99 25.65
N THR C 147 -29.29 42.79 24.36
CA THR C 147 -30.31 43.00 23.37
C THR C 147 -30.59 41.67 22.75
N VAL C 148 -31.85 41.28 22.75
CA VAL C 148 -32.24 40.07 22.08
C VAL C 148 -32.04 40.22 20.59
N VAL C 149 -31.43 39.23 19.96
CA VAL C 149 -31.11 39.25 18.52
C VAL C 149 -31.85 38.15 17.73
N GLU C 150 -32.06 37.00 18.35
CA GLU C 150 -32.99 36.00 17.82
C GLU C 150 -33.91 35.63 18.95
N GLY C 151 -35.21 35.83 18.75
CA GLY C 151 -36.19 35.68 19.82
C GLY C 151 -36.76 34.28 19.99
N GLY C 152 -37.50 34.08 21.08
CA GLY C 152 -38.03 32.76 21.42
C GLY C 152 -38.48 32.68 22.88
N PRO C 153 -38.56 31.44 23.43
CA PRO C 153 -39.09 31.17 24.81
C PRO C 153 -38.03 31.08 25.94
N VAL C 154 -38.28 31.72 27.11
CA VAL C 154 -37.42 31.56 28.33
C VAL C 154 -38.17 31.19 29.63
N SER C 155 -37.88 29.99 30.13
CA SER C 155 -38.43 29.52 31.41
C SER C 155 -37.47 29.83 32.56
N ASP C 156 -37.83 29.35 33.74
CA ASP C 156 -36.96 29.44 34.88
C ASP C 156 -35.87 28.39 34.71
N ASN C 157 -34.67 28.77 35.15
CA ASN C 157 -33.52 27.87 35.25
C ASN C 157 -33.03 27.27 33.90
N LYS C 158 -33.40 27.90 32.80
CA LYS C 158 -32.94 27.41 31.49
C LYS C 158 -31.47 27.77 31.34
N GLY C 159 -30.78 26.98 30.53
CA GLY C 159 -29.33 27.06 30.49
C GLY C 159 -28.84 28.05 29.46
N ILE C 160 -27.86 28.84 29.84
CA ILE C 160 -27.30 29.78 28.92
C ILE C 160 -25.84 29.47 28.73
N SER C 161 -25.34 29.86 27.58
CA SER C 161 -23.96 29.63 27.24
C SER C 161 -23.42 30.93 26.69
N LEU C 162 -22.22 31.29 27.09
CA LEU C 162 -21.58 32.50 26.57
C LEU C 162 -20.32 32.12 25.81
N PRO C 163 -20.44 31.84 24.51
CA PRO C 163 -19.27 31.42 23.75
C PRO C 163 -18.07 32.36 23.91
N GLY C 164 -16.90 31.79 24.08
CA GLY C 164 -15.69 32.58 24.16
C GLY C 164 -15.36 32.92 25.59
N MET C 165 -16.31 33.48 26.35
CA MET C 165 -16.04 33.88 27.75
C MET C 165 -15.47 32.75 28.61
N ASN C 166 -14.29 33.01 29.20
CA ASN C 166 -13.61 32.04 30.05
C ASN C 166 -14.36 31.92 31.37
N VAL C 167 -14.85 30.74 31.67
CA VAL C 167 -15.65 30.53 32.88
C VAL C 167 -14.73 30.05 33.98
N THR C 168 -14.92 30.59 35.18
CA THR C 168 -14.26 30.09 36.36
C THR C 168 -15.34 29.43 37.21
N ALA C 169 -15.26 28.12 37.36
CA ALA C 169 -16.19 27.38 38.21
C ALA C 169 -15.58 26.06 38.56
N PRO C 170 -15.82 25.60 39.78
CA PRO C 170 -15.30 24.30 40.14
C PRO C 170 -15.97 23.22 39.27
N ALA C 171 -15.18 22.20 38.88
CA ALA C 171 -15.64 21.09 38.01
C ALA C 171 -16.82 20.35 38.63
N LEU C 172 -16.77 20.16 39.94
CA LEU C 172 -17.88 19.63 40.70
C LEU C 172 -18.47 20.71 41.62
N SER C 173 -19.76 20.99 41.44
CA SER C 173 -20.51 21.86 42.33
C SER C 173 -20.97 21.10 43.57
N GLU C 174 -21.57 21.83 44.51
CA GLU C 174 -22.08 21.21 45.70
C GLU C 174 -23.18 20.21 45.34
N LYS C 175 -24.02 20.58 44.39
CA LYS C 175 -25.06 19.72 43.90
C LYS C 175 -24.50 18.45 43.31
N ASP C 176 -23.46 18.59 42.51
CA ASP C 176 -22.85 17.45 41.88
C ASP C 176 -22.38 16.42 42.90
N ILE C 177 -21.58 16.86 43.85
CA ILE C 177 -21.05 16.00 44.88
C ILE C 177 -22.16 15.23 45.63
N GLU C 178 -23.23 15.93 46.01
CA GLU C 178 -24.37 15.27 46.62
C GLU C 178 -24.91 14.23 45.67
N ASP C 179 -25.12 14.60 44.43
CA ASP C 179 -25.67 13.71 43.41
C ASP C 179 -24.73 12.54 43.09
N LEU C 180 -23.43 12.78 43.18
CA LEU C 180 -22.48 11.74 42.92
C LEU C 180 -22.59 10.71 44.03
N THR C 181 -22.51 11.20 45.25
CA THR C 181 -22.67 10.36 46.42
C THR C 181 -23.93 9.49 46.35
N PHE C 182 -25.06 10.12 46.08
CA PHE C 182 -26.33 9.43 46.05
C PHE C 182 -26.30 8.32 45.04
N ALA C 183 -25.71 8.61 43.88
CA ALA C 183 -25.63 7.65 42.77
C ALA C 183 -24.68 6.48 43.07
N LEU C 184 -23.56 6.79 43.70
CA LEU C 184 -22.63 5.76 44.06
C LEU C 184 -23.26 4.79 45.08
N ASN C 185 -23.99 5.32 46.06
CA ASN C 185 -24.67 4.46 47.05
C ASN C 185 -25.81 3.69 46.43
N LEU C 186 -26.43 4.28 45.42
CA LEU C 186 -27.53 3.67 44.73
C LEU C 186 -27.04 2.49 43.89
N GLY C 187 -25.80 2.57 43.43
CA GLY C 187 -25.17 1.46 42.72
C GLY C 187 -25.13 1.57 41.21
N VAL C 188 -24.94 2.78 40.68
CA VAL C 188 -24.76 3.00 39.26
C VAL C 188 -23.40 2.44 38.84
N ASP C 189 -23.22 2.25 37.55
CA ASP C 189 -22.06 1.58 37.03
C ASP C 189 -21.02 2.54 36.49
N MET C 190 -21.47 3.69 36.01
CA MET C 190 -20.61 4.68 35.37
C MET C 190 -21.07 6.06 35.79
N VAL C 191 -20.19 7.03 35.61
CA VAL C 191 -20.52 8.40 35.90
C VAL C 191 -20.01 9.28 34.77
N ALA C 192 -20.86 10.19 34.29
CA ALA C 192 -20.44 11.20 33.31
C ALA C 192 -20.37 12.55 33.96
N LEU C 193 -19.37 13.32 33.58
CA LEU C 193 -19.18 14.64 34.12
C LEU C 193 -19.33 15.66 32.98
N SER C 194 -20.18 16.65 33.20
CA SER C 194 -20.43 17.66 32.20
C SER C 194 -19.43 18.79 32.27
N PHE C 195 -19.18 19.38 31.09
CA PHE C 195 -18.36 20.59 30.96
C PHE C 195 -16.93 20.39 31.41
N VAL C 196 -16.40 19.20 31.17
CA VAL C 196 -15.02 18.90 31.52
C VAL C 196 -14.10 19.83 30.74
N ARG C 197 -13.03 20.27 31.38
CA ARG C 197 -12.12 21.22 30.74
C ARG C 197 -10.67 20.79 30.75
N SER C 198 -10.26 20.02 31.75
CA SER C 198 -8.88 19.54 31.80
C SER C 198 -8.85 18.11 32.30
N PRO C 199 -7.68 17.47 32.21
CA PRO C 199 -7.51 16.14 32.75
C PRO C 199 -7.62 16.09 34.26
N ALA C 200 -7.36 17.20 34.93
CA ALA C 200 -7.35 17.22 36.40
C ALA C 200 -8.76 17.11 36.98
N ASP C 201 -9.76 17.27 36.13
CA ASP C 201 -11.13 17.21 36.58
C ASP C 201 -11.52 15.81 37.07
N VAL C 202 -10.90 14.78 36.50
CA VAL C 202 -11.19 13.42 36.92
C VAL C 202 -10.67 13.16 38.31
N GLU C 203 -9.58 13.81 38.70
CA GLU C 203 -9.04 13.63 40.02
C GLU C 203 -9.99 14.13 41.09
N LEU C 204 -10.81 15.13 40.76
CA LEU C 204 -11.81 15.62 41.72
C LEU C 204 -12.93 14.60 41.90
N VAL C 205 -13.33 13.99 40.81
CA VAL C 205 -14.33 12.96 40.89
C VAL C 205 -13.78 11.79 41.66
N HIS C 206 -12.52 11.44 41.41
CA HIS C 206 -11.87 10.33 42.10
C HIS C 206 -11.77 10.56 43.64
N GLU C 207 -11.52 11.79 44.06
CA GLU C 207 -11.48 12.09 45.48
C GLU C 207 -12.81 11.78 46.16
N VAL C 208 -13.91 12.14 45.51
CA VAL C 208 -15.23 11.88 46.07
C VAL C 208 -15.54 10.40 46.15
N MET C 209 -15.14 9.66 45.13
CA MET C 209 -15.38 8.23 45.07
C MET C 209 -14.57 7.53 46.15
N ASP C 210 -13.35 7.99 46.36
CA ASP C 210 -12.47 7.38 47.36
C ASP C 210 -12.97 7.63 48.76
N ARG C 211 -13.52 8.81 48.98
CA ARG C 211 -14.08 9.14 50.27
C ARG C 211 -15.20 8.17 50.60
N ILE C 212 -16.08 7.93 49.62
CA ILE C 212 -17.26 7.10 49.80
C ILE C 212 -16.94 5.61 49.74
N GLY C 213 -15.76 5.29 49.22
CA GLY C 213 -15.28 3.91 49.19
C GLY C 213 -15.81 3.11 48.03
N ARG C 214 -15.96 3.74 46.87
CA ARG C 214 -16.46 3.04 45.68
C ARG C 214 -16.12 3.79 44.39
N ARG C 215 -15.43 3.11 43.48
CA ARG C 215 -15.11 3.70 42.19
C ARG C 215 -15.86 3.08 41.04
N VAL C 216 -16.12 3.90 40.03
CA VAL C 216 -16.63 3.43 38.79
C VAL C 216 -15.95 4.20 37.67
N PRO C 217 -16.16 3.74 36.45
CA PRO C 217 -15.61 4.45 35.31
C PRO C 217 -16.19 5.84 35.17
N VAL C 218 -15.35 6.81 34.82
CA VAL C 218 -15.80 8.18 34.64
C VAL C 218 -15.76 8.58 33.20
N ILE C 219 -16.86 9.12 32.71
CA ILE C 219 -16.96 9.57 31.33
C ILE C 219 -16.86 11.10 31.25
N ALA C 220 -15.92 11.59 30.47
CA ALA C 220 -15.81 13.02 30.21
C ALA C 220 -16.74 13.38 29.08
N LYS C 221 -17.68 14.27 29.35
CA LYS C 221 -18.47 14.86 28.29
C LYS C 221 -17.69 16.02 27.69
N LEU C 222 -17.63 16.03 26.36
CA LEU C 222 -16.87 17.05 25.62
C LEU C 222 -17.84 18.06 25.07
N GLU C 223 -17.85 19.24 25.68
CA GLU C 223 -18.75 20.29 25.26
C GLU C 223 -18.14 21.66 25.50
N LYS C 224 -16.81 21.73 25.48
CA LYS C 224 -16.11 22.97 25.78
C LYS C 224 -14.88 23.05 24.91
N PRO C 225 -14.49 24.26 24.52
CA PRO C 225 -13.28 24.42 23.71
C PRO C 225 -12.04 23.88 24.42
N GLU C 226 -11.93 24.12 25.72
CA GLU C 226 -10.74 23.71 26.47
C GLU C 226 -10.62 22.20 26.48
N ALA C 227 -11.77 21.52 26.45
CA ALA C 227 -11.79 20.07 26.37
C ALA C 227 -11.22 19.58 25.06
N ILE C 228 -11.50 20.28 23.98
CA ILE C 228 -11.03 19.86 22.68
C ILE C 228 -9.54 20.16 22.48
N ASP C 229 -9.04 21.20 23.14
CA ASP C 229 -7.61 21.52 23.10
C ASP C 229 -6.80 20.50 23.87
N ASN C 230 -7.42 19.90 24.89
CA ASN C 230 -6.76 18.92 25.72
C ASN C 230 -7.34 17.54 25.47
N LEU C 231 -7.87 17.32 24.27
CA LEU C 231 -8.58 16.07 23.97
C LEU C 231 -7.76 14.84 24.32
N GLU C 232 -6.50 14.79 23.90
CA GLU C 232 -5.70 13.61 24.14
C GLU C 232 -5.50 13.40 25.63
N ALA C 233 -5.14 14.44 26.35
CA ALA C 233 -4.90 14.34 27.78
C ALA C 233 -6.18 13.85 28.49
N ILE C 234 -7.31 14.40 28.09
CA ILE C 234 -8.59 14.00 28.65
C ILE C 234 -8.95 12.54 28.39
N VAL C 235 -8.75 12.08 27.17
CA VAL C 235 -9.08 10.70 26.81
C VAL C 235 -8.21 9.70 27.59
N LEU C 236 -7.02 10.14 27.99
CA LEU C 236 -6.11 9.32 28.74
C LEU C 236 -6.45 9.30 30.22
N ALA C 237 -6.90 10.42 30.77
CA ALA C 237 -7.17 10.49 32.22
C ALA C 237 -8.54 9.92 32.55
N PHE C 238 -9.49 10.06 31.65
CA PHE C 238 -10.84 9.53 31.85
C PHE C 238 -10.96 8.13 31.28
N ASP C 239 -12.05 7.45 31.61
CA ASP C 239 -12.25 6.08 31.17
C ASP C 239 -13.03 6.01 29.87
N ALA C 240 -13.75 7.07 29.57
CA ALA C 240 -14.50 7.13 28.32
C ALA C 240 -14.84 8.57 27.95
N VAL C 241 -15.31 8.79 26.74
CA VAL C 241 -15.74 10.12 26.35
C VAL C 241 -17.09 10.12 25.66
N MET C 242 -17.85 11.18 25.93
CA MET C 242 -19.13 11.45 25.24
C MET C 242 -19.01 12.77 24.47
N VAL C 243 -19.23 12.72 23.17
CA VAL C 243 -19.26 13.91 22.37
C VAL C 243 -20.60 14.56 22.60
N ALA C 244 -20.62 15.61 23.41
CA ALA C 244 -21.88 16.16 23.87
C ALA C 244 -22.27 17.30 22.97
N ARG C 245 -22.90 16.98 21.86
CA ARG C 245 -23.02 17.90 20.74
C ARG C 245 -23.96 19.07 20.98
N GLY C 246 -24.93 18.90 21.87
CA GLY C 246 -25.79 20.00 22.24
C GLY C 246 -25.02 21.26 22.67
N ASP C 247 -24.31 21.18 23.79
CA ASP C 247 -23.58 22.33 24.27
C ASP C 247 -22.33 22.55 23.41
N LEU C 248 -21.81 21.49 22.82
CA LEU C 248 -20.60 21.66 22.01
C LEU C 248 -20.89 22.60 20.83
N GLY C 249 -22.11 22.56 20.31
CA GLY C 249 -22.51 23.40 19.18
C GLY C 249 -22.96 24.80 19.54
N VAL C 250 -22.83 25.17 20.80
CA VAL C 250 -23.00 26.55 21.19
C VAL C 250 -21.75 27.10 21.83
N GLU C 251 -20.96 26.24 22.48
CA GLU C 251 -19.65 26.64 23.03
C GLU C 251 -18.60 26.82 21.91
N LEU C 252 -18.84 26.16 20.79
CA LEU C 252 -18.04 26.24 19.61
C LEU C 252 -18.98 26.55 18.46
N PRO C 253 -18.42 27.06 17.36
CA PRO C 253 -19.23 27.18 16.15
C PRO C 253 -19.83 25.83 15.74
N LEU C 254 -21.12 25.81 15.40
CA LEU C 254 -21.77 24.54 15.11
C LEU C 254 -21.18 23.86 13.87
N GLU C 255 -20.58 24.65 12.98
CA GLU C 255 -20.01 24.11 11.78
C GLU C 255 -18.73 23.27 12.03
N GLU C 256 -18.13 23.43 13.21
CA GLU C 256 -16.91 22.72 13.57
C GLU C 256 -17.20 21.41 14.27
N VAL C 257 -18.43 21.20 14.67
CA VAL C 257 -18.76 20.09 15.53
C VAL C 257 -18.56 18.77 14.80
N PRO C 258 -18.95 18.69 13.52
CA PRO C 258 -18.81 17.42 12.81
C PRO C 258 -17.38 16.86 12.73
N LEU C 259 -16.38 17.72 12.61
CA LEU C 259 -15.04 17.23 12.53
C LEU C 259 -14.48 16.95 13.90
N VAL C 260 -14.94 17.71 14.90
CA VAL C 260 -14.53 17.45 16.24
C VAL C 260 -15.03 16.09 16.64
N GLN C 261 -16.28 15.79 16.29
CA GLN C 261 -16.84 14.47 16.57
C GLN C 261 -15.95 13.34 16.00
N LYS C 262 -15.50 13.47 14.77
CA LYS C 262 -14.73 12.39 14.15
C LYS C 262 -13.37 12.26 14.77
N ARG C 263 -12.83 13.38 15.20
CA ARG C 263 -11.50 13.43 15.77
C ARG C 263 -11.49 12.78 17.14
N ALA C 264 -12.57 12.98 17.89
CA ALA C 264 -12.71 12.44 19.24
C ALA C 264 -12.94 10.94 19.22
N ILE C 265 -13.78 10.48 18.32
CA ILE C 265 -14.02 9.05 18.16
C ILE C 265 -12.71 8.34 17.80
N GLN C 266 -11.95 8.90 16.88
CA GLN C 266 -10.67 8.32 16.47
C GLN C 266 -9.69 8.28 17.67
N MET C 267 -9.66 9.37 18.41
CA MET C 267 -8.77 9.50 19.54
C MET C 267 -9.13 8.47 20.62
N ALA C 268 -10.42 8.25 20.83
CA ALA C 268 -10.88 7.27 21.78
C ALA C 268 -10.47 5.90 21.32
N ARG C 269 -10.85 5.53 20.11
CA ARG C 269 -10.44 4.24 19.53
C ARG C 269 -8.93 3.95 19.55
N GLU C 270 -8.09 4.94 19.30
CA GLU C 270 -6.66 4.69 19.32
C GLU C 270 -6.19 4.33 20.72
N ASN C 271 -6.94 4.76 21.74
CA ASN C 271 -6.56 4.52 23.12
C ASN C 271 -7.48 3.52 23.82
N ALA C 272 -8.29 2.82 23.03
CA ALA C 272 -9.20 1.81 23.52
C ALA C 272 -10.05 2.32 24.66
N LYS C 273 -10.67 3.46 24.43
CA LYS C 273 -11.61 3.99 25.38
C LYS C 273 -12.90 4.13 24.65
N PRO C 274 -14.01 3.86 25.35
CA PRO C 274 -15.29 3.92 24.68
C PRO C 274 -15.65 5.34 24.37
N VAL C 275 -16.33 5.54 23.27
CA VAL C 275 -16.80 6.85 22.95
C VAL C 275 -18.30 6.79 22.66
N ILE C 276 -19.03 7.77 23.19
CA ILE C 276 -20.44 7.90 22.92
C ILE C 276 -20.71 9.18 22.16
N VAL C 277 -21.65 9.12 21.23
CA VAL C 277 -22.04 10.29 20.47
C VAL C 277 -23.42 10.70 20.90
N ALA C 278 -23.58 11.94 21.34
CA ALA C 278 -24.83 12.35 21.95
C ALA C 278 -25.50 13.56 21.31
N THR C 279 -26.82 13.54 21.46
CA THR C 279 -27.67 14.71 21.38
C THR C 279 -28.12 15.03 20.00
N GLN C 280 -29.45 15.05 19.84
CA GLN C 280 -30.11 15.43 18.59
C GLN C 280 -29.92 14.49 17.42
N MET C 281 -29.63 13.23 17.69
CA MET C 281 -29.42 12.30 16.60
C MET C 281 -30.71 12.00 15.88
N LEU C 282 -31.79 11.81 16.64
CA LEU C 282 -33.11 11.65 16.06
C LEU C 282 -34.04 12.66 16.69
N ASP C 283 -33.59 13.90 16.72
CA ASP C 283 -34.28 14.96 17.44
C ASP C 283 -35.75 15.10 17.10
N SER C 284 -36.09 14.97 15.83
CA SER C 284 -37.44 15.20 15.39
C SER C 284 -38.40 14.14 15.90
N MET C 285 -37.89 13.03 16.43
CA MET C 285 -38.77 11.96 16.90
C MET C 285 -39.35 12.24 18.27
N ILE C 286 -38.98 13.38 18.84
CA ILE C 286 -39.67 13.89 19.98
C ILE C 286 -41.12 14.20 19.62
N GLU C 287 -41.36 14.64 18.39
CA GLU C 287 -42.74 14.96 17.92
C GLU C 287 -43.27 14.02 16.85
N ASN C 288 -42.37 13.39 16.10
CA ASN C 288 -42.77 12.62 14.92
C ASN C 288 -42.39 11.15 14.99
N SER C 289 -43.24 10.31 14.39
CA SER C 289 -43.03 8.87 14.44
C SER C 289 -41.88 8.39 13.55
N ARG C 290 -41.44 9.22 12.60
CA ARG C 290 -40.30 8.91 11.76
C ARG C 290 -39.34 10.05 11.78
N PRO C 291 -38.05 9.78 11.67
CA PRO C 291 -37.05 10.84 11.70
C PRO C 291 -36.86 11.52 10.35
N THR C 292 -35.97 12.52 10.31
CA THR C 292 -35.64 13.17 9.05
C THR C 292 -34.51 12.46 8.33
N ARG C 293 -34.36 12.78 7.07
CA ARG C 293 -33.31 12.19 6.31
C ARG C 293 -31.94 12.55 6.89
N ALA C 294 -31.83 13.73 7.48
CA ALA C 294 -30.57 14.13 8.06
C ALA C 294 -30.31 13.34 9.33
N GLU C 295 -31.37 13.06 10.06
CA GLU C 295 -31.21 12.33 11.28
C GLU C 295 -30.77 10.89 11.00
N ALA C 296 -31.44 10.21 10.08
CA ALA C 296 -31.00 8.86 9.68
C ALA C 296 -29.52 8.89 9.26
N SER C 297 -29.14 9.91 8.49
CA SER C 297 -27.77 10.04 8.00
C SER C 297 -26.78 10.25 9.13
N ASP C 298 -27.19 11.02 10.12
CA ASP C 298 -26.34 11.34 11.24
C ASP C 298 -26.01 10.09 12.06
N VAL C 299 -27.00 9.24 12.27
CA VAL C 299 -26.81 8.01 13.01
C VAL C 299 -25.95 7.05 12.23
N ALA C 300 -26.24 6.90 10.94
CA ALA C 300 -25.43 6.02 10.08
C ALA C 300 -23.99 6.48 10.08
N ASN C 301 -23.79 7.79 10.01
CA ASN C 301 -22.44 8.33 9.95
C ASN C 301 -21.68 8.18 11.26
N ALA C 302 -22.35 8.30 12.39
CA ALA C 302 -21.68 8.01 13.67
C ALA C 302 -21.23 6.53 13.77
N VAL C 303 -21.98 5.61 13.18
CA VAL C 303 -21.56 4.22 13.20
C VAL C 303 -20.28 4.01 12.37
N LEU C 304 -20.25 4.63 11.18
CA LEU C 304 -19.12 4.56 10.28
C LEU C 304 -17.92 5.34 10.82
N ASP C 305 -18.17 6.40 11.54
CA ASP C 305 -17.07 7.10 12.23
C ASP C 305 -16.35 6.12 13.17
N GLY C 306 -17.09 5.16 13.71
CA GLY C 306 -16.53 4.15 14.62
C GLY C 306 -16.95 4.27 16.08
N ALA C 307 -18.08 4.91 16.32
CA ALA C 307 -18.54 5.12 17.66
C ALA C 307 -18.95 3.81 18.32
N ASP C 308 -18.52 3.64 19.58
CA ASP C 308 -18.94 2.54 20.42
C ASP C 308 -20.46 2.60 20.59
N ALA C 309 -20.97 3.78 20.86
CA ALA C 309 -22.36 3.90 21.27
C ALA C 309 -22.94 5.25 20.85
N LEU C 310 -24.22 5.24 20.55
CA LEU C 310 -24.96 6.42 20.22
C LEU C 310 -26.00 6.63 21.30
N MET C 311 -26.34 7.87 21.58
CA MET C 311 -27.23 8.17 22.69
C MET C 311 -28.49 8.91 22.26
N LEU C 312 -29.58 8.60 22.93
CA LEU C 312 -30.81 9.32 22.80
C LEU C 312 -31.03 10.13 24.06
N SER C 313 -31.46 11.37 23.92
CA SER C 313 -31.66 12.22 25.05
C SER C 313 -33.14 12.52 25.20
N GLY C 314 -33.60 13.61 24.56
CA GLY C 314 -35.00 14.01 24.62
C GLY C 314 -35.90 13.03 23.92
N GLU C 315 -35.34 12.28 22.99
CA GLU C 315 -36.11 11.33 22.21
C GLU C 315 -36.73 10.26 23.06
N THR C 316 -36.10 9.90 24.17
CA THR C 316 -36.65 8.89 25.09
C THR C 316 -37.12 9.49 26.41
N SER C 317 -36.47 10.57 26.83
CA SER C 317 -36.71 11.17 28.15
C SER C 317 -37.99 11.96 28.22
N VAL C 318 -38.32 12.75 27.20
CA VAL C 318 -39.55 13.53 27.24
C VAL C 318 -40.49 13.36 26.09
N GLY C 319 -40.07 12.69 25.03
CA GLY C 319 -40.84 12.69 23.78
C GLY C 319 -42.05 11.77 23.73
N LYS C 320 -42.70 11.76 22.57
CA LYS C 320 -43.90 10.97 22.34
C LYS C 320 -43.63 9.59 21.75
N TYR C 321 -42.39 9.32 21.35
CA TYR C 321 -42.07 8.05 20.74
C TYR C 321 -40.78 7.45 21.25
N PRO C 322 -40.66 7.27 22.58
CA PRO C 322 -39.42 6.74 23.14
C PRO C 322 -39.06 5.35 22.63
N LEU C 323 -40.04 4.50 22.45
CA LEU C 323 -39.80 3.16 21.98
C LEU C 323 -39.43 3.10 20.54
N ALA C 324 -40.16 3.86 19.73
CA ALA C 324 -39.89 3.89 18.32
C ALA C 324 -38.53 4.49 18.04
N ALA C 325 -38.12 5.46 18.86
CA ALA C 325 -36.82 6.06 18.66
C ALA C 325 -35.75 5.01 18.80
N VAL C 326 -35.83 4.22 19.86
CA VAL C 326 -34.85 3.20 20.11
C VAL C 326 -34.90 2.15 19.00
N ARG C 327 -36.09 1.75 18.59
CA ARG C 327 -36.20 0.79 17.54
C ARG C 327 -35.64 1.31 16.23
N THR C 328 -35.93 2.58 15.94
CA THR C 328 -35.47 3.20 14.72
C THR C 328 -33.97 3.38 14.74
N MET C 329 -33.43 3.77 15.89
CA MET C 329 -32.00 3.91 16.00
C MET C 329 -31.36 2.57 15.74
N SER C 330 -31.95 1.52 16.26
CA SER C 330 -31.39 0.20 16.13
C SER C 330 -31.41 -0.28 14.68
N ARG C 331 -32.52 -0.09 13.98
CA ARG C 331 -32.59 -0.47 12.57
C ARG C 331 -31.52 0.20 11.72
N ILE C 332 -31.26 1.48 11.97
CA ILE C 332 -30.28 2.20 11.17
C ILE C 332 -28.90 1.60 11.42
N ILE C 333 -28.59 1.41 12.68
CA ILE C 333 -27.31 0.82 13.06
C ILE C 333 -27.14 -0.54 12.38
N CYS C 334 -28.15 -1.39 12.49
CA CYS C 334 -28.09 -2.69 11.89
C CYS C 334 -27.96 -2.58 10.37
N ALA C 335 -28.68 -1.65 9.73
CA ALA C 335 -28.62 -1.56 8.27
C ALA C 335 -27.22 -1.24 7.84
N VAL C 336 -26.56 -0.36 8.57
CA VAL C 336 -25.19 -0.01 8.25
C VAL C 336 -24.25 -1.18 8.47
N GLU C 337 -24.34 -1.80 9.64
CA GLU C 337 -23.45 -2.93 10.00
C GLU C 337 -23.59 -4.16 9.11
N GLU C 338 -24.80 -4.44 8.62
CA GLU C 338 -25.00 -5.59 7.76
C GLU C 338 -24.15 -5.44 6.50
N ASN C 339 -24.10 -4.23 5.99
CA ASN C 339 -23.30 -3.97 4.85
C ASN C 339 -21.84 -4.21 5.21
N SER C 340 -21.33 -3.47 6.19
CA SER C 340 -19.95 -3.66 6.66
C SER C 340 -19.78 -3.16 8.08
N THR C 341 -18.86 -3.75 8.81
CA THR C 341 -18.59 -3.27 10.17
C THR C 341 -17.27 -2.48 10.22
N ALA C 342 -16.67 -2.26 9.04
CA ALA C 342 -15.38 -1.57 8.90
C ALA C 342 -15.41 -0.13 9.40
N ALA C 343 -14.40 0.19 10.20
CA ALA C 343 -14.19 1.53 10.72
C ALA C 343 -12.92 2.15 10.16
N PRO C 344 -12.71 3.43 10.40
CA PRO C 344 -11.49 4.07 9.98
C PRO C 344 -10.29 3.35 10.53
N PRO C 345 -9.29 3.13 9.70
CA PRO C 345 -8.09 2.52 10.17
C PRO C 345 -7.45 3.27 11.33
N LEU C 346 -6.80 2.54 12.21
CA LEU C 346 -6.09 3.12 13.31
C LEU C 346 -4.67 3.35 12.86
N THR C 347 -4.04 4.41 13.33
CA THR C 347 -2.69 4.74 12.91
C THR C 347 -1.63 4.30 13.90
N HIS C 348 -2.01 4.11 15.16
CA HIS C 348 -1.06 3.74 16.19
C HIS C 348 -0.76 2.25 16.02
N ILE C 349 0.45 1.88 16.38
CA ILE C 349 0.86 0.53 16.19
C ILE C 349 1.13 -0.07 17.55
N PRO C 350 0.53 -1.21 17.82
CA PRO C 350 0.52 -1.79 19.16
C PRO C 350 1.93 -2.06 19.67
N ARG C 351 2.23 -1.50 20.85
CA ARG C 351 3.52 -1.76 21.48
C ARG C 351 3.38 -2.50 22.83
N THR C 352 2.14 -2.61 23.29
CA THR C 352 1.88 -3.23 24.57
C THR C 352 1.44 -4.66 24.38
N LYS C 353 1.97 -5.53 25.23
CA LYS C 353 1.68 -6.94 25.17
C LYS C 353 0.21 -7.23 24.89
N ARG C 354 -0.67 -6.60 25.65
CA ARG C 354 -2.11 -6.85 25.52
C ARG C 354 -2.58 -6.43 24.15
N GLY C 355 -2.07 -5.28 23.68
CA GLY C 355 -2.50 -4.73 22.40
C GLY C 355 -2.08 -5.62 21.25
N VAL C 356 -0.79 -5.99 21.29
CA VAL C 356 -0.18 -6.81 20.27
C VAL C 356 -0.89 -8.13 20.10
N ILE C 357 -1.27 -8.74 21.22
CA ILE C 357 -1.96 -10.02 21.22
C ILE C 357 -3.40 -9.89 20.72
N SER C 358 -4.00 -8.75 20.96
CA SER C 358 -5.35 -8.52 20.53
C SER C 358 -5.38 -8.50 19.02
N TYR C 359 -4.46 -7.73 18.40
CA TYR C 359 -4.36 -7.66 16.92
C TYR C 359 -4.20 -9.07 16.38
N ALA C 360 -3.21 -9.78 16.91
CA ALA C 360 -2.94 -11.13 16.50
C ALA C 360 -4.18 -12.02 16.61
N ALA C 361 -4.90 -11.92 17.71
CA ALA C 361 -6.05 -12.77 17.90
C ALA C 361 -7.11 -12.49 16.87
N ARG C 362 -7.25 -11.24 16.50
CA ARG C 362 -8.20 -10.87 15.46
C ARG C 362 -7.77 -11.49 14.13
N ASP C 363 -6.49 -11.36 13.83
CA ASP C 363 -5.97 -11.86 12.57
C ASP C 363 -6.28 -13.33 12.45
N ILE C 364 -5.92 -14.10 13.47
CA ILE C 364 -6.18 -15.53 13.49
C ILE C 364 -7.65 -15.82 13.29
N GLY C 365 -8.48 -15.18 14.09
CA GLY C 365 -9.88 -15.44 14.03
C GLY C 365 -10.46 -15.20 12.66
N GLU C 366 -10.06 -14.09 12.07
CA GLU C 366 -10.62 -13.69 10.78
C GLU C 366 -10.15 -14.62 9.68
N ARG C 367 -8.85 -14.90 9.67
CA ARG C 367 -8.28 -15.77 8.64
C ARG C 367 -8.79 -17.22 8.75
N LEU C 368 -9.11 -17.68 9.96
CA LEU C 368 -9.60 -19.04 10.15
C LEU C 368 -11.11 -19.15 10.14
N ASP C 369 -11.81 -18.06 9.81
CA ASP C 369 -13.26 -18.07 9.80
C ASP C 369 -13.85 -18.48 11.17
N ALA C 370 -13.24 -18.02 12.25
CA ALA C 370 -13.69 -18.41 13.59
C ALA C 370 -15.09 -17.86 13.86
N LYS C 371 -15.87 -18.61 14.63
CA LYS C 371 -17.24 -18.22 14.91
C LYS C 371 -17.33 -17.10 15.91
N ALA C 372 -16.25 -16.92 16.69
CA ALA C 372 -16.23 -15.91 17.76
C ALA C 372 -14.84 -15.72 18.35
N LEU C 373 -14.59 -14.56 18.91
CA LEU C 373 -13.46 -14.52 19.73
C LEU C 373 -13.79 -14.17 21.14
N VAL C 374 -13.00 -14.72 22.04
CA VAL C 374 -13.34 -14.81 23.42
C VAL C 374 -12.19 -14.21 24.19
N ALA C 375 -12.47 -13.31 25.09
CA ALA C 375 -11.42 -12.80 25.93
C ALA C 375 -11.82 -12.95 27.37
N PHE C 376 -10.85 -13.34 28.18
CA PHE C 376 -10.98 -13.29 29.62
C PHE C 376 -10.40 -11.98 30.05
N THR C 377 -11.03 -11.34 31.03
CA THR C 377 -10.51 -10.09 31.51
C THR C 377 -10.98 -9.75 32.91
N GLN C 378 -10.19 -8.93 33.59
N GLN C 378 -10.19 -8.94 33.60
CA GLN C 378 -10.48 -8.52 34.95
CA GLN C 378 -10.51 -8.53 34.97
C GLN C 378 -11.25 -7.21 34.95
C GLN C 378 -11.26 -7.20 34.96
N SER C 379 -10.72 -6.23 34.23
CA SER C 379 -11.26 -4.89 34.21
C SER C 379 -11.94 -4.59 32.89
N GLY C 380 -11.80 -5.48 31.93
CA GLY C 380 -12.31 -5.25 30.58
C GLY C 380 -11.26 -4.70 29.61
N ASP C 381 -10.10 -4.33 30.14
CA ASP C 381 -9.06 -3.69 29.36
C ASP C 381 -8.64 -4.45 28.09
N THR C 382 -8.53 -5.76 28.13
CA THR C 382 -8.16 -6.54 26.96
C THR C 382 -9.29 -6.56 25.94
N VAL C 383 -10.50 -6.52 26.43
CA VAL C 383 -11.67 -6.60 25.57
C VAL C 383 -11.87 -5.31 24.83
N ARG C 384 -11.47 -4.21 25.44
CA ARG C 384 -11.68 -2.93 24.85
C ARG C 384 -10.70 -2.71 23.72
N ARG C 385 -9.52 -3.34 23.85
CA ARG C 385 -8.48 -3.24 22.84
C ARG C 385 -8.82 -4.03 21.61
N LEU C 386 -9.69 -5.00 21.79
CA LEU C 386 -10.22 -5.84 20.71
C LEU C 386 -11.45 -5.22 20.09
N ALA C 387 -12.17 -4.46 20.90
CA ALA C 387 -13.43 -3.90 20.48
C ALA C 387 -13.17 -2.79 19.52
N ARG C 388 -12.16 -1.99 19.80
CA ARG C 388 -11.83 -0.86 18.93
C ARG C 388 -11.45 -1.32 17.52
N LEU C 389 -10.97 -2.55 17.38
CA LEU C 389 -10.63 -3.12 16.08
C LEU C 389 -11.81 -3.30 15.15
N HIS C 390 -13.01 -3.38 15.70
CA HIS C 390 -14.22 -3.52 14.92
C HIS C 390 -14.16 -4.74 14.01
N THR C 391 -13.90 -5.90 14.58
CA THR C 391 -14.03 -7.15 13.83
C THR C 391 -15.51 -7.59 13.63
N PRO C 392 -15.81 -8.25 12.52
CA PRO C 392 -17.17 -8.81 12.34
C PRO C 392 -17.43 -10.07 13.16
N LEU C 393 -16.38 -10.60 13.78
CA LEU C 393 -16.57 -11.73 14.64
C LEU C 393 -17.17 -11.26 15.96
N PRO C 394 -18.19 -12.00 16.46
CA PRO C 394 -18.66 -11.89 17.82
C PRO C 394 -17.51 -11.80 18.79
N LEU C 395 -17.60 -10.84 19.68
CA LEU C 395 -16.60 -10.58 20.65
C LEU C 395 -17.23 -10.88 22.03
N LEU C 396 -16.67 -11.84 22.75
CA LEU C 396 -17.29 -12.41 23.97
C LEU C 396 -16.37 -12.34 25.15
N ALA C 397 -16.72 -11.51 26.13
CA ALA C 397 -15.89 -11.28 27.32
C ALA C 397 -16.31 -12.20 28.47
N PHE C 398 -15.33 -12.67 29.22
CA PHE C 398 -15.59 -13.56 30.31
C PHE C 398 -14.95 -12.97 31.52
N THR C 399 -15.73 -12.79 32.58
CA THR C 399 -15.22 -12.12 33.73
C THR C 399 -15.89 -12.62 34.99
N ALA C 400 -15.22 -12.44 36.10
CA ALA C 400 -15.80 -12.82 37.37
C ALA C 400 -16.58 -11.68 37.97
N TRP C 401 -16.13 -10.46 37.71
CA TRP C 401 -16.80 -9.30 38.29
C TRP C 401 -18.07 -8.95 37.51
N PRO C 402 -19.22 -8.91 38.19
CA PRO C 402 -20.49 -8.71 37.51
C PRO C 402 -20.71 -7.28 37.12
N GLU C 403 -20.03 -6.36 37.79
CA GLU C 403 -20.17 -4.95 37.46
C GLU C 403 -19.51 -4.69 36.12
N VAL C 404 -18.55 -5.51 35.77
CA VAL C 404 -17.85 -5.40 34.50
C VAL C 404 -18.76 -5.71 33.31
N ARG C 405 -19.76 -6.55 33.52
CA ARG C 405 -20.72 -6.82 32.48
C ARG C 405 -21.55 -5.59 32.15
N SER C 406 -21.84 -4.80 33.19
CA SER C 406 -22.56 -3.55 33.01
C SER C 406 -21.70 -2.48 32.36
N GLN C 407 -20.41 -2.51 32.62
CA GLN C 407 -19.53 -1.48 32.10
C GLN C 407 -19.23 -1.72 30.65
N LEU C 408 -19.19 -2.99 30.27
CA LEU C 408 -18.91 -3.35 28.90
C LEU C 408 -20.14 -3.22 28.04
N ALA C 409 -21.25 -2.83 28.63
CA ALA C 409 -22.45 -2.68 27.87
C ALA C 409 -22.35 -1.52 26.90
N MET C 410 -21.46 -0.57 27.14
CA MET C 410 -21.24 0.53 26.19
C MET C 410 -20.00 0.37 25.33
N THR C 411 -19.45 -0.83 25.28
CA THR C 411 -18.29 -1.11 24.42
C THR C 411 -18.73 -1.85 23.17
N TRP C 412 -18.27 -1.37 22.02
CA TRP C 412 -18.64 -1.90 20.72
C TRP C 412 -18.58 -3.42 20.64
N GLY C 413 -19.68 -4.02 20.16
CA GLY C 413 -19.69 -5.38 19.62
C GLY C 413 -19.51 -6.49 20.61
N THR C 414 -19.74 -6.18 21.89
CA THR C 414 -19.31 -7.01 22.98
C THR C 414 -20.44 -7.55 23.86
N GLU C 415 -20.49 -8.86 24.06
CA GLU C 415 -21.38 -9.47 25.03
C GLU C 415 -20.51 -10.03 26.15
N THR C 416 -21.00 -10.01 27.39
CA THR C 416 -20.21 -10.45 28.51
C THR C 416 -20.85 -11.63 29.25
N PHE C 417 -20.00 -12.47 29.83
CA PHE C 417 -20.44 -13.63 30.58
C PHE C 417 -19.81 -13.62 31.96
N ILE C 418 -20.65 -13.85 32.96
CA ILE C 418 -20.18 -13.93 34.31
C ILE C 418 -19.88 -15.37 34.58
N VAL C 419 -18.72 -15.62 35.18
CA VAL C 419 -18.28 -16.96 35.52
C VAL C 419 -17.48 -16.93 36.80
N PRO C 420 -17.47 -18.05 37.52
CA PRO C 420 -16.65 -18.18 38.71
C PRO C 420 -15.18 -18.11 38.39
N LYS C 421 -14.38 -17.67 39.36
CA LYS C 421 -12.95 -17.36 39.18
C LYS C 421 -12.18 -18.65 38.93
N MET C 422 -11.24 -18.62 37.99
CA MET C 422 -10.67 -19.87 37.47
C MET C 422 -9.19 -20.03 37.84
N GLN C 423 -8.79 -21.29 38.04
CA GLN C 423 -7.42 -21.61 38.45
C GLN C 423 -6.82 -22.74 37.62
N SER C 424 -7.05 -22.70 36.30
CA SER C 424 -6.34 -23.57 35.34
C SER C 424 -6.82 -23.22 33.93
N THR C 425 -5.96 -23.37 32.92
CA THR C 425 -6.42 -23.19 31.55
C THR C 425 -7.49 -24.26 31.18
N ASP C 426 -7.30 -25.53 31.58
CA ASP C 426 -8.37 -26.56 31.47
C ASP C 426 -9.75 -26.06 31.92
N GLY C 427 -9.77 -25.44 33.12
CA GLY C 427 -10.95 -24.76 33.65
C GLY C 427 -11.55 -23.79 32.64
N MET C 428 -10.73 -22.88 32.11
CA MET C 428 -11.19 -21.82 31.18
C MET C 428 -11.89 -22.43 29.98
N ILE C 429 -11.25 -23.41 29.36
CA ILE C 429 -11.83 -24.07 28.20
C ILE C 429 -13.14 -24.75 28.53
N ARG C 430 -13.20 -25.52 29.61
CA ARG C 430 -14.45 -26.16 29.96
C ARG C 430 -15.49 -25.07 30.18
N GLN C 431 -15.09 -24.04 30.90
CA GLN C 431 -15.93 -22.88 31.16
C GLN C 431 -16.51 -22.28 29.87
N VAL C 432 -15.64 -21.98 28.91
CA VAL C 432 -16.07 -21.38 27.67
C VAL C 432 -17.08 -22.25 26.96
N ASP C 433 -16.75 -23.51 26.77
CA ASP C 433 -17.62 -24.42 26.03
C ASP C 433 -18.97 -24.51 26.70
N LYS C 434 -18.97 -24.51 28.03
CA LYS C 434 -20.21 -24.61 28.76
C LYS C 434 -21.03 -23.37 28.50
N SER C 435 -20.43 -22.20 28.74
CA SER C 435 -21.14 -20.95 28.63
C SER C 435 -21.69 -20.79 27.23
N LEU C 436 -20.88 -21.09 26.23
CA LEU C 436 -21.26 -20.85 24.83
C LEU C 436 -22.26 -21.87 24.30
N LEU C 437 -22.23 -23.08 24.84
CA LEU C 437 -23.11 -24.14 24.35
C LEU C 437 -24.56 -23.90 24.72
N GLU C 438 -24.77 -23.02 25.70
CA GLU C 438 -26.11 -22.72 26.18
C GLU C 438 -26.83 -21.77 25.22
N LEU C 439 -26.12 -21.25 24.26
CA LEU C 439 -26.73 -20.44 23.21
C LEU C 439 -26.97 -21.33 22.02
N ALA C 440 -27.96 -21.01 21.22
CA ALA C 440 -28.32 -21.84 20.06
C ALA C 440 -27.33 -21.70 18.88
N ARG C 441 -26.62 -20.58 18.80
CA ARG C 441 -25.70 -20.33 17.70
C ARG C 441 -24.32 -20.95 17.95
N TYR C 442 -24.20 -21.70 19.01
CA TYR C 442 -22.95 -22.33 19.34
C TYR C 442 -23.15 -23.83 19.52
N LYS C 443 -22.41 -24.58 18.73
CA LYS C 443 -22.52 -26.03 18.70
C LYS C 443 -21.14 -26.65 18.78
N ARG C 444 -21.08 -27.93 19.14
CA ARG C 444 -19.81 -28.63 19.12
C ARG C 444 -19.21 -28.56 17.72
N GLY C 445 -17.89 -28.30 17.67
CA GLY C 445 -17.19 -28.15 16.39
C GLY C 445 -16.89 -26.70 16.01
N ASP C 446 -17.74 -25.78 16.44
CA ASP C 446 -17.50 -24.37 16.23
C ASP C 446 -16.13 -23.95 16.75
N LEU C 447 -15.47 -23.15 15.95
CA LEU C 447 -14.11 -22.78 16.18
C LEU C 447 -14.10 -21.40 16.80
N VAL C 448 -13.35 -21.22 17.87
CA VAL C 448 -13.25 -19.92 18.51
C VAL C 448 -11.80 -19.64 18.87
N VAL C 449 -11.48 -18.40 19.12
CA VAL C 449 -10.14 -18.03 19.49
C VAL C 449 -10.21 -17.41 20.85
N ILE C 450 -9.36 -17.86 21.76
CA ILE C 450 -9.42 -17.47 23.14
C ILE C 450 -8.14 -16.73 23.57
N VAL C 451 -8.32 -15.58 24.19
CA VAL C 451 -7.21 -14.81 24.70
C VAL C 451 -7.28 -14.88 26.20
N ALA C 452 -6.15 -15.08 26.88
CA ALA C 452 -6.19 -15.34 28.30
C ALA C 452 -4.81 -15.17 28.97
N GLY C 453 -4.70 -15.58 30.25
CA GLY C 453 -3.39 -15.67 31.00
C GLY C 453 -3.38 -16.84 31.98
N SER C 461 -0.86 -9.12 31.96
CA SER C 461 -1.37 -10.33 32.58
C SER C 461 -2.08 -11.27 31.57
N THR C 462 -2.38 -10.73 30.38
CA THR C 462 -2.83 -11.54 29.23
C THR C 462 -1.61 -11.99 28.42
N ASN C 463 -1.48 -13.30 28.17
CA ASN C 463 -0.32 -13.76 27.41
C ASN C 463 -0.51 -15.08 26.64
N LEU C 464 -1.68 -15.31 26.09
CA LEU C 464 -1.97 -16.60 25.54
C LEU C 464 -3.06 -16.57 24.50
N ILE C 465 -2.84 -17.21 23.37
CA ILE C 465 -3.91 -17.32 22.38
C ILE C 465 -4.10 -18.77 22.09
N HIS C 466 -5.34 -19.18 21.98
CA HIS C 466 -5.64 -20.57 21.91
C HIS C 466 -6.73 -20.79 20.92
N VAL C 467 -6.44 -21.54 19.87
CA VAL C 467 -7.44 -21.80 18.86
C VAL C 467 -8.12 -23.10 19.23
N HIS C 468 -9.43 -23.02 19.49
CA HIS C 468 -10.15 -24.10 20.14
C HIS C 468 -11.46 -24.38 19.44
N ARG C 469 -11.71 -25.65 19.24
CA ARG C 469 -12.94 -26.10 18.69
C ARG C 469 -13.82 -26.51 19.84
N ILE C 470 -15.05 -26.02 19.84
CA ILE C 470 -15.97 -26.27 20.92
C ILE C 470 -16.16 -27.78 21.14
N GLY C 471 -16.00 -28.20 22.40
CA GLY C 471 -16.19 -29.60 22.76
C GLY C 471 -14.91 -30.43 22.78
N GLU C 472 -14.14 -30.32 21.71
CA GLU C 472 -12.95 -31.16 21.52
C GLU C 472 -11.88 -30.90 22.57
N ASP C 473 -10.94 -31.83 22.69
CA ASP C 473 -9.84 -31.68 23.64
C ASP C 473 -8.56 -31.18 22.98
N ASP C 474 -8.53 -29.95 22.50
CA ASP C 474 -7.33 -29.43 21.82
C ASP C 474 -6.28 -28.86 22.79
N VAL C 475 -6.70 -28.64 24.04
CA VAL C 475 -5.80 -28.22 25.11
C VAL C 475 -5.03 -29.45 25.54
N THR D 5 -11.69 29.73 -0.71
CA THR D 5 -13.18 29.79 -0.79
C THR D 5 -13.81 28.48 -1.33
N ARG D 6 -15.13 28.45 -1.38
CA ARG D 6 -15.88 27.21 -1.36
C ARG D 6 -15.75 26.43 -2.65
N ARG D 7 -15.65 25.10 -2.54
CA ARG D 7 -15.51 24.25 -3.72
C ARG D 7 -16.80 23.53 -4.00
N GLY D 8 -17.49 23.09 -2.94
CA GLY D 8 -18.76 22.39 -3.09
C GLY D 8 -19.86 23.35 -3.47
N LYS D 9 -20.72 22.93 -4.39
CA LYS D 9 -21.76 23.80 -4.90
C LYS D 9 -23.06 23.66 -4.12
N ILE D 10 -23.88 24.70 -4.19
CA ILE D 10 -25.13 24.79 -3.45
C ILE D 10 -26.30 25.03 -4.38
N VAL D 11 -27.31 24.17 -4.30
CA VAL D 11 -28.51 24.29 -5.13
C VAL D 11 -29.65 24.80 -4.28
N CYS D 12 -30.34 25.86 -4.69
CA CYS D 12 -31.47 26.37 -3.88
C CYS D 12 -32.76 26.29 -4.63
N THR D 13 -33.83 26.07 -3.92
CA THR D 13 -35.12 25.92 -4.56
C THR D 13 -35.90 27.22 -4.39
N LEU D 14 -36.45 27.74 -5.48
CA LEU D 14 -37.20 28.97 -5.43
C LEU D 14 -38.65 28.70 -5.22
N GLY D 15 -39.28 29.55 -4.43
CA GLY D 15 -40.73 29.54 -4.26
C GLY D 15 -41.19 30.74 -3.44
N PRO D 16 -42.37 30.64 -2.83
CA PRO D 16 -42.96 31.76 -2.11
C PRO D 16 -41.99 32.56 -1.23
N ALA D 17 -41.07 31.90 -0.55
CA ALA D 17 -40.20 32.63 0.38
C ALA D 17 -39.14 33.43 -0.32
N THR D 18 -38.89 33.17 -1.58
CA THR D 18 -37.89 33.92 -2.31
C THR D 18 -38.50 34.89 -3.32
N GLN D 19 -39.81 35.08 -3.29
CA GLN D 19 -40.46 35.97 -4.25
C GLN D 19 -40.46 37.42 -3.81
N ARG D 20 -40.17 37.67 -2.55
CA ARG D 20 -40.14 39.03 -1.99
C ARG D 20 -38.92 39.79 -2.52
N ASP D 21 -38.93 41.10 -2.39
CA ASP D 21 -38.07 41.91 -3.24
C ASP D 21 -36.59 41.69 -3.02
N ASP D 22 -35.96 41.28 -4.10
CA ASP D 22 -34.55 41.07 -4.18
C ASP D 22 -34.05 40.03 -3.26
N LEU D 23 -34.85 39.01 -2.98
CA LEU D 23 -34.38 37.89 -2.20
C LEU D 23 -33.60 36.93 -3.05
N VAL D 24 -33.94 36.83 -4.32
CA VAL D 24 -33.20 35.99 -5.21
C VAL D 24 -31.79 36.54 -5.38
N ARG D 25 -31.69 37.84 -5.45
CA ARG D 25 -30.40 38.47 -5.55
C ARG D 25 -29.61 38.17 -4.28
N ALA D 26 -30.28 38.20 -3.15
CA ALA D 26 -29.66 37.98 -1.88
C ALA D 26 -29.10 36.57 -1.78
N LEU D 27 -29.77 35.61 -2.42
CA LEU D 27 -29.36 34.22 -2.37
C LEU D 27 -28.14 34.05 -3.20
N VAL D 28 -28.13 34.69 -4.36
CA VAL D 28 -27.01 34.57 -5.26
C VAL D 28 -25.76 35.15 -4.59
N GLU D 29 -25.93 36.30 -3.98
CA GLU D 29 -24.85 36.95 -3.26
C GLU D 29 -24.41 36.13 -2.07
N ALA D 30 -25.31 35.34 -1.51
CA ALA D 30 -24.97 34.48 -0.39
C ALA D 30 -24.29 33.15 -0.81
N GLY D 31 -24.33 32.85 -2.09
CA GLY D 31 -23.56 31.74 -2.61
C GLY D 31 -24.34 30.71 -3.43
N MET D 32 -25.61 30.94 -3.68
CA MET D 32 -26.36 30.00 -4.50
C MET D 32 -25.67 29.81 -5.84
N ASP D 33 -25.45 28.57 -6.23
CA ASP D 33 -24.80 28.27 -7.50
C ASP D 33 -25.80 27.80 -8.54
N VAL D 34 -26.86 27.15 -8.10
CA VAL D 34 -27.88 26.70 -9.01
C VAL D 34 -29.24 26.94 -8.38
N ALA D 35 -30.19 27.42 -9.17
CA ALA D 35 -31.53 27.68 -8.70
C ALA D 35 -32.43 26.65 -9.33
N ARG D 36 -33.22 25.98 -8.49
CA ARG D 36 -34.16 24.97 -8.93
C ARG D 36 -35.56 25.57 -8.97
N MET D 37 -36.22 25.41 -10.09
CA MET D 37 -37.59 25.79 -10.24
C MET D 37 -38.38 24.51 -10.12
N ASN D 38 -39.23 24.44 -9.11
CA ASN D 38 -39.95 23.22 -8.87
C ASN D 38 -41.32 23.33 -9.52
N PHE D 39 -41.51 22.57 -10.60
CA PHE D 39 -42.80 22.58 -11.30
C PHE D 39 -43.94 21.82 -10.62
N SER D 40 -43.73 21.36 -9.40
CA SER D 40 -44.82 20.84 -8.61
C SER D 40 -45.66 21.95 -8.00
N HIS D 41 -45.11 23.16 -7.96
CA HIS D 41 -45.84 24.32 -7.41
C HIS D 41 -45.76 25.50 -8.36
N GLY D 42 -46.68 26.45 -8.19
CA GLY D 42 -46.61 27.73 -8.90
C GLY D 42 -47.07 27.65 -10.33
N ASP D 43 -47.37 28.80 -10.93
CA ASP D 43 -47.76 28.87 -12.33
C ASP D 43 -46.59 29.31 -13.21
N TYR D 44 -46.79 29.30 -14.52
CA TYR D 44 -45.76 29.73 -15.45
C TYR D 44 -45.29 31.17 -15.20
N ASP D 45 -46.18 32.07 -14.81
CA ASP D 45 -45.76 33.45 -14.49
C ASP D 45 -44.78 33.49 -13.35
N ASP D 46 -45.05 32.70 -12.32
CA ASP D 46 -44.13 32.58 -11.19
C ASP D 46 -42.75 32.15 -11.62
N HIS D 47 -42.70 31.14 -12.48
CA HIS D 47 -41.43 30.58 -12.84
C HIS D 47 -40.68 31.60 -13.66
N LYS D 48 -41.40 32.24 -14.54
CA LYS D 48 -40.86 33.25 -15.42
C LYS D 48 -40.26 34.41 -14.64
N VAL D 49 -40.97 34.94 -13.66
CA VAL D 49 -40.42 36.02 -12.86
C VAL D 49 -39.14 35.57 -12.15
N ALA D 50 -39.17 34.38 -11.55
CA ALA D 50 -38.04 33.89 -10.81
C ALA D 50 -36.82 33.66 -11.73
N TYR D 51 -37.06 33.02 -12.86
CA TYR D 51 -36.02 32.84 -13.87
C TYR D 51 -35.31 34.15 -14.23
N GLU D 52 -36.08 35.22 -14.40
CA GLU D 52 -35.48 36.47 -14.81
C GLU D 52 -34.70 37.12 -13.69
N ARG D 53 -35.13 36.93 -12.46
CA ARG D 53 -34.45 37.54 -11.34
C ARG D 53 -33.12 36.85 -11.12
N VAL D 54 -33.00 35.63 -11.58
CA VAL D 54 -31.78 34.88 -11.44
C VAL D 54 -30.80 35.29 -12.51
N ARG D 55 -31.29 35.48 -13.71
CA ARG D 55 -30.43 35.94 -14.79
C ARG D 55 -29.87 37.31 -14.47
N VAL D 56 -30.70 38.17 -13.92
CA VAL D 56 -30.27 39.49 -13.56
C VAL D 56 -29.23 39.45 -12.46
N ALA D 57 -29.47 38.63 -11.45
CA ALA D 57 -28.57 38.54 -10.35
C ALA D 57 -27.27 37.89 -10.74
N SER D 58 -27.32 36.91 -11.62
CA SER D 58 -26.11 36.28 -12.10
C SER D 58 -25.30 37.31 -12.90
N ASP D 59 -25.96 38.05 -13.76
CA ASP D 59 -25.25 39.01 -14.57
C ASP D 59 -24.75 40.22 -13.77
N ALA D 60 -25.48 40.59 -12.73
CA ALA D 60 -25.15 41.77 -11.96
C ALA D 60 -24.04 41.52 -10.98
N THR D 61 -23.88 40.29 -10.55
CA THR D 61 -22.83 39.99 -9.59
C THR D 61 -21.62 39.34 -10.27
N GLY D 62 -21.86 38.75 -11.43
CA GLY D 62 -20.83 38.04 -12.14
C GLY D 62 -20.64 36.63 -11.64
N ARG D 63 -21.50 36.17 -10.74
CA ARG D 63 -21.49 34.78 -10.34
C ARG D 63 -22.29 33.94 -11.33
N ALA D 64 -21.76 32.79 -11.67
CA ALA D 64 -22.45 31.83 -12.49
C ALA D 64 -23.61 31.28 -11.67
N VAL D 65 -24.78 31.17 -12.29
CA VAL D 65 -25.89 30.55 -11.64
C VAL D 65 -26.67 29.76 -12.66
N GLY D 66 -26.71 28.45 -12.47
CA GLY D 66 -27.51 27.58 -13.35
C GLY D 66 -28.98 27.65 -12.98
N VAL D 67 -29.82 27.39 -13.94
CA VAL D 67 -31.22 27.28 -13.65
C VAL D 67 -31.60 25.88 -13.98
N LEU D 68 -32.20 25.22 -12.99
CA LEU D 68 -32.54 23.82 -13.07
C LEU D 68 -34.03 23.68 -13.00
N ALA D 69 -34.59 23.05 -14.02
CA ALA D 69 -36.02 22.79 -14.08
C ALA D 69 -36.32 21.38 -13.60
N ASP D 70 -37.08 21.27 -12.50
CA ASP D 70 -37.45 19.98 -11.91
C ASP D 70 -38.85 19.59 -12.37
N LEU D 71 -38.94 18.55 -13.17
CA LEU D 71 -40.22 18.05 -13.64
C LEU D 71 -40.85 17.14 -12.61
N GLN D 72 -42.14 17.35 -12.36
CA GLN D 72 -42.88 16.64 -11.34
C GLN D 72 -42.82 15.13 -11.52
N GLY D 73 -42.90 14.67 -12.77
CA GLY D 73 -42.88 13.24 -13.06
C GLY D 73 -44.22 12.61 -12.78
N PRO D 74 -44.30 11.27 -12.77
CA PRO D 74 -45.46 10.49 -12.38
C PRO D 74 -45.66 10.43 -10.86
N LYS D 75 -45.87 11.58 -10.27
CA LYS D 75 -46.13 11.70 -8.86
C LYS D 75 -47.56 11.30 -8.69
N ILE D 76 -47.81 10.46 -7.70
CA ILE D 76 -49.16 10.06 -7.33
C ILE D 76 -49.63 10.97 -6.21
N ARG D 77 -50.80 11.56 -6.38
CA ARG D 77 -51.31 12.51 -5.40
C ARG D 77 -52.80 12.26 -5.12
N LEU D 78 -53.25 12.75 -3.98
CA LEU D 78 -54.66 12.71 -3.64
C LEU D 78 -55.42 13.70 -4.50
N GLY D 79 -56.72 13.47 -4.66
CA GLY D 79 -57.57 14.43 -5.33
C GLY D 79 -57.98 15.56 -4.40
N ARG D 80 -59.21 16.01 -4.58
CA ARG D 80 -59.71 17.19 -3.89
C ARG D 80 -60.70 16.78 -2.80
N PHE D 81 -60.67 17.52 -1.69
CA PHE D 81 -61.58 17.28 -0.59
C PHE D 81 -62.69 18.36 -0.62
N ALA D 82 -63.90 17.97 -0.22
CA ALA D 82 -65.01 18.92 -0.14
C ALA D 82 -64.65 20.10 0.78
N SER D 83 -64.11 19.79 1.96
CA SER D 83 -63.74 20.81 2.95
C SER D 83 -62.37 21.45 2.72
N GLY D 84 -61.71 21.08 1.64
CA GLY D 84 -60.37 21.58 1.31
C GLY D 84 -59.28 20.78 2.01
N ALA D 85 -59.37 20.71 3.34
CA ALA D 85 -58.38 19.95 4.12
C ALA D 85 -59.03 19.36 5.34
N THR D 86 -58.76 18.07 5.60
CA THR D 86 -59.31 17.39 6.79
C THR D 86 -58.16 16.92 7.74
N HIS D 87 -58.45 15.95 8.60
CA HIS D 87 -57.43 15.38 9.48
C HIS D 87 -57.63 13.87 9.56
N TRP D 88 -56.58 13.13 9.24
CA TRP D 88 -56.58 11.68 9.29
C TRP D 88 -55.97 11.18 10.60
N ALA D 89 -56.79 10.53 11.42
CA ALA D 89 -56.42 10.17 12.80
C ALA D 89 -56.26 8.66 13.00
N GLU D 90 -55.26 8.32 13.82
CA GLU D 90 -54.92 6.92 14.15
C GLU D 90 -56.17 6.16 14.59
N GLY D 91 -56.70 5.32 13.72
CA GLY D 91 -57.88 4.55 14.05
C GLY D 91 -58.90 4.48 12.94
N GLU D 92 -58.92 5.52 12.09
CA GLU D 92 -60.03 5.73 11.16
C GLU D 92 -59.92 4.93 9.87
N THR D 93 -61.07 4.69 9.25
CA THR D 93 -61.08 4.07 7.93
C THR D 93 -61.15 5.16 6.89
N VAL D 94 -60.41 4.97 5.81
CA VAL D 94 -60.36 5.94 4.74
C VAL D 94 -60.40 5.24 3.38
N ARG D 95 -61.11 5.82 2.42
CA ARG D 95 -61.18 5.25 1.05
C ARG D 95 -60.45 6.16 0.07
N ILE D 96 -59.71 5.54 -0.83
CA ILE D 96 -59.02 6.26 -1.86
C ILE D 96 -59.46 5.61 -3.17
N THR D 97 -60.27 6.32 -3.96
CA THR D 97 -60.88 5.70 -5.13
C THR D 97 -60.33 6.27 -6.43
N VAL D 98 -60.25 5.43 -7.46
CA VAL D 98 -59.80 5.85 -8.79
C VAL D 98 -60.92 6.56 -9.56
N GLY D 99 -62.16 6.34 -9.12
CA GLY D 99 -63.30 7.07 -9.68
C GLY D 99 -63.24 8.51 -9.24
N ALA D 100 -63.75 9.41 -10.07
CA ALA D 100 -63.73 10.82 -9.73
C ALA D 100 -64.83 11.10 -8.70
N CYS D 101 -64.54 12.03 -7.80
CA CYS D 101 -65.52 12.54 -6.85
C CYS D 101 -64.93 13.77 -6.19
N GLU D 102 -65.76 14.51 -5.47
CA GLU D 102 -65.24 15.58 -4.66
C GLU D 102 -65.08 15.01 -3.28
N GLY D 103 -63.98 14.32 -3.11
CA GLY D 103 -63.70 13.56 -1.92
C GLY D 103 -64.04 14.21 -0.60
N SER D 104 -64.61 13.42 0.29
CA SER D 104 -64.82 13.82 1.64
C SER D 104 -63.72 13.21 2.52
N HIS D 105 -63.75 13.56 3.79
CA HIS D 105 -62.82 13.02 4.75
C HIS D 105 -62.71 11.47 4.74
N ASP D 106 -63.81 10.75 4.55
CA ASP D 106 -63.78 9.28 4.54
C ASP D 106 -63.44 8.75 3.13
N ARG D 107 -63.74 9.55 2.12
CA ARG D 107 -63.63 9.11 0.74
C ARG D 107 -62.91 10.18 -0.07
N VAL D 108 -61.99 9.77 -0.95
CA VAL D 108 -61.22 10.73 -1.75
C VAL D 108 -60.60 10.05 -2.96
N SER D 109 -60.26 10.86 -3.94
CA SER D 109 -59.77 10.36 -5.18
C SER D 109 -58.24 10.44 -5.23
N THR D 110 -57.67 9.73 -6.19
CA THR D 110 -56.27 9.85 -6.50
C THR D 110 -56.09 10.08 -8.01
N THR D 111 -54.90 10.50 -8.39
CA THR D 111 -54.58 10.69 -9.78
C THR D 111 -54.24 9.33 -10.41
N TYR D 112 -53.74 8.39 -9.61
CA TYR D 112 -53.33 7.08 -10.14
C TYR D 112 -54.59 6.28 -10.43
N LYS D 113 -54.83 5.97 -11.70
CA LYS D 113 -56.07 5.32 -12.08
C LYS D 113 -55.96 3.81 -12.02
N ARG D 114 -54.74 3.33 -11.84
CA ARG D 114 -54.53 1.92 -11.67
C ARG D 114 -54.40 1.56 -10.18
N LEU D 115 -54.87 2.43 -9.29
CA LEU D 115 -54.66 2.19 -7.86
C LEU D 115 -55.37 0.90 -7.42
N ALA D 116 -56.69 0.88 -7.59
CA ALA D 116 -57.50 -0.28 -7.24
C ALA D 116 -56.98 -1.57 -7.90
N GLN D 117 -56.62 -1.49 -9.17
CA GLN D 117 -56.20 -2.70 -9.87
C GLN D 117 -54.74 -3.08 -9.55
N ASP D 118 -53.99 -2.21 -8.87
CA ASP D 118 -52.58 -2.51 -8.49
C ASP D 118 -52.32 -2.57 -6.98
N ALA D 119 -53.18 -1.97 -6.17
CA ALA D 119 -53.04 -2.04 -4.73
C ALA D 119 -53.55 -3.40 -4.23
N VAL D 120 -53.00 -3.87 -3.13
CA VAL D 120 -53.29 -5.22 -2.61
C VAL D 120 -53.42 -5.10 -1.09
N ALA D 121 -54.15 -6.00 -0.44
CA ALA D 121 -54.31 -5.91 1.01
C ALA D 121 -52.98 -6.05 1.78
N GLY D 122 -52.80 -5.19 2.77
CA GLY D 122 -51.54 -5.11 3.49
C GLY D 122 -50.57 -4.05 2.96
N ASP D 123 -50.88 -3.43 1.83
CA ASP D 123 -50.03 -2.38 1.28
C ASP D 123 -50.01 -1.19 2.20
N ARG D 124 -48.82 -0.62 2.42
CA ARG D 124 -48.70 0.61 3.21
C ARG D 124 -48.84 1.84 2.33
N VAL D 125 -49.42 2.90 2.88
CA VAL D 125 -49.58 4.14 2.15
C VAL D 125 -48.99 5.25 2.94
N LEU D 126 -47.98 5.89 2.41
CA LEU D 126 -47.35 6.99 3.13
C LEU D 126 -47.68 8.30 2.45
N VAL D 127 -48.10 9.25 3.26
CA VAL D 127 -48.57 10.51 2.74
C VAL D 127 -47.55 11.56 3.10
N ASP D 128 -47.30 12.50 2.17
CA ASP D 128 -46.43 13.65 2.43
C ASP D 128 -45.07 13.19 3.00
N ASP D 129 -44.50 12.13 2.39
CA ASP D 129 -43.17 11.58 2.75
C ASP D 129 -43.06 11.05 4.21
N GLY D 130 -44.15 10.51 4.75
CA GLY D 130 -44.13 9.81 6.05
C GLY D 130 -44.73 10.57 7.24
N LYS D 131 -45.53 11.59 6.98
CA LYS D 131 -46.19 12.34 8.04
C LYS D 131 -47.46 11.66 8.49
N VAL D 132 -48.01 10.81 7.62
CA VAL D 132 -49.21 10.03 7.89
C VAL D 132 -49.05 8.70 7.18
N ALA D 133 -49.41 7.62 7.87
CA ALA D 133 -49.27 6.27 7.34
C ALA D 133 -50.59 5.53 7.41
N LEU D 134 -50.86 4.72 6.42
CA LEU D 134 -52.10 4.00 6.31
C LEU D 134 -51.82 2.59 5.90
N VAL D 135 -52.76 1.69 6.17
CA VAL D 135 -52.66 0.35 5.64
C VAL D 135 -53.94 -0.05 4.91
N VAL D 136 -53.74 -0.62 3.72
CA VAL D 136 -54.82 -1.12 2.87
C VAL D 136 -55.53 -2.35 3.50
N ASP D 137 -56.83 -2.19 3.74
CA ASP D 137 -57.67 -3.28 4.22
C ASP D 137 -58.32 -4.08 3.08
N ALA D 138 -58.96 -3.38 2.14
CA ALA D 138 -59.60 -4.06 1.00
C ALA D 138 -59.63 -3.23 -0.30
N VAL D 139 -59.65 -3.95 -1.42
CA VAL D 139 -59.99 -3.38 -2.71
C VAL D 139 -61.42 -3.79 -3.06
N GLU D 140 -62.37 -2.87 -2.88
CA GLU D 140 -63.77 -3.12 -3.27
C GLU D 140 -64.13 -2.35 -4.56
N GLY D 141 -64.27 -3.08 -5.67
CA GLY D 141 -64.56 -2.47 -6.98
C GLY D 141 -63.54 -1.43 -7.38
N ASP D 142 -63.93 -0.16 -7.26
CA ASP D 142 -63.06 0.98 -7.61
C ASP D 142 -62.44 1.69 -6.40
N ASP D 143 -62.60 1.14 -5.20
CA ASP D 143 -62.09 1.79 -3.98
C ASP D 143 -61.00 1.01 -3.25
N VAL D 144 -60.09 1.73 -2.63
CA VAL D 144 -59.05 1.14 -1.82
C VAL D 144 -59.31 1.55 -0.38
N VAL D 145 -59.77 0.59 0.43
CA VAL D 145 -60.16 0.85 1.82
C VAL D 145 -58.94 0.75 2.72
N CYS D 146 -58.77 1.74 3.59
CA CYS D 146 -57.53 1.85 4.37
C CYS D 146 -57.81 2.16 5.81
N THR D 147 -56.90 1.76 6.68
CA THR D 147 -56.97 2.11 8.07
C THR D 147 -55.78 2.99 8.35
N VAL D 148 -56.03 4.15 8.90
CA VAL D 148 -54.95 5.02 9.31
C VAL D 148 -54.21 4.40 10.46
N VAL D 149 -52.88 4.39 10.38
CA VAL D 149 -52.02 3.76 11.41
C VAL D 149 -51.12 4.77 12.16
N GLU D 150 -50.68 5.80 11.44
CA GLU D 150 -50.06 6.97 12.09
C GLU D 150 -50.79 8.18 11.55
N GLY D 151 -51.39 8.95 12.44
CA GLY D 151 -52.25 10.06 12.03
C GLY D 151 -51.55 11.38 11.80
N GLY D 152 -52.27 12.34 11.23
CA GLY D 152 -51.71 13.64 10.89
C GLY D 152 -52.60 14.42 9.92
N PRO D 153 -52.02 15.40 9.18
CA PRO D 153 -52.76 16.32 8.26
C PRO D 153 -52.83 15.90 6.76
N VAL D 154 -54.01 15.99 6.12
CA VAL D 154 -54.14 15.80 4.63
C VAL D 154 -54.87 16.95 3.87
N SER D 155 -54.11 17.62 3.01
CA SER D 155 -54.67 18.64 2.11
C SER D 155 -55.07 18.02 0.77
N ASP D 156 -55.50 18.87 -0.14
CA ASP D 156 -55.76 18.47 -1.50
C ASP D 156 -54.42 18.27 -2.19
N ASN D 157 -54.40 17.27 -3.07
CA ASN D 157 -53.29 17.01 -3.98
C ASN D 157 -51.95 16.65 -3.32
N LYS D 158 -51.99 16.24 -2.05
CA LYS D 158 -50.78 15.83 -1.37
C LYS D 158 -50.31 14.50 -1.90
N GLY D 159 -49.01 14.26 -1.81
CA GLY D 159 -48.41 13.13 -2.48
C GLY D 159 -48.39 11.89 -1.63
N ILE D 160 -48.76 10.77 -2.23
CA ILE D 160 -48.72 9.52 -1.53
C ILE D 160 -47.76 8.59 -2.21
N SER D 161 -47.24 7.67 -1.44
CA SER D 161 -46.30 6.71 -1.93
C SER D 161 -46.72 5.36 -1.42
N LEU D 162 -46.68 4.35 -2.28
CA LEU D 162 -47.06 2.99 -1.88
C LEU D 162 -45.85 2.08 -1.99
N PRO D 163 -45.03 2.00 -0.94
CA PRO D 163 -43.79 1.24 -1.03
C PRO D 163 -43.99 -0.18 -1.56
N GLY D 164 -43.13 -0.60 -2.47
CA GLY D 164 -43.18 -1.95 -2.97
C GLY D 164 -44.03 -2.06 -4.21
N MET D 165 -45.27 -1.58 -4.17
CA MET D 165 -46.19 -1.66 -5.33
C MET D 165 -45.58 -1.14 -6.63
N ASN D 166 -45.56 -2.00 -7.65
CA ASN D 166 -45.02 -1.66 -8.95
C ASN D 166 -45.98 -0.69 -9.65
N VAL D 167 -45.48 0.50 -9.96
CA VAL D 167 -46.30 1.51 -10.60
C VAL D 167 -46.13 1.40 -12.10
N THR D 168 -47.23 1.52 -12.82
CA THR D 168 -47.19 1.66 -14.26
C THR D 168 -47.61 3.09 -14.57
N ALA D 169 -46.69 3.89 -15.09
CA ALA D 169 -46.98 5.26 -15.50
C ALA D 169 -45.90 5.71 -16.44
N PRO D 170 -46.28 6.50 -17.44
CA PRO D 170 -45.26 7.01 -18.32
C PRO D 170 -44.31 7.96 -17.54
N ALA D 171 -43.02 7.90 -17.89
CA ALA D 171 -41.97 8.71 -17.24
C ALA D 171 -42.25 10.20 -17.34
N LEU D 172 -42.76 10.63 -18.49
CA LEU D 172 -43.24 11.97 -18.68
C LEU D 172 -44.77 11.99 -18.83
N SER D 173 -45.44 12.72 -17.94
CA SER D 173 -46.86 13.00 -18.06
C SER D 173 -47.13 14.14 -19.03
N GLU D 174 -48.41 14.38 -19.31
CA GLU D 174 -48.78 15.47 -20.20
C GLU D 174 -48.31 16.78 -19.60
N LYS D 175 -48.47 16.92 -18.29
CA LYS D 175 -48.02 18.10 -17.59
C LYS D 175 -46.55 18.30 -17.70
N ASP D 176 -45.80 17.24 -17.54
CA ASP D 176 -44.34 17.32 -17.65
C ASP D 176 -43.90 17.87 -18.99
N ILE D 177 -44.38 17.25 -20.06
CA ILE D 177 -44.04 17.67 -21.41
C ILE D 177 -44.34 19.16 -21.65
N GLU D 178 -45.51 19.62 -21.23
CA GLU D 178 -45.84 21.04 -21.31
C GLU D 178 -44.81 21.84 -20.55
N ASP D 179 -44.55 21.42 -19.32
CA ASP D 179 -43.60 22.12 -18.44
C ASP D 179 -42.16 22.07 -18.98
N LEU D 180 -41.82 20.98 -19.64
CA LEU D 180 -40.49 20.86 -20.20
C LEU D 180 -40.37 21.85 -21.33
N THR D 181 -41.32 21.83 -22.24
CA THR D 181 -41.36 22.76 -23.33
C THR D 181 -41.23 24.22 -22.86
N PHE D 182 -42.05 24.59 -21.89
CA PHE D 182 -42.07 25.95 -21.40
C PHE D 182 -40.72 26.34 -20.90
N ALA D 183 -40.08 25.42 -20.17
CA ALA D 183 -38.75 25.67 -19.57
C ALA D 183 -37.64 25.76 -20.62
N LEU D 184 -37.70 24.91 -21.63
CA LEU D 184 -36.73 24.96 -22.68
C LEU D 184 -36.82 26.28 -23.44
N ASN D 185 -38.03 26.76 -23.72
CA ASN D 185 -38.20 28.05 -24.42
C ASN D 185 -37.80 29.20 -23.54
N LEU D 186 -37.99 29.03 -22.24
CA LEU D 186 -37.65 30.04 -21.28
C LEU D 186 -36.13 30.18 -21.14
N GLY D 187 -35.43 29.09 -21.39
CA GLY D 187 -33.96 29.13 -21.42
C GLY D 187 -33.23 28.61 -20.19
N VAL D 188 -33.78 27.59 -19.55
CA VAL D 188 -33.13 26.94 -18.42
C VAL D 188 -31.91 26.18 -18.92
N ASP D 189 -31.03 25.82 -18.00
CA ASP D 189 -29.77 25.22 -18.35
C ASP D 189 -29.75 23.72 -18.18
N MET D 190 -30.55 23.21 -17.25
CA MET D 190 -30.59 21.80 -16.93
C MET D 190 -32.02 21.40 -16.65
N VAL D 191 -32.28 20.10 -16.70
CA VAL D 191 -33.57 19.58 -16.40
C VAL D 191 -33.42 18.36 -15.50
N ALA D 192 -34.20 18.29 -14.42
CA ALA D 192 -34.26 17.09 -13.59
C ALA D 192 -35.57 16.39 -13.79
N LEU D 193 -35.51 15.08 -13.79
CA LEU D 193 -36.70 14.27 -13.97
C LEU D 193 -36.92 13.44 -12.71
N SER D 194 -38.13 13.51 -12.17
CA SER D 194 -38.47 12.80 -10.95
C SER D 194 -38.91 11.39 -11.23
N PHE D 195 -38.63 10.52 -10.25
CA PHE D 195 -39.11 9.14 -10.24
C PHE D 195 -38.57 8.33 -11.40
N VAL D 196 -37.34 8.60 -11.79
CA VAL D 196 -36.71 7.86 -12.87
C VAL D 196 -36.61 6.40 -12.46
N ARG D 197 -36.80 5.50 -13.41
CA ARG D 197 -36.79 4.07 -13.12
C ARG D 197 -35.85 3.28 -13.98
N SER D 198 -35.62 3.72 -15.21
CA SER D 198 -34.70 3.00 -16.10
C SER D 198 -33.89 3.99 -16.90
N PRO D 199 -32.86 3.49 -17.59
CA PRO D 199 -32.08 4.34 -18.48
C PRO D 199 -32.87 4.85 -19.67
N ALA D 200 -33.93 4.14 -20.06
CA ALA D 200 -34.70 4.50 -21.24
C ALA D 200 -35.51 5.78 -21.03
N ASP D 201 -35.63 6.20 -19.79
CA ASP D 201 -36.41 7.37 -19.46
C ASP D 201 -35.80 8.63 -20.04
N VAL D 202 -34.48 8.67 -20.15
CA VAL D 202 -33.82 9.84 -20.71
C VAL D 202 -34.12 9.99 -22.18
N GLU D 203 -34.32 8.87 -22.89
CA GLU D 203 -34.63 8.93 -24.30
C GLU D 203 -35.97 9.61 -24.54
N LEU D 204 -36.89 9.52 -23.60
CA LEU D 204 -38.17 10.22 -23.74
C LEU D 204 -38.00 11.72 -23.57
N VAL D 205 -37.17 12.11 -22.64
CA VAL D 205 -36.88 13.50 -22.44
C VAL D 205 -36.17 14.03 -23.67
N HIS D 206 -35.23 13.25 -24.21
CA HIS D 206 -34.49 13.63 -25.40
C HIS D 206 -35.40 13.84 -26.64
N GLU D 207 -36.41 12.98 -26.79
CA GLU D 207 -37.36 13.15 -27.89
C GLU D 207 -38.05 14.51 -27.84
N VAL D 208 -38.46 14.93 -26.66
CA VAL D 208 -39.14 16.21 -26.51
C VAL D 208 -38.22 17.38 -26.81
N MET D 209 -36.97 17.27 -26.38
CA MET D 209 -36.00 18.31 -26.59
C MET D 209 -35.68 18.45 -28.06
N ASP D 210 -35.58 17.31 -28.75
CA ASP D 210 -35.27 17.30 -30.17
C ASP D 210 -36.39 17.88 -31.00
N ARG D 211 -37.62 17.61 -30.59
CA ARG D 211 -38.77 18.17 -31.26
C ARG D 211 -38.72 19.69 -31.21
N ILE D 212 -38.44 20.22 -30.02
CA ILE D 212 -38.42 21.66 -29.78
C ILE D 212 -37.15 22.32 -30.30
N GLY D 213 -36.13 21.52 -30.57
CA GLY D 213 -34.89 22.00 -31.17
C GLY D 213 -33.93 22.58 -30.16
N ARG D 214 -33.85 21.99 -28.97
CA ARG D 214 -32.94 22.47 -27.94
C ARG D 214 -32.67 21.43 -26.85
N ARG D 215 -31.41 21.10 -26.64
CA ARG D 215 -31.05 20.16 -25.58
C ARG D 215 -30.34 20.80 -24.43
N VAL D 216 -30.54 20.22 -23.26
CA VAL D 216 -29.75 20.55 -22.10
C VAL D 216 -29.46 19.27 -21.33
N PRO D 217 -28.56 19.38 -20.36
CA PRO D 217 -28.26 18.22 -19.54
C PRO D 217 -29.46 17.75 -18.75
N VAL D 218 -29.62 16.45 -18.64
CA VAL D 218 -30.73 15.88 -17.87
C VAL D 218 -30.26 15.21 -16.61
N ILE D 219 -30.88 15.58 -15.50
CA ILE D 219 -30.54 15.00 -14.21
C ILE D 219 -31.59 13.96 -13.80
N ALA D 220 -31.14 12.75 -13.51
CA ALA D 220 -32.02 11.71 -12.98
C ALA D 220 -32.11 11.87 -11.49
N LYS D 221 -33.32 12.09 -10.98
CA LYS D 221 -33.55 12.03 -9.56
C LYS D 221 -33.76 10.58 -9.15
N LEU D 222 -33.05 10.17 -8.10
CA LEU D 222 -33.09 8.79 -7.61
C LEU D 222 -33.98 8.73 -6.38
N GLU D 223 -35.17 8.18 -6.57
CA GLU D 223 -36.13 8.09 -5.48
C GLU D 223 -37.02 6.85 -5.62
N LYS D 224 -36.50 5.82 -6.27
CA LYS D 224 -37.27 4.62 -6.56
C LYS D 224 -36.34 3.42 -6.46
N PRO D 225 -36.87 2.28 -6.04
CA PRO D 225 -36.05 1.09 -5.94
C PRO D 225 -35.48 0.68 -7.29
N GLU D 226 -36.28 0.81 -8.35
CA GLU D 226 -35.86 0.38 -9.69
C GLU D 226 -34.68 1.23 -10.16
N ALA D 227 -34.64 2.48 -9.72
CA ALA D 227 -33.53 3.36 -10.02
C ALA D 227 -32.25 2.89 -9.39
N ILE D 228 -32.34 2.37 -8.18
CA ILE D 228 -31.15 1.93 -7.47
C ILE D 228 -30.64 0.59 -7.99
N ASP D 229 -31.53 -0.24 -8.53
CA ASP D 229 -31.13 -1.52 -9.14
C ASP D 229 -30.43 -1.28 -10.47
N ASN D 230 -30.76 -0.17 -11.12
CA ASN D 230 -30.19 0.19 -12.40
C ASN D 230 -29.29 1.40 -12.26
N LEU D 231 -28.73 1.59 -11.08
CA LEU D 231 -27.96 2.80 -10.79
C LEU D 231 -26.87 3.06 -11.84
N GLU D 232 -26.07 2.05 -12.15
CA GLU D 232 -24.99 2.26 -13.08
C GLU D 232 -25.50 2.65 -14.44
N ALA D 233 -26.50 1.93 -14.94
CA ALA D 233 -27.07 2.21 -16.25
C ALA D 233 -27.61 3.63 -16.30
N ILE D 234 -28.30 4.03 -15.24
CA ILE D 234 -28.85 5.37 -15.16
C ILE D 234 -27.79 6.47 -15.15
N VAL D 235 -26.72 6.28 -14.38
CA VAL D 235 -25.66 7.27 -14.28
C VAL D 235 -24.95 7.45 -15.63
N LEU D 236 -24.97 6.41 -16.45
CA LEU D 236 -24.35 6.45 -17.75
C LEU D 236 -25.24 7.11 -18.79
N ALA D 237 -26.55 6.90 -18.71
CA ALA D 237 -27.46 7.45 -19.73
C ALA D 237 -27.80 8.89 -19.46
N PHE D 238 -27.85 9.28 -18.18
CA PHE D 238 -28.15 10.64 -17.82
C PHE D 238 -26.87 11.45 -17.66
N ASP D 239 -27.00 12.76 -17.54
CA ASP D 239 -25.86 13.64 -17.45
C ASP D 239 -25.47 13.93 -16.02
N ALA D 240 -26.40 13.70 -15.11
CA ALA D 240 -26.12 13.88 -13.70
C ALA D 240 -27.14 13.13 -12.84
N VAL D 241 -26.88 13.02 -11.53
CA VAL D 241 -27.85 12.42 -10.64
C VAL D 241 -28.08 13.24 -9.39
N MET D 242 -29.33 13.23 -8.93
CA MET D 242 -29.73 13.80 -7.65
C MET D 242 -30.25 12.70 -6.73
N VAL D 243 -29.64 12.56 -5.56
CA VAL D 243 -30.12 11.64 -4.58
C VAL D 243 -31.31 12.30 -3.90
N ALA D 244 -32.51 11.90 -4.29
CA ALA D 244 -33.70 12.59 -3.85
C ALA D 244 -34.25 11.92 -2.61
N ARG D 245 -33.70 12.29 -1.45
CA ARG D 245 -33.86 11.53 -0.22
C ARG D 245 -35.26 11.55 0.36
N GLY D 246 -36.01 12.62 0.10
CA GLY D 246 -37.38 12.65 0.53
C GLY D 246 -38.20 11.43 0.12
N ASP D 247 -38.41 11.26 -1.18
CA ASP D 247 -39.21 10.13 -1.64
C ASP D 247 -38.38 8.84 -1.53
N LEU D 248 -37.07 8.94 -1.60
CA LEU D 248 -36.25 7.75 -1.49
C LEU D 248 -36.47 7.06 -0.13
N GLY D 249 -36.70 7.85 0.90
CA GLY D 249 -36.91 7.33 2.26
C GLY D 249 -38.34 6.90 2.56
N VAL D 250 -39.19 6.90 1.55
CA VAL D 250 -40.50 6.28 1.68
C VAL D 250 -40.69 5.18 0.67
N GLU D 251 -40.04 5.31 -0.48
CA GLU D 251 -40.04 4.24 -1.50
C GLU D 251 -39.16 3.05 -1.07
N LEU D 252 -38.20 3.34 -0.21
CA LEU D 252 -37.30 2.39 0.36
C LEU D 252 -37.35 2.57 1.86
N PRO D 253 -36.93 1.56 2.61
CA PRO D 253 -36.77 1.76 4.06
C PRO D 253 -35.80 2.91 4.35
N LEU D 254 -36.16 3.80 5.26
CA LEU D 254 -35.33 4.98 5.49
C LEU D 254 -33.94 4.63 6.02
N GLU D 255 -33.81 3.48 6.65
CA GLU D 255 -32.54 3.05 7.18
C GLU D 255 -31.50 2.69 6.10
N GLU D 256 -31.96 2.47 4.87
CA GLU D 256 -31.08 2.10 3.77
C GLU D 256 -30.59 3.31 2.98
N VAL D 257 -31.21 4.45 3.23
CA VAL D 257 -30.97 5.59 2.39
C VAL D 257 -29.52 6.08 2.51
N PRO D 258 -28.97 6.08 3.73
CA PRO D 258 -27.60 6.59 3.88
C PRO D 258 -26.53 5.84 3.08
N LEU D 259 -26.67 4.55 2.90
CA LEU D 259 -25.70 3.83 2.13
C LEU D 259 -25.97 3.95 0.64
N VAL D 260 -27.23 4.10 0.28
CA VAL D 260 -27.57 4.31 -1.10
C VAL D 260 -26.98 5.63 -1.52
N GLN D 261 -27.11 6.64 -0.67
CA GLN D 261 -26.51 7.94 -0.95
C GLN D 261 -25.01 7.81 -1.25
N LYS D 262 -24.27 7.07 -0.45
CA LYS D 262 -22.82 7.00 -0.63
C LYS D 262 -22.46 6.24 -1.87
N ARG D 263 -23.28 5.27 -2.20
CA ARG D 263 -23.05 4.41 -3.34
C ARG D 263 -23.25 5.18 -4.64
N ALA D 264 -24.25 6.06 -4.64
CA ALA D 264 -24.60 6.86 -5.81
C ALA D 264 -23.58 7.94 -6.07
N ILE D 265 -23.13 8.60 -5.01
CA ILE D 265 -22.10 9.63 -5.14
C ILE D 265 -20.84 9.01 -5.72
N GLN D 266 -20.45 7.85 -5.21
CA GLN D 266 -19.24 7.16 -5.70
C GLN D 266 -19.42 6.79 -7.17
N MET D 267 -20.59 6.30 -7.52
CA MET D 267 -20.88 5.85 -8.86
C MET D 267 -20.83 7.04 -9.83
N ALA D 268 -21.33 8.19 -9.38
CA ALA D 268 -21.31 9.39 -10.18
C ALA D 268 -19.88 9.81 -10.39
N ARG D 269 -19.14 10.01 -9.29
CA ARG D 269 -17.73 10.34 -9.38
C ARG D 269 -16.86 9.41 -10.26
N GLU D 270 -17.11 8.11 -10.21
CA GLU D 270 -16.34 7.20 -11.05
C GLU D 270 -16.57 7.46 -12.52
N ASN D 271 -17.73 8.02 -12.86
CA ASN D 271 -18.11 8.27 -14.24
C ASN D 271 -18.11 9.74 -14.60
N ALA D 272 -17.54 10.56 -13.73
CA ALA D 272 -17.44 11.99 -13.94
C ALA D 272 -18.78 12.60 -14.30
N LYS D 273 -19.78 12.29 -13.49
CA LYS D 273 -21.06 12.91 -13.62
C LYS D 273 -21.32 13.59 -12.32
N PRO D 274 -21.95 14.76 -12.39
CA PRO D 274 -22.21 15.48 -11.16
C PRO D 274 -23.26 14.79 -10.34
N VAL D 275 -23.14 14.87 -9.05
CA VAL D 275 -24.15 14.33 -8.19
C VAL D 275 -24.60 15.40 -7.21
N ILE D 276 -25.91 15.47 -7.00
CA ILE D 276 -26.48 16.37 -6.03
C ILE D 276 -27.14 15.56 -4.92
N VAL D 277 -27.03 16.04 -3.68
CA VAL D 277 -27.68 15.39 -2.57
C VAL D 277 -28.81 16.30 -2.10
N ALA D 278 -30.01 15.78 -2.03
CA ALA D 278 -31.16 16.61 -1.78
C ALA D 278 -32.04 16.20 -0.60
N THR D 279 -32.68 17.23 -0.06
CA THR D 279 -33.85 17.13 0.77
C THR D 279 -33.57 16.89 2.22
N GLN D 280 -34.06 17.80 3.04
CA GLN D 280 -33.99 17.73 4.50
C GLN D 280 -32.60 17.86 5.09
N MET D 281 -31.68 18.50 4.39
CA MET D 281 -30.33 18.63 4.93
C MET D 281 -30.30 19.59 6.10
N LEU D 282 -31.02 20.70 5.99
CA LEU D 282 -31.19 21.62 7.10
C LEU D 282 -32.64 21.85 7.34
N ASP D 283 -33.38 20.76 7.41
CA ASP D 283 -34.85 20.81 7.47
C ASP D 283 -35.40 21.71 8.54
N SER D 284 -34.80 21.70 9.71
CA SER D 284 -35.33 22.45 10.82
C SER D 284 -35.22 23.95 10.62
N MET D 285 -34.46 24.39 9.64
CA MET D 285 -34.28 25.84 9.41
C MET D 285 -35.44 26.46 8.66
N ILE D 286 -36.42 25.64 8.32
CA ILE D 286 -37.68 26.12 7.87
C ILE D 286 -38.35 26.92 8.99
N GLU D 287 -38.17 26.49 10.25
CA GLU D 287 -38.76 27.18 11.42
C GLU D 287 -37.75 27.88 12.30
N ASN D 288 -36.50 27.41 12.29
CA ASN D 288 -35.49 27.85 13.25
C ASN D 288 -34.28 28.51 12.61
N SER D 289 -33.71 29.48 13.32
CA SER D 289 -32.57 30.24 12.80
C SER D 289 -31.27 29.43 12.79
N ARG D 290 -31.22 28.33 13.55
CA ARG D 290 -30.05 27.46 13.57
C ARG D 290 -30.49 26.04 13.37
N PRO D 291 -29.66 25.23 12.74
CA PRO D 291 -30.02 23.85 12.48
C PRO D 291 -29.77 22.92 13.66
N THR D 292 -30.11 21.64 13.50
CA THR D 292 -29.79 20.65 14.52
C THR D 292 -28.41 20.07 14.33
N ARG D 293 -27.92 19.43 15.37
CA ARG D 293 -26.63 18.82 15.30
C ARG D 293 -26.61 17.73 14.22
N ALA D 294 -27.74 17.08 14.00
CA ALA D 294 -27.80 16.06 12.98
C ALA D 294 -27.76 16.68 11.61
N GLU D 295 -28.38 17.84 11.48
CA GLU D 295 -28.40 18.49 10.20
C GLU D 295 -27.01 18.98 9.82
N ALA D 296 -26.32 19.65 10.73
CA ALA D 296 -24.93 20.05 10.47
C ALA D 296 -24.09 18.83 10.06
N SER D 297 -24.28 17.72 10.75
CA SER D 297 -23.53 16.50 10.49
C SER D 297 -23.85 15.94 9.12
N ASP D 298 -25.12 16.03 8.74
CA ASP D 298 -25.57 15.48 7.48
C ASP D 298 -24.93 16.23 6.30
N VAL D 299 -24.83 17.55 6.42
CA VAL D 299 -24.22 18.36 5.39
C VAL D 299 -22.73 18.10 5.32
N ALA D 300 -22.08 18.07 6.47
CA ALA D 300 -20.65 17.78 6.52
C ALA D 300 -20.36 16.42 5.90
N ASN D 301 -21.20 15.44 6.19
CA ASN D 301 -20.99 14.10 5.69
C ASN D 301 -21.24 13.98 4.20
N ALA D 302 -22.20 14.71 3.64
CA ALA D 302 -22.36 14.73 2.18
C ALA D 302 -21.12 15.34 1.47
N VAL D 303 -20.45 16.30 2.09
CA VAL D 303 -19.25 16.85 1.49
C VAL D 303 -18.12 15.84 1.45
N LEU D 304 -17.94 15.11 2.57
CA LEU D 304 -16.94 14.08 2.69
C LEU D 304 -17.28 12.86 1.84
N ASP D 305 -18.56 12.57 1.66
CA ASP D 305 -18.94 11.51 0.73
C ASP D 305 -18.39 11.83 -0.66
N GLY D 306 -18.28 13.12 -0.98
CA GLY D 306 -17.75 13.57 -2.28
C GLY D 306 -18.77 14.20 -3.21
N ALA D 307 -19.86 14.72 -2.64
CA ALA D 307 -20.90 15.28 -3.45
C ALA D 307 -20.45 16.57 -4.13
N ASP D 308 -20.79 16.68 -5.42
CA ASP D 308 -20.59 17.90 -6.18
C ASP D 308 -21.38 19.02 -5.53
N ALA D 309 -22.61 18.74 -5.16
CA ALA D 309 -23.51 19.80 -4.75
C ALA D 309 -24.54 19.29 -3.75
N LEU D 310 -24.92 20.18 -2.85
CA LEU D 310 -25.95 19.91 -1.89
C LEU D 310 -27.10 20.85 -2.17
N MET D 311 -28.31 20.40 -1.88
CA MET D 311 -29.49 21.17 -2.25
C MET D 311 -30.37 21.51 -1.05
N LEU D 312 -30.96 22.69 -1.12
CA LEU D 312 -31.96 23.13 -0.18
C LEU D 312 -33.29 23.13 -0.89
N SER D 313 -34.32 22.65 -0.21
CA SER D 313 -35.63 22.58 -0.81
C SER D 313 -36.57 23.52 -0.08
N GLY D 314 -37.26 23.03 0.95
CA GLY D 314 -38.19 23.83 1.73
C GLY D 314 -37.48 24.91 2.51
N GLU D 315 -36.20 24.70 2.77
CA GLU D 315 -35.43 25.65 3.56
C GLU D 315 -35.35 27.00 2.91
N THR D 316 -35.37 27.04 1.57
CA THR D 316 -35.34 28.32 0.84
C THR D 316 -36.66 28.65 0.17
N SER D 317 -37.40 27.61 -0.21
CA SER D 317 -38.63 27.78 -1.01
C SER D 317 -39.81 28.25 -0.21
N VAL D 318 -40.01 27.74 1.01
CA VAL D 318 -41.14 28.20 1.82
C VAL D 318 -40.82 28.71 3.18
N GLY D 319 -39.61 28.50 3.66
CA GLY D 319 -39.31 28.74 5.07
C GLY D 319 -39.05 30.19 5.47
N LYS D 320 -38.73 30.37 6.74
CA LYS D 320 -38.57 31.69 7.35
C LYS D 320 -37.13 32.19 7.34
N TYR D 321 -36.18 31.34 6.97
CA TYR D 321 -34.79 31.73 6.96
C TYR D 321 -34.05 31.26 5.70
N PRO D 322 -34.56 31.63 4.53
CA PRO D 322 -33.92 31.19 3.29
C PRO D 322 -32.47 31.64 3.13
N LEU D 323 -32.16 32.84 3.56
CA LEU D 323 -30.83 33.36 3.46
C LEU D 323 -29.89 32.73 4.45
N ALA D 324 -30.36 32.59 5.68
CA ALA D 324 -29.54 32.00 6.70
C ALA D 324 -29.24 30.56 6.39
N ALA D 325 -30.19 29.87 5.77
CA ALA D 325 -29.99 28.48 5.41
C ALA D 325 -28.81 28.38 4.47
N VAL D 326 -28.80 29.21 3.44
CA VAL D 326 -27.75 29.20 2.46
C VAL D 326 -26.43 29.57 3.10
N ARG D 327 -26.44 30.59 3.94
CA ARG D 327 -25.23 31.00 4.62
C ARG D 327 -24.70 29.90 5.53
N THR D 328 -25.62 29.23 6.24
CA THR D 328 -25.26 28.19 7.15
C THR D 328 -24.75 26.97 6.40
N MET D 329 -25.40 26.64 5.29
CA MET D 329 -24.94 25.53 4.51
C MET D 329 -23.53 25.82 4.03
N SER D 330 -23.28 27.05 3.63
CA SER D 330 -21.98 27.41 3.10
C SER D 330 -20.89 27.34 4.17
N ARG D 331 -21.16 27.84 5.37
CA ARG D 331 -20.18 27.75 6.45
C ARG D 331 -19.77 26.31 6.75
N ILE D 332 -20.74 25.40 6.76
CA ILE D 332 -20.43 24.02 7.09
C ILE D 332 -19.54 23.43 6.01
N ILE D 333 -19.92 23.65 4.77
CA ILE D 333 -19.13 23.18 3.65
C ILE D 333 -17.69 23.68 3.76
N CYS D 334 -17.55 24.98 3.98
CA CYS D 334 -16.24 25.57 4.09
C CYS D 334 -15.49 25.00 5.29
N ALA D 335 -16.16 24.80 6.41
CA ALA D 335 -15.48 24.28 7.60
C ALA D 335 -14.88 22.95 7.30
N VAL D 336 -15.62 22.11 6.60
CA VAL D 336 -15.13 20.80 6.24
C VAL D 336 -13.97 20.88 5.26
N GLU D 337 -14.14 21.65 4.20
CA GLU D 337 -13.09 21.80 3.16
C GLU D 337 -11.77 22.42 3.65
N GLU D 338 -11.84 23.34 4.60
CA GLU D 338 -10.64 23.96 5.15
C GLU D 338 -9.75 22.91 5.76
N ASN D 339 -10.37 21.96 6.45
CA ASN D 339 -9.63 20.89 7.03
C ASN D 339 -9.01 20.08 5.90
N SER D 340 -9.84 19.52 5.03
CA SER D 340 -9.34 18.76 3.88
C SER D 340 -10.37 18.70 2.77
N THR D 341 -9.91 18.60 1.53
CA THR D 341 -10.85 18.46 0.42
C THR D 341 -10.88 17.00 -0.09
N ALA D 342 -10.18 16.12 0.63
CA ALA D 342 -10.08 14.70 0.28
C ALA D 342 -11.42 13.98 0.26
N ALA D 343 -11.62 13.25 -0.83
CA ALA D 343 -12.78 12.41 -1.01
C ALA D 343 -12.39 10.94 -1.04
N PRO D 344 -13.38 10.06 -0.99
CA PRO D 344 -13.10 8.66 -1.11
C PRO D 344 -12.36 8.35 -2.37
N PRO D 345 -11.33 7.52 -2.27
CA PRO D 345 -10.60 7.14 -3.44
C PRO D 345 -11.48 6.51 -4.51
N LEU D 346 -11.10 6.72 -5.76
CA LEU D 346 -11.80 6.13 -6.86
C LEU D 346 -11.13 4.81 -7.18
N THR D 347 -11.91 3.83 -7.61
CA THR D 347 -11.35 2.49 -7.89
C THR D 347 -11.10 2.25 -9.37
N HIS D 348 -11.76 3.01 -10.24
CA HIS D 348 -11.56 2.83 -11.66
C HIS D 348 -10.22 3.41 -12.06
N ILE D 349 -9.64 2.84 -13.10
CA ILE D 349 -8.37 3.32 -13.55
C ILE D 349 -8.57 3.88 -14.95
N PRO D 350 -8.13 5.12 -15.15
CA PRO D 350 -8.34 5.81 -16.41
C PRO D 350 -7.77 5.06 -17.60
N ARG D 351 -8.61 4.79 -18.60
CA ARG D 351 -8.15 4.21 -19.86
C ARG D 351 -8.38 5.14 -21.06
N THR D 352 -9.07 6.24 -20.82
CA THR D 352 -9.43 7.16 -21.87
C THR D 352 -8.48 8.33 -21.86
N LYS D 353 -8.04 8.71 -23.06
CA LYS D 353 -7.09 9.78 -23.24
C LYS D 353 -7.36 10.96 -22.31
N ARG D 354 -8.59 11.43 -22.30
CA ARG D 354 -8.92 12.63 -21.52
C ARG D 354 -8.77 12.33 -20.06
N GLY D 355 -9.17 11.13 -19.65
CA GLY D 355 -9.12 10.75 -18.23
C GLY D 355 -7.67 10.67 -17.74
N VAL D 356 -6.87 9.97 -18.54
CA VAL D 356 -5.49 9.75 -18.23
C VAL D 356 -4.71 11.04 -18.07
N ILE D 357 -4.99 11.99 -18.96
CA ILE D 357 -4.35 13.30 -18.93
C ILE D 357 -4.81 14.15 -17.74
N SER D 358 -6.04 13.96 -17.34
CA SER D 358 -6.57 14.71 -16.24
C SER D 358 -5.83 14.31 -14.97
N TYR D 359 -5.69 13.00 -14.74
CA TYR D 359 -4.93 12.49 -13.56
C TYR D 359 -3.53 13.08 -13.57
N ALA D 360 -2.87 12.93 -14.70
CA ALA D 360 -1.53 13.46 -14.87
C ALA D 360 -1.47 14.95 -14.56
N ALA D 361 -2.42 15.72 -15.06
CA ALA D 361 -2.38 17.15 -14.86
C ALA D 361 -2.51 17.49 -13.39
N ARG D 362 -3.32 16.73 -12.68
CA ARG D 362 -3.46 16.93 -11.25
C ARG D 362 -2.14 16.63 -10.57
N ASP D 363 -1.53 15.51 -10.93
CA ASP D 363 -0.29 15.10 -10.31
C ASP D 363 0.73 16.19 -10.44
N ILE D 364 0.93 16.68 -11.67
CA ILE D 364 1.88 17.75 -11.93
C ILE D 364 1.57 18.97 -11.09
N GLY D 365 0.32 19.41 -11.14
CA GLY D 365 -0.05 20.60 -10.45
C GLY D 365 0.21 20.50 -8.97
N GLU D 366 -0.12 19.36 -8.38
CA GLU D 366 0.00 19.19 -6.94
C GLU D 366 1.46 19.12 -6.54
N ARG D 367 2.23 18.34 -7.28
CA ARG D 367 3.65 18.18 -6.96
C ARG D 367 4.46 19.46 -7.19
N LEU D 368 4.03 20.30 -8.12
CA LEU D 368 4.73 21.56 -8.39
C LEU D 368 4.16 22.73 -7.63
N ASP D 369 3.23 22.49 -6.71
CA ASP D 369 2.59 23.58 -5.96
C ASP D 369 1.94 24.62 -6.87
N ALA D 370 1.30 24.17 -7.94
CA ALA D 370 0.72 25.11 -8.90
C ALA D 370 -0.43 25.87 -8.27
N LYS D 371 -0.62 27.11 -8.70
CA LYS D 371 -1.67 27.95 -8.15
C LYS D 371 -3.03 27.57 -8.64
N ALA D 372 -3.09 26.85 -9.77
CA ALA D 372 -4.36 26.50 -10.40
C ALA D 372 -4.23 25.49 -11.54
N LEU D 373 -5.28 24.72 -11.78
CA LEU D 373 -5.38 23.93 -12.99
C LEU D 373 -6.37 24.60 -13.90
N VAL D 374 -6.07 24.59 -15.18
CA VAL D 374 -6.85 25.26 -16.16
C VAL D 374 -7.18 24.26 -17.23
N ALA D 375 -8.45 24.13 -17.56
CA ALA D 375 -8.79 23.26 -18.65
C ALA D 375 -9.61 24.02 -19.67
N PHE D 376 -9.32 23.77 -20.92
CA PHE D 376 -10.14 24.21 -22.01
C PHE D 376 -11.10 23.09 -22.31
N THR D 377 -12.34 23.43 -22.62
CA THR D 377 -13.30 22.40 -22.93
C THR D 377 -14.49 22.89 -23.72
N GLN D 378 -15.09 21.98 -24.47
N GLN D 378 -15.07 22.00 -24.52
CA GLN D 378 -16.21 22.30 -25.33
CA GLN D 378 -16.24 22.32 -25.37
C GLN D 378 -17.52 22.04 -24.59
C GLN D 378 -17.51 22.07 -24.57
N SER D 379 -17.63 20.86 -24.01
CA SER D 379 -18.85 20.44 -23.36
C SER D 379 -18.70 20.42 -21.85
N GLY D 380 -17.47 20.62 -21.37
CA GLY D 380 -17.19 20.50 -19.94
C GLY D 380 -16.63 19.13 -19.55
N ASP D 381 -16.67 18.18 -20.48
CA ASP D 381 -16.29 16.80 -20.21
C ASP D 381 -14.90 16.63 -19.57
N THR D 382 -13.90 17.36 -20.03
CA THR D 382 -12.55 17.25 -19.46
C THR D 382 -12.50 17.83 -18.07
N VAL D 383 -13.32 18.85 -17.84
CA VAL D 383 -13.31 19.53 -16.56
C VAL D 383 -13.98 18.68 -15.51
N ARG D 384 -14.94 17.88 -15.91
CA ARG D 384 -15.67 17.09 -14.98
C ARG D 384 -14.82 15.91 -14.52
N ARG D 385 -13.92 15.46 -15.39
CA ARG D 385 -13.02 14.36 -15.08
C ARG D 385 -11.94 14.79 -14.10
N LEU D 386 -11.70 16.09 -14.05
CA LEU D 386 -10.76 16.70 -13.12
C LEU D 386 -11.43 17.06 -11.82
N ALA D 387 -12.73 17.34 -11.91
CA ALA D 387 -13.47 17.81 -10.77
C ALA D 387 -13.70 16.68 -9.83
N ARG D 388 -14.01 15.52 -10.37
CA ARG D 388 -14.24 14.35 -9.54
C ARG D 388 -13.01 13.95 -8.72
N LEU D 389 -11.82 14.30 -9.20
CA LEU D 389 -10.59 14.03 -8.46
C LEU D 389 -10.48 14.78 -7.14
N HIS D 390 -11.22 15.88 -7.00
CA HIS D 390 -11.21 16.66 -5.77
C HIS D 390 -9.82 17.12 -5.38
N THR D 391 -9.14 17.79 -6.28
CA THR D 391 -7.88 18.45 -5.94
C THR D 391 -8.10 19.76 -5.13
N PRO D 392 -7.17 20.10 -4.24
CA PRO D 392 -7.27 21.41 -3.54
C PRO D 392 -6.87 22.60 -4.42
N LEU D 393 -6.34 22.32 -5.60
CA LEU D 393 -6.03 23.38 -6.51
C LEU D 393 -7.30 23.88 -7.15
N PRO D 394 -7.43 25.23 -7.24
CA PRO D 394 -8.44 25.86 -8.07
C PRO D 394 -8.50 25.23 -9.42
N LEU D 395 -9.71 24.96 -9.84
CA LEU D 395 -9.97 24.32 -11.09
C LEU D 395 -10.74 25.34 -11.95
N LEU D 396 -10.15 25.72 -13.09
CA LEU D 396 -10.64 26.83 -13.91
C LEU D 396 -10.89 26.41 -15.34
N ALA D 397 -12.16 26.42 -15.73
CA ALA D 397 -12.59 25.99 -17.06
C ALA D 397 -12.68 27.15 -18.03
N PHE D 398 -12.30 26.92 -19.26
CA PHE D 398 -12.31 27.96 -20.26
C PHE D 398 -13.11 27.45 -21.42
N THR D 399 -14.11 28.20 -21.82
CA THR D 399 -14.98 27.72 -22.85
C THR D 399 -15.54 28.87 -23.66
N ALA D 400 -15.95 28.56 -24.87
CA ALA D 400 -16.58 29.58 -25.70
C ALA D 400 -18.07 29.60 -25.49
N TRP D 401 -18.65 28.45 -25.17
CA TRP D 401 -20.09 28.38 -25.00
C TRP D 401 -20.51 28.89 -23.61
N PRO D 402 -21.39 29.89 -23.56
CA PRO D 402 -21.75 30.53 -22.31
C PRO D 402 -22.69 29.70 -21.49
N GLU D 403 -23.42 28.79 -22.14
CA GLU D 403 -24.36 27.95 -21.43
C GLU D 403 -23.57 26.93 -20.61
N VAL D 404 -22.35 26.64 -21.04
CA VAL D 404 -21.49 25.71 -20.33
C VAL D 404 -21.04 26.26 -18.98
N ARG D 405 -20.96 27.56 -18.86
CA ARG D 405 -20.63 28.16 -17.59
C ARG D 405 -21.74 27.93 -16.57
N SER D 406 -22.97 27.94 -17.04
CA SER D 406 -24.11 27.68 -16.20
C SER D 406 -24.22 26.19 -15.83
N GLN D 407 -23.78 25.33 -16.72
CA GLN D 407 -23.89 23.90 -16.48
C GLN D 407 -22.82 23.44 -15.52
N LEU D 408 -21.68 24.10 -15.56
CA LEU D 408 -20.58 23.76 -14.67
C LEU D 408 -20.76 24.36 -13.32
N ALA D 409 -21.84 25.08 -13.12
CA ALA D 409 -22.09 25.69 -11.85
C ALA D 409 -22.39 24.64 -10.80
N MET D 410 -22.83 23.45 -11.19
CA MET D 410 -23.06 22.38 -10.22
C MET D 410 -21.97 21.32 -10.21
N THR D 411 -20.81 21.64 -10.77
CA THR D 411 -19.67 20.72 -10.74
C THR D 411 -18.67 21.16 -9.69
N TRP D 412 -18.22 20.22 -8.87
CA TRP D 412 -17.33 20.50 -7.76
C TRP D 412 -16.13 21.38 -8.13
N GLY D 413 -15.92 22.42 -7.34
CA GLY D 413 -14.63 23.12 -7.26
C GLY D 413 -14.26 23.96 -8.45
N THR D 414 -15.25 24.28 -9.28
CA THR D 414 -15.00 24.76 -10.62
C THR D 414 -15.53 26.16 -10.90
N GLU D 415 -14.68 27.05 -11.38
CA GLU D 415 -15.10 28.34 -11.88
C GLU D 415 -14.89 28.34 -13.39
N THR D 416 -15.75 29.02 -14.14
CA THR D 416 -15.66 29.00 -15.59
C THR D 416 -15.46 30.38 -16.16
N PHE D 417 -14.76 30.42 -17.30
CA PHE D 417 -14.47 31.66 -18.00
C PHE D 417 -14.93 31.56 -19.43
N ILE D 418 -15.65 32.58 -19.88
CA ILE D 418 -16.08 32.65 -21.24
C ILE D 418 -15.01 33.40 -21.99
N VAL D 419 -14.64 32.86 -23.15
CA VAL D 419 -13.64 33.46 -24.00
C VAL D 419 -13.99 33.21 -25.45
N PRO D 420 -13.54 34.12 -26.33
CA PRO D 420 -13.71 33.93 -27.76
C PRO D 420 -12.94 32.73 -28.26
N LYS D 421 -13.43 32.13 -29.33
CA LYS D 421 -12.97 30.79 -29.80
C LYS D 421 -11.56 30.96 -30.38
N MET D 422 -10.63 30.06 -30.02
CA MET D 422 -9.21 30.34 -30.23
C MET D 422 -8.57 29.34 -31.16
N GLN D 423 -7.58 29.80 -31.93
CA GLN D 423 -7.04 29.04 -33.06
C GLN D 423 -5.51 29.07 -33.09
N SER D 424 -4.91 28.86 -31.92
CA SER D 424 -3.45 28.65 -31.78
C SER D 424 -3.17 28.41 -30.29
N THR D 425 -2.14 27.62 -29.97
CA THR D 425 -1.75 27.49 -28.57
C THR D 425 -1.27 28.85 -28.00
N ASP D 426 -0.48 29.61 -28.77
CA ASP D 426 -0.13 31.02 -28.40
C ASP D 426 -1.34 31.81 -27.91
N GLY D 427 -2.41 31.76 -28.70
CA GLY D 427 -3.69 32.36 -28.34
C GLY D 427 -4.16 31.93 -26.96
N MET D 428 -4.21 30.61 -26.73
CA MET D 428 -4.72 30.04 -25.45
C MET D 428 -3.97 30.63 -24.27
N ILE D 429 -2.65 30.60 -24.35
CA ILE D 429 -1.83 31.12 -23.27
C ILE D 429 -2.04 32.60 -23.05
N ARG D 430 -2.04 33.40 -24.11
CA ARG D 430 -2.30 34.83 -23.92
C ARG D 430 -3.67 34.98 -23.27
N GLN D 431 -4.63 34.23 -23.80
CA GLN D 431 -5.98 34.22 -23.27
C GLN D 431 -6.02 33.93 -21.76
N VAL D 432 -5.38 32.84 -21.35
CA VAL D 432 -5.37 32.45 -19.96
C VAL D 432 -4.80 33.55 -19.08
N ASP D 433 -3.62 34.02 -19.44
CA ASP D 433 -2.94 35.01 -18.61
C ASP D 433 -3.80 36.26 -18.49
N LYS D 434 -4.47 36.61 -19.58
CA LYS D 434 -5.30 37.80 -19.56
C LYS D 434 -6.46 37.58 -18.61
N SER D 435 -7.18 36.48 -18.81
CA SER D 435 -8.36 36.21 -18.02
C SER D 435 -8.01 36.13 -16.55
N LEU D 436 -6.93 35.45 -16.23
CA LEU D 436 -6.57 35.22 -14.84
C LEU D 436 -5.98 36.44 -14.16
N LEU D 437 -5.33 37.31 -14.92
CA LEU D 437 -4.69 38.48 -14.35
C LEU D 437 -5.69 39.50 -13.84
N GLU D 438 -6.92 39.39 -14.33
CA GLU D 438 -7.98 40.33 -13.98
C GLU D 438 -8.52 40.07 -12.58
N LEU D 439 -7.98 39.04 -11.93
CA LEU D 439 -8.33 38.72 -10.57
C LEU D 439 -7.20 39.11 -9.62
N ALA D 440 -7.53 39.06 -8.35
CA ALA D 440 -6.61 39.47 -7.30
C ALA D 440 -5.68 38.33 -6.89
N ARG D 441 -6.13 37.08 -7.05
CA ARG D 441 -5.33 35.93 -6.65
C ARG D 441 -4.26 35.58 -7.67
N TYR D 442 -4.29 36.26 -8.81
CA TYR D 442 -3.42 35.88 -9.89
C TYR D 442 -2.52 37.02 -10.30
N LYS D 443 -1.22 36.77 -10.22
CA LYS D 443 -0.21 37.76 -10.52
C LYS D 443 0.82 37.15 -11.44
N ARG D 444 1.63 37.99 -12.08
CA ARG D 444 2.68 37.49 -12.95
C ARG D 444 3.62 36.61 -12.13
N GLY D 445 4.02 35.48 -12.69
CA GLY D 445 4.89 34.52 -11.99
C GLY D 445 4.17 33.29 -11.45
N ASP D 446 2.89 33.46 -11.12
CA ASP D 446 2.08 32.34 -10.69
C ASP D 446 2.13 31.19 -11.70
N LEU D 447 2.24 30.00 -11.17
CA LEU D 447 2.44 28.83 -11.98
C LEU D 447 1.12 28.11 -12.11
N VAL D 448 0.76 27.74 -13.33
CA VAL D 448 -0.51 27.03 -13.54
C VAL D 448 -0.27 25.90 -14.53
N VAL D 449 -1.19 24.96 -14.56
CA VAL D 449 -1.07 23.84 -15.45
C VAL D 449 -2.26 23.85 -16.35
N ILE D 450 -2.02 23.75 -17.65
CA ILE D 450 -3.06 23.92 -18.63
C ILE D 450 -3.28 22.64 -19.46
N VAL D 451 -4.53 22.23 -19.56
CA VAL D 451 -4.88 21.06 -20.33
C VAL D 451 -5.62 21.54 -21.55
N ALA D 452 -5.34 21.00 -22.73
CA ALA D 452 -5.85 21.60 -23.95
C ALA D 452 -5.74 20.65 -25.16
N GLY D 453 -6.03 21.17 -26.38
CA GLY D 453 -5.83 20.43 -27.66
C GLY D 453 -5.53 21.38 -28.83
N SER D 461 -10.13 14.82 -28.01
CA SER D 461 -9.83 16.15 -28.54
C SER D 461 -8.86 16.94 -27.64
N THR D 462 -8.75 16.50 -26.38
CA THR D 462 -7.75 17.03 -25.44
C THR D 462 -6.47 16.18 -25.54
N ASN D 463 -5.32 16.81 -25.74
CA ASN D 463 -4.09 16.03 -25.84
C ASN D 463 -2.80 16.77 -25.45
N LEU D 464 -2.84 17.65 -24.46
CA LEU D 464 -1.69 18.48 -24.20
C LEU D 464 -1.68 18.97 -22.76
N ILE D 465 -0.53 18.93 -22.12
CA ILE D 465 -0.39 19.56 -20.82
C ILE D 465 0.74 20.52 -20.89
N HIS D 466 0.57 21.67 -20.26
CA HIS D 466 1.50 22.74 -20.42
C HIS D 466 1.71 23.40 -19.12
N VAL D 467 2.93 23.37 -18.62
CA VAL D 467 3.22 24.00 -17.35
C VAL D 467 3.69 25.40 -17.65
N HIS D 468 2.94 26.38 -17.16
CA HIS D 468 3.09 27.76 -17.59
C HIS D 468 3.10 28.71 -16.42
N ARG D 469 4.03 29.64 -16.47
CA ARG D 469 4.11 30.68 -15.50
C ARG D 469 3.42 31.90 -16.10
N ILE D 470 2.51 32.48 -15.34
CA ILE D 470 1.72 33.60 -15.81
C ILE D 470 2.63 34.75 -16.29
N GLY D 471 2.37 35.23 -17.50
CA GLY D 471 3.11 36.36 -18.08
C GLY D 471 4.27 35.92 -18.95
N GLU D 472 5.11 35.04 -18.42
CA GLU D 472 6.37 34.67 -19.06
C GLU D 472 6.16 34.00 -20.41
N ASP D 473 7.16 34.13 -21.27
CA ASP D 473 7.09 33.54 -22.60
C ASP D 473 7.71 32.16 -22.52
N ASP D 474 6.87 31.13 -22.53
CA ASP D 474 7.34 29.74 -22.41
C ASP D 474 6.54 28.76 -23.31
N VAL D 475 5.83 29.33 -24.29
CA VAL D 475 4.82 28.59 -25.05
C VAL D 475 5.43 27.42 -25.85
#